data_7L8X
#
_entry.id   7L8X
#
loop_
_entity.id
_entity.type
_entity.pdbx_description
1 polymer 'BG505 SOSIP.v5.2 N241/N289 - gp120'
2 polymer 'BG505 SOSIP.v5.2 N241/N289 - gp41'
3 polymer 'Rh.33311 pAbC-4 - Heavy Chain'
4 polymer 'Rh.33311 pAbC-4 - Light Chain'
5 branched 2-acetamido-2-deoxy-beta-D-glucopyranose-(1-4)-2-acetamido-2-deoxy-beta-D-glucopyranose
6 branched alpha-D-mannopyranose-(1-2)-alpha-D-mannopyranose-(1-2)-alpha-D-mannopyranose-(1-3)-[beta-D-mannopyranose-(1-3)-[alpha-D-mannopyranose-(1-6)]alpha-D-mannopyranose-(1-6)]beta-D-mannopyranose-(1-4)-2-acetamido-2-deoxy-beta-D-glucopyranose-(1-4)-2-acetamido-2-deoxy-beta-D-glucopyranose
7 branched alpha-D-mannopyranose-(1-2)-alpha-D-mannopyranose-(1-3)-[alpha-D-mannopyranose-(1-6)]beta-D-mannopyranose-(1-4)-2-acetamido-2-deoxy-beta-D-glucopyranose-(1-4)-2-acetamido-2-deoxy-beta-D-glucopyranose
8 non-polymer 2-acetamido-2-deoxy-beta-D-glucopyranose
#
loop_
_entity_poly.entity_id
_entity_poly.type
_entity_poly.pdbx_seq_one_letter_code
_entity_poly.pdbx_strand_id
1 'polypeptide(L)'
;MKRGLCCVLLLCGAVFVSPSQEIHARFRRGARAENLWVTVYYGVPVWKDAETTLFCASDAKAYETKKHNVWATHCCVPTD
PNPQEIHLENVTEEFNMWKNNMVEQMHTDIISLWDQSLKPCVKLTPLCVTLQCTNVTNNITDDMRGELKNCSFNMTTELR
DKKQKVYSLFYRLDVVQINENQGNRSNNSNKEYRLINCNTSAITQACPKVSFEPIPIHYCAPAGFAILKCKDKKFNGTGP
CTNVSTVQCTHGIKPVVSTQLLLNGSLAEEEVIIRSENITNNAKNILVQLNESVQINCTRPNNNTRKSIRIGPGQWFYAT
GDIIGDIRQAHCNVSKATWNETLGKVVKQLRKHFGNNTIIRFANSSGGDLEVTTHSFNCGGEFFYCNTSGLFNSTWISNT
SVQGSNSTGSNDSITLPCRIKQIINMWQRIGQAMYAPPIQGVIRCVSNITGLILTRDGGSTNSTTETFRPGGGDMRDNWR
SELYKYKVVKIEPLGVAPTRCKR
;
A,C,E
2 'polypeptide(L)'
;LGFLGAAGSTMGAASMTLTVQARNLLSGIVQQQSNLLRAPECQQHLLKLTVWGIKQLQARVLAVERYLRDQQLLGIWGCS
GKLICCTNVPWNSTWSNRNLSEIWDNMTWLQWDKEISNYTQIIYGLLEESQNQQEKNEQDLLALD
;
B,D,F
3 'polypeptide(L)'
;(UNK)(UNK)(UNK)(UNK)(UNK)(UNK)(UNK)(UNK)(UNK)(UNK)(UNK)(UNK)(UNK)(UNK)(UNK)(UNK)
(UNK)(UNK)(UNK)(UNK)(UNK)(UNK)(UNK)(UNK)(UNK)(UNK)(UNK)(UNK)(UNK)(UNK)(UNK)(UNK)
(UNK)(UNK)(UNK)(UNK)(UNK)(UNK)(UNK)(UNK)(UNK)(UNK)(UNK)(UNK)(UNK)(UNK)(UNK)(UNK)
(UNK)(UNK)(UNK)(UNK)(UNK)(UNK)(UNK)(UNK)(UNK)(UNK)(UNK)(UNK)(UNK)(UNK)(UNK)(UNK)
(UNK)(UNK)(UNK)(UNK)(UNK)(UNK)(UNK)(UNK)(UNK)(UNK)(UNK)(UNK)(UNK)(UNK)(UNK)(UNK)
(UNK)(UNK)(UNK)(UNK)(UNK)(UNK)(UNK)(UNK)(UNK)(UNK)(UNK)(UNK)(UNK)(UNK)(UNK)(UNK)
(UNK)(UNK)(UNK)(UNK)(UNK)(UNK)(UNK)(UNK)(UNK)(UNK)(UNK)(UNK)(UNK)(UNK)(UNK)(UNK)
(UNK)(UNK)(UNK)(UNK)
;
H
4 'polypeptide(L)'
;(UNK)(UNK)(UNK)(UNK)(UNK)(UNK)(UNK)(UNK)(UNK)(UNK)(UNK)(UNK)(UNK)(UNK)(UNK)(UNK)
(UNK)(UNK)(UNK)(UNK)(UNK)(UNK)(UNK)(UNK)(UNK)(UNK)(UNK)(UNK)(UNK)(UNK)(UNK)(UNK)
(UNK)(UNK)(UNK)(UNK)(UNK)(UNK)(UNK)(UNK)(UNK)(UNK)(UNK)(UNK)(UNK)(UNK)(UNK)(UNK)
(UNK)(UNK)(UNK)(UNK)(UNK)(UNK)(UNK)(UNK)(UNK)(UNK)(UNK)(UNK)(UNK)(UNK)(UNK)(UNK)
(UNK)(UNK)(UNK)(UNK)(UNK)(UNK)(UNK)(UNK)(UNK)(UNK)(UNK)(UNK)(UNK)(UNK)(UNK)(UNK)
(UNK)(UNK)(UNK)(UNK)(UNK)(UNK)(UNK)(UNK)(UNK)(UNK)(UNK)(UNK)(UNK)(UNK)(UNK)(UNK)
(UNK)(UNK)(UNK)
;
L
#
loop_
_chem_comp.id
_chem_comp.type
_chem_comp.name
_chem_comp.formula
BMA D-saccharide, beta linking beta-D-mannopyranose 'C6 H12 O6'
MAN D-saccharide, alpha linking alpha-D-mannopyranose 'C6 H12 O6'
NAG D-saccharide, beta linking 2-acetamido-2-deoxy-beta-D-glucopyranose 'C8 H15 N O6'
#
# COMPACT_ATOMS: atom_id res chain seq x y z
N ASN A 35 26.70 -53.71 5.29
CA ASN A 35 25.25 -53.61 4.94
C ASN A 35 24.60 -52.38 5.55
N LEU A 36 25.21 -51.23 5.29
CA LEU A 36 24.78 -49.97 5.87
C LEU A 36 23.54 -49.42 5.21
N TRP A 37 22.84 -48.63 5.98
CA TRP A 37 21.55 -48.00 5.70
C TRP A 37 21.60 -46.50 5.69
N VAL A 38 20.64 -45.90 5.03
CA VAL A 38 20.53 -44.46 5.01
C VAL A 38 19.90 -43.94 6.30
N THR A 39 20.55 -42.95 6.88
CA THR A 39 20.06 -42.23 8.05
C THR A 39 19.81 -40.78 7.70
N VAL A 40 18.76 -40.23 8.30
CA VAL A 40 18.36 -38.88 8.02
C VAL A 40 18.47 -38.02 9.27
N TYR A 41 19.08 -36.86 9.12
CA TYR A 41 19.25 -35.94 10.23
C TYR A 41 18.68 -34.56 9.98
N TYR A 42 18.15 -33.95 11.03
CA TYR A 42 17.68 -32.58 10.95
C TYR A 42 18.35 -31.71 12.02
N GLY A 43 18.84 -30.55 11.61
CA GLY A 43 19.54 -29.65 12.52
C GLY A 43 21.04 -29.71 12.26
N VAL A 44 21.40 -30.17 11.09
CA VAL A 44 22.77 -30.32 10.68
C VAL A 44 23.39 -28.95 10.42
N PRO A 45 24.56 -28.61 10.99
CA PRO A 45 25.21 -27.31 10.87
C PRO A 45 25.89 -27.09 9.52
N VAL A 46 25.09 -27.01 8.49
CA VAL A 46 25.51 -26.80 7.10
C VAL A 46 24.88 -25.61 6.45
N TRP A 47 25.68 -24.89 5.68
CA TRP A 47 25.20 -23.71 4.98
C TRP A 47 25.77 -23.56 3.60
N LYS A 48 25.06 -22.75 2.82
CA LYS A 48 25.43 -22.42 1.46
C LYS A 48 25.39 -20.91 1.26
N ASP A 49 26.21 -20.39 0.38
CA ASP A 49 26.18 -18.95 0.12
C ASP A 49 24.83 -18.57 -0.44
N ALA A 50 24.29 -17.41 -0.05
CA ALA A 50 22.97 -17.07 -0.56
C ALA A 50 22.70 -15.60 -0.71
N GLU A 51 21.77 -15.29 -1.60
CA GLU A 51 21.32 -13.93 -1.82
C GLU A 51 19.89 -13.77 -1.37
N THR A 52 19.69 -13.08 -0.26
CA THR A 52 18.34 -12.92 0.26
C THR A 52 18.12 -11.51 0.69
N THR A 53 16.93 -11.25 1.19
CA THR A 53 16.60 -9.95 1.70
C THR A 53 16.75 -9.93 3.21
N LEU A 54 17.52 -8.99 3.70
CA LEU A 54 17.73 -8.83 5.11
C LEU A 54 16.72 -7.87 5.65
N PHE A 55 16.46 -7.91 6.93
CA PHE A 55 15.54 -6.93 7.43
C PHE A 55 16.35 -5.89 8.16
N CYS A 56 15.79 -4.68 8.24
CA CYS A 56 16.42 -3.52 8.87
C CYS A 56 15.92 -3.41 10.31
N ALA A 57 16.82 -3.18 11.23
CA ALA A 57 16.49 -3.06 12.65
C ALA A 57 17.33 -1.99 13.34
N SER A 58 16.86 -1.52 14.49
CA SER A 58 17.54 -0.46 15.22
C SER A 58 17.53 -0.67 16.73
N ASP A 59 18.12 0.26 17.45
CA ASP A 59 18.24 0.18 18.89
C ASP A 59 16.93 0.47 19.62
N ALA A 60 15.93 0.96 18.88
CA ALA A 60 14.60 1.35 19.35
C ALA A 60 14.57 2.68 20.12
N LYS A 61 15.49 2.88 21.05
CA LYS A 61 15.51 4.11 21.84
C LYS A 61 15.55 5.34 20.93
N ALA A 62 16.33 5.27 19.84
CA ALA A 62 16.43 6.37 18.90
C ALA A 62 15.08 6.75 18.32
N TYR A 63 14.18 5.78 18.09
CA TYR A 63 12.86 6.07 17.55
C TYR A 63 12.07 6.92 18.48
N GLU A 64 12.05 6.53 19.74
CA GLU A 64 11.26 7.27 20.68
C GLU A 64 11.83 8.67 20.84
N THR A 65 13.15 8.80 20.75
CA THR A 65 13.81 10.08 20.88
C THR A 65 13.54 11.03 19.68
N LYS A 66 13.64 10.51 18.45
CA LYS A 66 13.48 11.33 17.24
C LYS A 66 12.42 10.79 16.29
N LYS A 67 11.18 11.20 16.50
CA LYS A 67 10.03 10.69 15.76
C LYS A 67 10.01 11.08 14.27
N HIS A 68 10.77 12.09 13.90
CA HIS A 68 10.78 12.56 12.53
C HIS A 68 11.94 12.05 11.71
N ASN A 69 12.73 11.15 12.28
CA ASN A 69 13.86 10.61 11.56
C ASN A 69 13.44 9.47 10.67
N VAL A 70 13.72 9.56 9.37
CA VAL A 70 13.24 8.55 8.44
C VAL A 70 13.83 7.19 8.73
N TRP A 71 15.00 7.18 9.34
CA TRP A 71 15.72 5.97 9.62
C TRP A 71 15.19 5.27 10.85
N ALA A 72 14.35 5.95 11.61
CA ALA A 72 13.78 5.35 12.80
C ALA A 72 12.33 5.01 12.57
N THR A 73 11.67 5.83 11.74
CA THR A 73 10.27 5.66 11.41
C THR A 73 10.11 4.37 10.66
N HIS A 74 10.98 4.19 9.69
CA HIS A 74 11.06 2.98 8.93
C HIS A 74 12.18 2.30 9.63
N CYS A 75 12.36 0.96 9.52
CA CYS A 75 13.44 0.21 10.20
C CYS A 75 13.22 0.39 11.74
N CYS A 76 11.97 0.21 12.12
CA CYS A 76 11.49 0.38 13.47
C CYS A 76 11.69 -0.84 14.36
N VAL A 77 12.02 -1.97 13.76
CA VAL A 77 12.13 -3.21 14.52
C VAL A 77 13.34 -3.17 15.45
N PRO A 78 13.20 -3.38 16.76
CA PRO A 78 14.27 -3.41 17.73
C PRO A 78 15.23 -4.57 17.55
N THR A 79 16.49 -4.34 17.87
CA THR A 79 17.48 -5.41 17.93
C THR A 79 17.58 -5.84 19.36
N ASP A 80 18.17 -6.99 19.61
CA ASP A 80 18.37 -7.35 20.99
C ASP A 80 19.34 -6.35 21.60
N PRO A 81 19.16 -5.94 22.87
CA PRO A 81 20.06 -5.06 23.59
C PRO A 81 21.37 -5.77 23.93
N ASN A 82 21.33 -7.10 23.87
CA ASN A 82 22.45 -7.94 24.21
C ASN A 82 22.66 -9.04 23.17
N PRO A 83 23.25 -8.74 22.00
CA PRO A 83 23.56 -9.67 20.93
C PRO A 83 24.75 -10.54 21.32
N GLN A 84 24.87 -11.70 20.70
CA GLN A 84 26.01 -12.60 20.90
C GLN A 84 26.71 -12.93 19.60
N GLU A 85 27.97 -13.29 19.72
CA GLU A 85 28.71 -13.75 18.56
C GLU A 85 29.14 -15.16 18.86
N ILE A 86 28.91 -16.09 17.94
CA ILE A 86 29.34 -17.46 18.21
C ILE A 86 30.59 -17.78 17.45
N HIS A 87 31.67 -17.96 18.17
CA HIS A 87 32.92 -18.23 17.50
C HIS A 87 32.87 -19.58 16.86
N LEU A 88 33.29 -19.70 15.62
CA LEU A 88 33.30 -21.00 15.03
C LEU A 88 34.69 -21.57 15.06
N GLU A 89 34.90 -22.57 15.88
CA GLU A 89 36.22 -23.13 15.99
C GLU A 89 36.53 -23.97 14.76
N ASN A 90 37.75 -23.85 14.20
CA ASN A 90 38.28 -24.60 13.06
C ASN A 90 37.39 -24.54 11.80
N VAL A 91 36.83 -23.34 11.49
CA VAL A 91 36.00 -23.07 10.29
C VAL A 91 36.61 -22.00 9.44
N THR A 92 36.90 -22.31 8.20
CA THR A 92 37.50 -21.32 7.32
C THR A 92 36.55 -21.00 6.19
N GLU A 93 36.37 -19.72 5.95
CA GLU A 93 35.48 -19.26 4.89
C GLU A 93 36.10 -18.21 4.04
N GLU A 94 35.66 -18.12 2.79
CA GLU A 94 36.13 -17.06 1.94
C GLU A 94 35.12 -15.95 1.84
N PHE A 95 35.64 -14.76 1.85
CA PHE A 95 34.85 -13.56 1.74
C PHE A 95 35.24 -12.81 0.48
N ASN A 96 34.32 -12.04 -0.07
CA ASN A 96 34.66 -11.20 -1.19
C ASN A 96 33.82 -9.95 -1.16
N MET A 97 34.34 -8.90 -0.56
CA MET A 97 33.55 -7.70 -0.35
C MET A 97 33.11 -7.03 -1.64
N TRP A 98 33.84 -7.24 -2.71
CA TRP A 98 33.55 -6.56 -3.93
C TRP A 98 32.34 -7.11 -4.64
N LYS A 99 31.86 -8.27 -4.18
CA LYS A 99 30.73 -8.95 -4.76
C LYS A 99 29.64 -9.14 -3.71
N ASN A 100 29.72 -8.39 -2.63
CA ASN A 100 28.82 -8.59 -1.52
C ASN A 100 27.42 -8.02 -1.73
N ASN A 101 26.45 -8.92 -1.79
CA ASN A 101 25.06 -8.59 -2.05
C ASN A 101 24.45 -7.73 -0.95
N MET A 102 25.04 -7.75 0.24
CA MET A 102 24.53 -6.98 1.34
C MET A 102 24.71 -5.51 1.04
N VAL A 103 25.74 -5.19 0.26
CA VAL A 103 26.06 -3.84 -0.07
C VAL A 103 25.07 -3.38 -1.07
N GLU A 104 24.77 -4.23 -2.02
CA GLU A 104 23.81 -3.82 -3.02
C GLU A 104 22.46 -3.61 -2.36
N GLN A 105 22.09 -4.45 -1.40
CA GLN A 105 20.82 -4.20 -0.77
C GLN A 105 20.84 -2.89 -0.04
N MET A 106 21.90 -2.58 0.69
CA MET A 106 21.88 -1.34 1.44
C MET A 106 21.71 -0.17 0.51
N HIS A 107 22.39 -0.21 -0.62
CA HIS A 107 22.30 0.87 -1.57
C HIS A 107 20.88 1.06 -2.03
N THR A 108 20.24 -0.02 -2.43
CA THR A 108 18.88 0.08 -2.92
C THR A 108 17.91 0.55 -1.85
N ASP A 109 18.04 0.03 -0.61
CA ASP A 109 17.10 0.41 0.43
C ASP A 109 17.18 1.90 0.68
N ILE A 110 18.38 2.46 0.65
CA ILE A 110 18.54 3.87 0.87
C ILE A 110 17.91 4.69 -0.21
N ILE A 111 18.09 4.30 -1.45
CA ILE A 111 17.49 5.10 -2.49
C ILE A 111 16.00 5.06 -2.35
N SER A 112 15.44 3.89 -2.09
CA SER A 112 14.01 3.75 -1.99
C SER A 112 13.42 4.61 -0.89
N LEU A 113 14.03 4.59 0.27
CA LEU A 113 13.48 5.36 1.36
C LEU A 113 13.57 6.83 1.06
N TRP A 114 14.69 7.25 0.50
CA TRP A 114 14.89 8.63 0.20
C TRP A 114 13.79 9.14 -0.71
N ASP A 115 13.54 8.41 -1.80
CA ASP A 115 12.53 8.88 -2.73
C ASP A 115 11.16 8.89 -2.14
N GLN A 116 10.81 7.90 -1.32
CA GLN A 116 9.47 7.96 -0.81
C GLN A 116 9.29 9.16 0.05
N SER A 117 10.31 9.51 0.81
CA SER A 117 10.21 10.63 1.70
C SER A 117 9.89 11.92 0.97
N LEU A 118 10.39 12.05 -0.25
CA LEU A 118 10.10 13.27 -1.02
C LEU A 118 8.80 13.22 -1.81
N LYS A 119 8.22 12.05 -2.06
CA LYS A 119 7.02 12.02 -2.90
C LYS A 119 5.88 12.93 -2.49
N PRO A 120 5.50 13.05 -1.21
CA PRO A 120 4.39 13.89 -0.79
C PRO A 120 4.70 15.37 -0.53
N CYS A 121 5.92 15.85 -0.87
CA CYS A 121 6.36 17.20 -0.55
C CYS A 121 5.96 18.18 -1.66
N VAL A 122 5.88 19.44 -1.32
CA VAL A 122 5.51 20.46 -2.28
C VAL A 122 6.49 20.54 -3.40
N LYS A 123 5.97 20.54 -4.62
CA LYS A 123 6.78 20.64 -5.81
C LYS A 123 7.04 22.09 -6.08
N LEU A 124 8.18 22.40 -6.66
CA LEU A 124 8.51 23.78 -6.95
C LEU A 124 8.40 24.12 -8.40
N THR A 125 7.65 23.35 -9.17
CA THR A 125 7.50 23.60 -10.59
C THR A 125 7.23 25.08 -10.92
N PRO A 126 6.35 25.82 -10.21
CA PRO A 126 6.02 27.21 -10.46
C PRO A 126 7.20 28.16 -10.33
N LEU A 127 8.32 27.72 -9.77
CA LEU A 127 9.49 28.58 -9.66
C LEU A 127 10.45 28.48 -10.85
N CYS A 128 10.14 27.66 -11.89
CA CYS A 128 10.94 27.53 -13.09
C CYS A 128 10.51 28.65 -14.05
N VAL A 129 10.96 29.82 -13.67
CA VAL A 129 10.61 31.09 -14.26
C VAL A 129 11.82 31.89 -14.61
N THR A 130 11.61 32.96 -15.35
CA THR A 130 12.73 33.82 -15.65
C THR A 130 13.06 34.62 -14.39
N LEU A 131 14.32 34.65 -14.02
CA LEU A 131 14.73 35.41 -12.86
C LEU A 131 15.48 36.65 -13.29
N GLN A 132 15.28 37.73 -12.56
CA GLN A 132 16.04 38.95 -12.77
C GLN A 132 16.93 39.05 -11.54
N CYS A 133 18.28 39.02 -11.71
CA CYS A 133 19.20 38.95 -10.57
C CYS A 133 20.25 40.05 -10.59
N THR A 134 20.62 40.46 -9.39
CA THR A 134 21.70 41.40 -9.16
C THR A 134 22.65 40.78 -8.13
N ASN A 135 23.81 41.42 -7.90
CA ASN A 135 24.83 41.00 -6.93
C ASN A 135 24.42 41.36 -5.50
N VAL A 136 24.79 40.49 -4.53
CA VAL A 136 24.66 40.81 -3.11
C VAL A 136 26.00 41.41 -2.72
N THR A 137 26.01 42.71 -2.44
CA THR A 137 27.25 43.44 -2.19
C THR A 137 27.31 44.02 -0.79
N ASN A 138 26.39 43.63 0.05
CA ASN A 138 26.30 44.20 1.37
C ASN A 138 27.16 43.48 2.41
N ASN A 139 28.20 44.15 2.89
CA ASN A 139 29.14 43.59 3.87
C ASN A 139 29.77 42.27 3.44
N ILE A 140 30.23 42.22 2.21
CA ILE A 140 30.79 41.00 1.66
C ILE A 140 32.30 41.00 1.68
N THR A 141 32.89 39.94 2.20
CA THR A 141 34.34 39.85 2.18
C THR A 141 34.84 39.59 0.78
N ASP A 142 36.12 39.72 0.55
CA ASP A 142 36.63 39.57 -0.81
C ASP A 142 36.36 38.21 -1.43
N ASP A 143 36.41 37.20 -0.61
CA ASP A 143 36.27 35.84 -1.04
C ASP A 143 34.92 35.50 -1.63
N MET A 144 33.89 36.24 -1.28
CA MET A 144 32.56 35.94 -1.74
C MET A 144 31.99 37.00 -2.65
N ARG A 145 32.84 37.79 -3.26
CA ARG A 145 32.30 38.81 -4.11
C ARG A 145 31.82 38.23 -5.41
N GLY A 146 30.53 37.94 -5.42
CA GLY A 146 29.85 37.30 -6.54
C GLY A 146 29.32 35.91 -6.20
N GLU A 147 29.52 35.47 -4.96
CA GLU A 147 29.03 34.17 -4.55
C GLU A 147 27.52 34.15 -4.36
N LEU A 148 26.97 35.26 -3.88
CA LEU A 148 25.54 35.28 -3.64
C LEU A 148 24.84 36.24 -4.57
N LYS A 149 23.65 35.84 -5.01
CA LYS A 149 22.83 36.66 -5.85
C LYS A 149 21.46 36.94 -5.22
N ASN A 150 20.89 38.11 -5.56
CA ASN A 150 19.57 38.59 -5.17
C ASN A 150 18.66 38.57 -6.41
N CYS A 151 17.75 37.58 -6.47
CA CYS A 151 16.91 37.31 -7.63
C CYS A 151 15.45 37.60 -7.36
N SER A 152 14.75 38.02 -8.40
CA SER A 152 13.33 38.27 -8.29
C SER A 152 12.56 37.79 -9.50
N PHE A 153 11.29 37.53 -9.28
CA PHE A 153 10.43 37.02 -10.33
C PHE A 153 8.96 37.33 -10.08
N ASN A 154 8.12 37.20 -11.12
CA ASN A 154 6.67 37.43 -11.08
C ASN A 154 5.91 36.12 -10.78
N MET A 155 5.32 35.98 -9.57
CA MET A 155 4.58 34.77 -9.15
C MET A 155 3.04 34.99 -9.18
N THR A 156 2.28 34.02 -9.68
CA THR A 156 0.82 34.15 -9.78
C THR A 156 0.03 33.08 -9.04
N THR A 157 -0.31 33.35 -7.78
CA THR A 157 -1.02 32.35 -6.95
C THR A 157 -2.45 32.79 -6.63
N GLU A 158 -2.70 34.08 -6.75
CA GLU A 158 -3.97 34.71 -6.44
C GLU A 158 -4.68 35.13 -7.71
N LEU A 159 -5.90 34.62 -7.94
CA LEU A 159 -6.71 34.96 -9.13
C LEU A 159 -6.12 34.53 -10.46
N ARG A 160 -4.94 33.91 -10.44
CA ARG A 160 -4.17 33.68 -11.66
C ARG A 160 -4.02 35.03 -12.37
N ASP A 161 -3.80 36.09 -11.60
CA ASP A 161 -3.67 37.46 -12.08
C ASP A 161 -2.85 38.25 -11.10
N LYS A 162 -2.64 39.53 -11.38
CA LYS A 162 -1.95 40.39 -10.43
C LYS A 162 -0.62 39.77 -10.01
N LYS A 163 0.15 39.33 -10.99
CA LYS A 163 1.41 38.69 -10.68
C LYS A 163 2.22 39.57 -9.76
N GLN A 164 2.71 38.96 -8.69
CA GLN A 164 3.46 39.64 -7.65
C GLN A 164 4.94 39.45 -7.75
N LYS A 165 5.68 40.54 -7.75
CA LYS A 165 7.11 40.39 -7.78
C LYS A 165 7.60 40.00 -6.38
N VAL A 166 8.38 38.93 -6.32
CA VAL A 166 8.91 38.45 -5.06
C VAL A 166 10.40 38.26 -5.22
N TYR A 167 11.13 38.13 -4.11
CA TYR A 167 12.56 37.90 -4.24
C TYR A 167 13.12 37.00 -3.17
N SER A 168 14.28 36.43 -3.48
CA SER A 168 15.02 35.56 -2.60
C SER A 168 16.50 35.50 -2.93
N LEU A 169 17.28 34.96 -2.02
CA LEU A 169 18.70 34.85 -2.33
C LEU A 169 19.07 33.46 -2.76
N PHE A 170 20.04 33.38 -3.65
CA PHE A 170 20.56 32.14 -4.16
C PHE A 170 22.06 32.07 -4.18
N TYR A 171 22.57 30.87 -4.07
CA TYR A 171 23.99 30.67 -4.21
C TYR A 171 24.28 30.61 -5.68
N ARG A 172 25.44 31.11 -6.08
CA ARG A 172 25.86 31.11 -7.48
C ARG A 172 25.77 29.77 -8.14
N LEU A 173 26.06 28.71 -7.41
CA LEU A 173 26.10 27.39 -8.01
C LEU A 173 24.78 26.93 -8.60
N ASP A 174 23.65 27.44 -8.11
CA ASP A 174 22.35 27.01 -8.58
C ASP A 174 21.71 27.89 -9.62
N VAL A 175 22.40 28.92 -10.06
CA VAL A 175 21.77 29.82 -11.00
C VAL A 175 22.60 29.97 -12.28
N VAL A 176 21.97 29.79 -13.42
CA VAL A 176 22.65 29.87 -14.70
C VAL A 176 22.20 31.03 -15.57
N GLN A 177 23.18 31.76 -16.09
CA GLN A 177 22.93 32.94 -16.90
C GLN A 177 22.50 32.63 -18.31
N ILE A 178 21.48 33.34 -18.74
CA ILE A 178 20.97 33.20 -20.09
C ILE A 178 21.33 34.42 -20.94
N ASN A 179 22.01 34.18 -22.08
CA ASN A 179 22.48 35.21 -23.01
C ASN A 179 21.57 35.24 -24.23
N ASN A 190 21.64 40.28 -19.70
CA ASN A 190 22.77 40.52 -18.81
C ASN A 190 22.45 40.09 -17.36
N LYS A 191 21.21 40.35 -16.90
CA LYS A 191 20.68 40.06 -15.57
C LYS A 191 19.67 38.94 -15.60
N GLU A 192 19.55 38.29 -16.76
CA GLU A 192 18.57 37.22 -16.91
C GLU A 192 19.13 35.85 -16.57
N TYR A 193 18.46 35.19 -15.64
CA TYR A 193 18.86 33.88 -15.13
C TYR A 193 17.73 32.87 -15.01
N ARG A 194 18.10 31.60 -14.97
CA ARG A 194 17.13 30.55 -14.67
C ARG A 194 17.75 29.60 -13.68
N LEU A 195 16.94 28.79 -13.05
CA LEU A 195 17.47 27.77 -12.16
C LEU A 195 18.06 26.68 -13.02
N ILE A 196 19.15 26.09 -12.54
CA ILE A 196 19.86 25.08 -13.31
C ILE A 196 19.13 23.84 -13.75
N ASN A 197 18.13 23.40 -13.04
CA ASN A 197 17.46 22.18 -13.49
C ASN A 197 16.25 22.32 -14.41
N CYS A 198 15.90 23.54 -14.90
CA CYS A 198 14.74 23.71 -15.78
C CYS A 198 14.84 22.94 -17.09
N ASN A 199 16.04 22.62 -17.57
CA ASN A 199 16.07 21.84 -18.80
C ASN A 199 16.21 20.32 -18.55
N THR A 200 16.19 19.86 -17.28
CA THR A 200 16.35 18.46 -16.86
C THR A 200 15.17 17.89 -16.10
N SER A 201 14.74 18.56 -15.04
CA SER A 201 13.68 18.01 -14.20
C SER A 201 12.98 19.01 -13.32
N ALA A 202 11.85 18.59 -12.77
CA ALA A 202 11.16 19.39 -11.78
C ALA A 202 11.91 19.24 -10.48
N ILE A 203 11.84 20.23 -9.64
CA ILE A 203 12.53 20.14 -8.37
C ILE A 203 11.51 20.00 -7.27
N THR A 204 11.68 19.00 -6.43
CA THR A 204 10.77 18.81 -5.31
C THR A 204 11.40 19.37 -4.08
N GLN A 205 10.66 20.15 -3.30
CA GLN A 205 11.23 20.71 -2.08
C GLN A 205 11.24 19.68 -1.00
N ALA A 206 12.33 19.55 -0.29
CA ALA A 206 12.32 18.60 0.80
C ALA A 206 11.39 19.12 1.88
N CYS A 207 10.64 18.22 2.54
CA CYS A 207 9.75 18.54 3.66
C CYS A 207 10.57 18.94 4.91
N PRO A 208 10.30 20.09 5.54
CA PRO A 208 10.95 20.58 6.74
C PRO A 208 10.80 19.67 7.93
N LYS A 209 9.81 18.80 7.89
CA LYS A 209 9.57 17.91 8.99
C LYS A 209 10.26 16.57 8.84
N VAL A 210 11.01 16.38 7.77
CA VAL A 210 11.66 15.10 7.60
C VAL A 210 13.15 15.17 7.82
N SER A 211 13.62 14.42 8.80
CA SER A 211 15.02 14.40 9.11
C SER A 211 15.71 13.18 8.55
N PHE A 212 16.84 13.43 7.91
CA PHE A 212 17.63 12.36 7.34
C PHE A 212 18.89 12.11 8.12
N GLU A 213 18.97 12.67 9.32
CA GLU A 213 20.18 12.52 10.12
C GLU A 213 20.53 11.04 10.33
N PRO A 214 21.70 10.57 9.92
CA PRO A 214 22.08 9.19 10.07
C PRO A 214 22.08 8.74 11.52
N ILE A 215 21.51 7.58 11.77
CA ILE A 215 21.50 6.98 13.08
C ILE A 215 22.04 5.60 12.79
N PRO A 216 22.55 4.82 13.74
CA PRO A 216 23.01 3.50 13.46
C PRO A 216 21.88 2.62 12.97
N ILE A 217 22.15 1.85 11.95
CA ILE A 217 21.23 0.87 11.40
C ILE A 217 21.85 -0.49 11.38
N HIS A 218 21.13 -1.49 11.80
CA HIS A 218 21.68 -2.82 11.79
C HIS A 218 20.97 -3.66 10.75
N TYR A 219 21.69 -4.53 10.06
CA TYR A 219 21.00 -5.47 9.21
C TYR A 219 20.95 -6.79 9.93
N CYS A 220 19.78 -7.47 9.88
CA CYS A 220 19.55 -8.73 10.59
C CYS A 220 19.05 -9.83 9.67
N ALA A 221 19.55 -11.04 9.91
CA ALA A 221 19.11 -12.17 9.13
C ALA A 221 17.70 -12.57 9.53
N PRO A 222 16.85 -12.96 8.58
CA PRO A 222 15.56 -13.55 8.81
C PRO A 222 15.79 -14.97 9.26
N ALA A 223 14.82 -15.57 9.91
CA ALA A 223 15.00 -16.95 10.31
C ALA A 223 15.30 -17.81 9.08
N GLY A 224 16.23 -18.75 9.24
CA GLY A 224 16.64 -19.64 8.17
C GLY A 224 17.97 -19.23 7.58
N PHE A 225 18.41 -18.03 7.93
CA PHE A 225 19.66 -17.42 7.49
C PHE A 225 20.57 -17.02 8.61
N ALA A 226 21.84 -16.87 8.29
CA ALA A 226 22.80 -16.42 9.27
C ALA A 226 23.84 -15.52 8.65
N ILE A 227 24.41 -14.62 9.43
CA ILE A 227 25.45 -13.78 8.90
C ILE A 227 26.76 -14.18 9.48
N LEU A 228 27.72 -14.44 8.63
CA LEU A 228 29.02 -14.80 9.13
C LEU A 228 29.85 -13.55 9.07
N LYS A 229 30.72 -13.36 10.03
CA LYS A 229 31.58 -12.20 9.95
C LYS A 229 33.03 -12.62 10.11
N CYS A 230 33.93 -11.88 9.42
CA CYS A 230 35.37 -12.08 9.47
C CYS A 230 35.98 -11.18 10.54
N LYS A 231 36.62 -11.82 11.51
CA LYS A 231 37.24 -11.12 12.62
C LYS A 231 38.73 -10.95 12.45
N ASP A 232 39.30 -11.48 11.38
CA ASP A 232 40.74 -11.42 11.26
C ASP A 232 41.25 -10.00 11.27
N LYS A 233 42.32 -9.80 11.98
CA LYS A 233 42.95 -8.51 12.00
C LYS A 233 43.62 -8.36 10.66
N LYS A 234 43.70 -7.13 10.18
CA LYS A 234 44.39 -6.84 8.93
C LYS A 234 43.78 -7.62 7.76
N PHE A 235 42.46 -7.71 7.73
CA PHE A 235 41.83 -8.44 6.65
C PHE A 235 41.82 -7.65 5.32
N ASN A 236 42.29 -8.34 4.26
CA ASN A 236 42.47 -7.90 2.87
C ASN A 236 41.16 -7.52 2.14
N GLY A 237 40.00 -8.02 2.60
CA GLY A 237 38.66 -7.80 2.03
C GLY A 237 38.23 -8.97 1.17
N THR A 238 39.18 -9.79 0.76
CA THR A 238 38.89 -10.96 -0.04
C THR A 238 39.67 -12.16 0.42
N GLY A 239 39.18 -13.33 0.06
CA GLY A 239 39.89 -14.57 0.28
C GLY A 239 39.56 -15.15 1.64
N PRO A 240 40.24 -16.23 2.03
CA PRO A 240 40.03 -16.97 3.23
C PRO A 240 40.22 -16.11 4.46
N CYS A 241 39.39 -16.36 5.48
CA CYS A 241 39.39 -15.73 6.79
C CYS A 241 39.41 -16.87 7.80
N THR A 242 40.36 -16.79 8.71
CA THR A 242 40.56 -17.80 9.74
C THR A 242 39.60 -17.72 10.93
N ASN A 243 39.37 -16.52 11.49
CA ASN A 243 38.49 -16.28 12.63
C ASN A 243 37.12 -15.82 12.14
N VAL A 244 36.15 -16.76 12.10
CA VAL A 244 34.80 -16.57 11.56
C VAL A 244 33.83 -16.74 12.70
N SER A 245 32.88 -15.85 12.78
CA SER A 245 31.87 -15.93 13.83
C SER A 245 30.49 -15.70 13.29
N THR A 246 29.52 -16.38 13.88
CA THR A 246 28.14 -16.24 13.43
C THR A 246 27.37 -15.26 14.27
N VAL A 247 26.67 -14.35 13.59
CA VAL A 247 25.86 -13.37 14.27
C VAL A 247 24.45 -13.29 13.70
N GLN A 248 23.54 -12.73 14.48
CA GLN A 248 22.19 -12.49 13.98
C GLN A 248 22.08 -11.17 13.22
N CYS A 249 22.77 -10.11 13.72
CA CYS A 249 22.73 -8.74 13.22
C CYS A 249 24.15 -8.21 13.09
N THR A 250 24.33 -7.28 12.18
CA THR A 250 25.60 -6.58 11.97
C THR A 250 25.71 -5.51 13.01
N HIS A 251 26.90 -4.91 13.11
CA HIS A 251 27.09 -3.79 13.99
C HIS A 251 26.29 -2.66 13.41
N GLY A 252 26.01 -1.63 14.19
CA GLY A 252 25.25 -0.56 13.60
C GLY A 252 26.12 0.25 12.67
N ILE A 253 25.57 0.62 11.55
CA ILE A 253 26.23 1.46 10.58
C ILE A 253 25.48 2.73 10.37
N LYS A 254 26.14 3.87 10.47
CA LYS A 254 25.40 5.08 10.15
C LYS A 254 25.48 5.27 8.65
N PRO A 255 24.37 5.48 7.94
CA PRO A 255 24.31 5.69 6.51
C PRO A 255 24.73 7.10 6.17
N VAL A 256 25.98 7.40 6.40
CA VAL A 256 26.50 8.72 6.14
C VAL A 256 26.84 8.82 4.68
N VAL A 257 26.41 9.89 4.06
CA VAL A 257 26.68 10.10 2.65
C VAL A 257 27.79 11.10 2.43
N SER A 258 28.83 10.68 1.71
CA SER A 258 29.93 11.57 1.41
C SER A 258 30.69 11.15 0.18
N THR A 259 31.46 12.07 -0.36
CA THR A 259 32.33 11.76 -1.50
C THR A 259 33.76 12.18 -1.18
N GLN A 260 34.71 11.36 -1.61
CA GLN A 260 36.18 11.50 -1.49
C GLN A 260 36.79 11.35 -0.10
N LEU A 261 36.00 11.10 0.92
CA LEU A 261 36.57 10.96 2.25
C LEU A 261 35.46 10.41 3.11
N LEU A 262 35.71 9.32 3.82
CA LEU A 262 34.67 8.71 4.60
C LEU A 262 34.56 9.33 5.96
N LEU A 263 33.33 9.52 6.41
CA LEU A 263 33.13 10.10 7.72
C LEU A 263 32.33 9.16 8.62
N ASN A 264 32.69 9.16 9.91
CA ASN A 264 31.94 8.48 11.00
C ASN A 264 31.76 6.99 10.69
N GLY A 265 32.85 6.30 10.34
CA GLY A 265 32.86 4.85 10.13
C GLY A 265 33.67 4.17 11.20
N SER A 266 34.02 2.93 10.94
CA SER A 266 34.79 2.15 11.87
C SER A 266 36.25 2.33 11.58
N LEU A 267 37.06 2.30 12.61
CA LEU A 267 38.49 2.36 12.44
C LEU A 267 39.08 0.99 12.36
N ALA A 268 40.18 0.92 11.67
CA ALA A 268 40.94 -0.30 11.53
C ALA A 268 41.51 -0.65 12.89
N GLU A 269 41.68 -1.93 13.13
CA GLU A 269 42.24 -2.36 14.39
C GLU A 269 43.72 -2.66 14.30
N GLU A 270 44.51 -1.83 14.98
CA GLU A 270 45.95 -1.91 15.06
C GLU A 270 46.75 -1.91 13.76
N GLU A 271 46.27 -1.24 12.71
CA GLU A 271 46.99 -1.16 11.43
C GLU A 271 46.21 -0.30 10.45
N VAL A 272 46.89 0.33 9.52
CA VAL A 272 46.19 1.04 8.44
C VAL A 272 46.05 0.06 7.30
N ILE A 273 44.83 -0.12 6.82
CA ILE A 273 44.62 -1.16 5.83
C ILE A 273 44.23 -0.65 4.48
N ILE A 274 44.98 -1.03 3.49
CA ILE A 274 44.67 -0.60 2.15
C ILE A 274 44.12 -1.76 1.37
N ARG A 275 42.88 -1.65 0.91
CA ARG A 275 42.30 -2.76 0.18
C ARG A 275 41.60 -2.32 -1.09
N SER A 276 41.59 -3.19 -2.08
CA SER A 276 40.93 -2.90 -3.35
C SER A 276 40.56 -4.19 -4.04
N GLU A 277 39.73 -4.11 -5.07
CA GLU A 277 39.39 -5.32 -5.83
C GLU A 277 40.55 -5.87 -6.67
N ASN A 278 41.32 -4.96 -7.31
CA ASN A 278 42.43 -5.22 -8.21
C ASN A 278 43.47 -4.10 -8.01
N ILE A 279 44.44 -4.33 -7.10
CA ILE A 279 45.46 -3.35 -6.69
C ILE A 279 46.43 -2.94 -7.78
N THR A 280 46.55 -3.75 -8.81
CA THR A 280 47.47 -3.45 -9.89
C THR A 280 46.78 -2.74 -11.04
N ASN A 281 45.48 -2.49 -10.95
CA ASN A 281 44.77 -1.79 -12.00
C ASN A 281 44.70 -0.33 -11.58
N ASN A 282 44.10 0.52 -12.40
CA ASN A 282 43.92 1.91 -12.04
C ASN A 282 42.47 2.25 -12.29
N ALA A 283 41.75 1.22 -12.68
CA ALA A 283 40.32 1.29 -12.95
C ALA A 283 39.48 1.10 -11.70
N LYS A 284 40.13 0.83 -10.60
CA LYS A 284 39.44 0.56 -9.35
C LYS A 284 39.75 1.61 -8.31
N ASN A 285 38.81 1.82 -7.40
CA ASN A 285 39.07 2.75 -6.32
C ASN A 285 39.74 1.99 -5.21
N ILE A 286 40.53 2.68 -4.42
CA ILE A 286 41.21 2.10 -3.29
C ILE A 286 40.62 2.60 -2.00
N LEU A 287 40.23 1.67 -1.13
CA LEU A 287 39.66 2.08 0.13
C LEU A 287 40.70 1.95 1.21
N VAL A 288 41.00 3.05 1.84
CA VAL A 288 42.02 3.04 2.86
C VAL A 288 41.35 3.22 4.19
N GLN A 289 41.48 2.26 5.06
CA GLN A 289 40.87 2.37 6.37
C GLN A 289 41.92 2.79 7.38
N LEU A 290 41.68 3.89 8.05
CA LEU A 290 42.64 4.41 9.01
C LEU A 290 42.40 3.75 10.35
N ASN A 291 43.45 3.64 11.20
CA ASN A 291 43.36 3.08 12.57
C ASN A 291 43.05 4.14 13.65
N GLU A 292 43.16 5.44 13.31
CA GLU A 292 42.92 6.59 14.17
C GLU A 292 42.11 7.56 13.36
N SER A 293 41.16 8.22 13.97
CA SER A 293 40.37 9.20 13.27
C SER A 293 41.05 10.54 13.21
N VAL A 294 40.65 11.34 12.25
CA VAL A 294 41.12 12.71 12.17
C VAL A 294 39.95 13.62 12.38
N GLN A 295 40.03 14.51 13.34
CA GLN A 295 38.88 15.35 13.59
C GLN A 295 38.80 16.51 12.63
N ILE A 296 37.61 16.77 12.12
CA ILE A 296 37.37 17.89 11.24
C ILE A 296 36.19 18.76 11.77
N ASN A 297 36.41 20.10 11.85
CA ASN A 297 35.45 21.10 12.34
C ASN A 297 34.96 21.99 11.19
N CYS A 298 33.68 21.86 10.77
CA CYS A 298 33.08 22.57 9.62
C CYS A 298 32.04 23.58 10.05
N THR A 299 32.02 24.71 9.35
CA THR A 299 31.05 25.72 9.65
C THR A 299 30.53 26.52 8.47
N ARG A 300 29.32 27.01 8.66
CA ARG A 300 28.64 27.93 7.77
C ARG A 300 28.31 29.10 8.67
N PRO A 301 29.23 30.05 8.84
CA PRO A 301 29.23 31.13 9.82
C PRO A 301 28.19 32.21 9.62
N ASN A 302 27.63 32.30 8.43
CA ASN A 302 26.67 33.36 8.14
C ASN A 302 25.33 33.01 8.79
N ASN A 303 24.70 33.99 9.47
CA ASN A 303 23.44 33.88 10.20
C ASN A 303 22.24 34.14 9.28
N ASN A 304 21.52 33.08 8.86
CA ASN A 304 20.40 33.17 7.90
C ASN A 304 19.03 33.27 8.50
N THR A 305 18.12 33.82 7.70
CA THR A 305 16.71 33.81 8.06
C THR A 305 15.93 33.28 6.88
N ARG A 306 14.61 33.21 7.02
CA ARG A 306 13.75 32.65 5.98
C ARG A 306 12.59 33.50 5.57
N LYS A 307 12.16 33.28 4.33
CA LYS A 307 10.95 33.87 3.81
C LYS A 307 10.00 32.79 3.39
N SER A 308 8.80 32.80 3.94
CA SER A 308 7.83 31.77 3.56
C SER A 308 6.97 32.33 2.45
N ILE A 309 7.02 31.68 1.31
CA ILE A 309 6.29 32.12 0.15
C ILE A 309 5.18 31.15 -0.18
N ARG A 310 3.99 31.67 -0.27
CA ARG A 310 2.88 30.81 -0.56
C ARG A 310 2.71 30.69 -2.05
N ILE A 311 2.77 29.46 -2.52
CA ILE A 311 2.65 29.11 -3.93
C ILE A 311 1.23 28.74 -4.27
N GLY A 312 0.58 28.06 -3.35
CA GLY A 312 -0.75 27.57 -3.60
C GLY A 312 -1.46 27.14 -2.33
N PRO A 313 -2.54 26.39 -2.42
CA PRO A 313 -3.41 26.02 -1.33
C PRO A 313 -2.76 24.99 -0.43
N GLY A 314 -1.86 25.46 0.43
CA GLY A 314 -1.10 24.60 1.33
C GLY A 314 0.23 24.25 0.71
N GLN A 315 0.55 24.96 -0.35
CA GLN A 315 1.78 24.74 -1.06
C GLN A 315 2.76 25.84 -0.74
N TRP A 316 3.74 25.53 0.09
CA TRP A 316 4.69 26.54 0.53
C TRP A 316 6.11 26.29 0.12
N PHE A 317 6.79 27.37 -0.20
CA PHE A 317 8.20 27.40 -0.52
C PHE A 317 9.01 28.14 0.49
N TYR A 318 10.12 27.55 0.87
CA TYR A 318 10.98 28.21 1.84
C TYR A 318 12.18 28.77 1.15
N ALA A 319 12.20 30.08 1.06
CA ALA A 319 13.24 30.79 0.35
C ALA A 319 14.29 31.28 1.29
N THR A 320 15.52 31.39 0.80
CA THR A 320 16.56 31.98 1.61
C THR A 320 16.23 33.44 1.80
N GLY A 321 16.24 33.88 3.06
CA GLY A 321 15.91 35.25 3.36
C GLY A 321 17.15 36.08 3.47
N ASP A 322 17.02 37.23 4.10
CA ASP A 322 18.10 38.17 4.27
C ASP A 322 19.18 37.59 5.13
N ILE A 323 20.41 38.04 4.98
CA ILE A 323 21.44 37.49 5.83
C ILE A 323 21.82 38.51 6.86
N ILE A 324 21.88 38.06 8.10
CA ILE A 324 22.17 38.89 9.25
C ILE A 324 23.67 38.96 9.47
N GLY A 325 24.20 40.17 9.56
CA GLY A 325 25.64 40.35 9.77
C GLY A 325 26.42 40.30 8.48
N ASP A 326 27.73 40.16 8.61
CA ASP A 326 28.66 40.15 7.49
C ASP A 326 28.71 38.79 6.81
N ILE A 327 29.20 38.78 5.58
CA ILE A 327 29.35 37.53 4.86
C ILE A 327 30.77 37.06 4.71
N ARG A 328 31.02 35.85 5.21
CA ARG A 328 32.34 35.23 5.15
C ARG A 328 32.21 33.78 4.67
N GLN A 329 33.31 33.15 4.26
CA GLN A 329 33.23 31.79 3.72
C GLN A 329 32.98 30.66 4.68
N ALA A 330 32.22 29.68 4.19
CA ALA A 330 32.05 28.42 4.86
C ALA A 330 33.37 27.73 4.72
N HIS A 331 33.75 26.97 5.73
CA HIS A 331 35.02 26.28 5.67
C HIS A 331 35.11 25.12 6.65
N CYS A 332 36.12 24.24 6.47
CA CYS A 332 36.45 23.14 7.38
C CYS A 332 37.91 23.19 7.84
N ASN A 333 38.08 22.95 9.14
CA ASN A 333 39.42 22.89 9.76
C ASN A 333 39.86 21.43 9.88
N VAL A 334 41.12 21.16 9.58
CA VAL A 334 41.84 19.89 9.76
C VAL A 334 43.16 20.16 10.47
N SER A 335 43.49 19.40 11.50
CA SER A 335 44.77 19.64 12.16
C SER A 335 45.92 19.26 11.25
N LYS A 336 46.87 20.17 11.05
CA LYS A 336 47.94 19.88 10.11
C LYS A 336 48.83 18.73 10.48
N ALA A 337 49.28 18.67 11.72
CA ALA A 337 50.20 17.60 12.06
C ALA A 337 49.52 16.26 11.98
N THR A 338 48.26 16.22 12.39
CA THR A 338 47.55 14.96 12.40
C THR A 338 47.41 14.48 11.00
N TRP A 339 47.05 15.39 10.09
CA TRP A 339 46.91 15.02 8.70
C TRP A 339 48.21 14.49 8.11
N ASN A 340 49.33 15.16 8.40
CA ASN A 340 50.63 14.65 7.90
C ASN A 340 50.80 13.21 8.37
N GLU A 341 50.77 13.01 9.69
CA GLU A 341 51.02 11.71 10.30
C GLU A 341 50.14 10.66 9.66
N THR A 342 48.91 11.04 9.37
CA THR A 342 47.97 10.13 8.77
C THR A 342 48.47 9.72 7.41
N LEU A 343 48.91 10.67 6.61
CA LEU A 343 49.38 10.26 5.32
C LEU A 343 50.63 9.46 5.47
N GLY A 344 51.50 9.80 6.39
CA GLY A 344 52.71 9.01 6.46
C GLY A 344 52.39 7.54 6.70
N LYS A 345 51.42 7.26 7.56
CA LYS A 345 51.04 5.88 7.82
C LYS A 345 50.46 5.22 6.58
N VAL A 346 49.66 5.97 5.82
CA VAL A 346 49.08 5.42 4.63
C VAL A 346 50.14 5.08 3.63
N VAL A 347 51.10 5.96 3.48
CA VAL A 347 52.15 5.75 2.52
C VAL A 347 52.97 4.55 2.91
N LYS A 348 53.30 4.43 4.18
CA LYS A 348 54.10 3.31 4.62
C LYS A 348 53.46 2.00 4.24
N GLN A 349 52.14 1.90 4.38
CA GLN A 349 51.42 0.70 3.99
C GLN A 349 51.24 0.59 2.50
N LEU A 350 51.09 1.71 1.82
CA LEU A 350 50.85 1.72 0.39
C LEU A 350 52.05 1.12 -0.30
N ARG A 351 53.23 1.42 0.22
CA ARG A 351 54.49 0.94 -0.33
C ARG A 351 54.54 -0.58 -0.43
N LYS A 352 53.75 -1.31 0.36
CA LYS A 352 53.83 -2.75 0.28
C LYS A 352 53.54 -3.26 -1.12
N HIS A 353 52.75 -2.53 -1.90
CA HIS A 353 52.40 -2.96 -3.25
C HIS A 353 53.21 -2.25 -4.33
N PHE A 354 54.08 -1.32 -3.94
CA PHE A 354 54.82 -0.54 -4.91
C PHE A 354 56.34 -0.62 -4.79
N GLY A 355 56.85 -0.99 -3.63
CA GLY A 355 58.29 -1.06 -3.37
C GLY A 355 58.73 0.09 -2.48
N ASN A 356 59.98 0.02 -1.96
CA ASN A 356 60.54 1.03 -1.06
C ASN A 356 61.20 2.19 -1.82
N ASN A 357 61.89 1.90 -2.95
CA ASN A 357 62.62 2.84 -3.78
C ASN A 357 61.71 3.44 -4.83
N THR A 358 60.67 4.09 -4.36
CA THR A 358 59.69 4.66 -5.26
C THR A 358 59.09 5.92 -4.70
N ILE A 359 58.61 6.76 -5.58
CA ILE A 359 58.02 8.00 -5.14
C ILE A 359 56.53 7.92 -5.07
N ILE A 360 55.99 8.30 -3.92
CA ILE A 360 54.56 8.33 -3.77
C ILE A 360 54.09 9.75 -3.67
N ARG A 361 53.24 10.13 -4.59
CA ARG A 361 52.78 11.49 -4.62
C ARG A 361 51.29 11.62 -4.52
N PHE A 362 50.88 12.55 -3.68
CA PHE A 362 49.48 12.86 -3.56
C PHE A 362 49.21 14.11 -4.32
N ALA A 363 48.10 14.07 -5.01
CA ALA A 363 47.67 15.16 -5.84
C ALA A 363 46.18 15.34 -5.64
N ASN A 364 45.67 16.50 -6.08
CA ASN A 364 44.27 16.88 -5.98
C ASN A 364 43.45 16.18 -7.08
N SER A 365 42.13 16.41 -7.10
CA SER A 365 41.20 15.78 -8.03
C SER A 365 41.29 16.28 -9.48
N SER A 366 40.78 15.43 -10.36
CA SER A 366 40.67 15.68 -11.78
C SER A 366 39.42 16.51 -11.99
N GLY A 367 39.17 16.98 -13.20
CA GLY A 367 37.96 17.78 -13.39
C GLY A 367 36.72 16.90 -13.46
N GLY A 368 35.56 17.54 -13.45
CA GLY A 368 34.27 16.84 -13.45
C GLY A 368 33.32 17.69 -12.64
N ASP A 369 32.16 17.16 -12.29
CA ASP A 369 31.24 17.99 -11.53
C ASP A 369 31.58 17.98 -10.05
N LEU A 370 30.84 18.73 -9.26
CA LEU A 370 31.15 18.85 -7.85
C LEU A 370 31.08 17.56 -7.08
N GLU A 371 30.19 16.66 -7.47
CA GLU A 371 30.01 15.43 -6.74
C GLU A 371 31.26 14.56 -6.71
N VAL A 372 32.15 14.79 -7.68
CA VAL A 372 33.37 14.02 -7.75
C VAL A 372 34.62 14.88 -7.59
N THR A 373 34.54 16.20 -7.81
CA THR A 373 35.75 16.99 -7.71
C THR A 373 35.97 17.55 -6.33
N THR A 374 34.92 17.68 -5.53
CA THR A 374 35.09 18.23 -4.21
C THR A 374 34.64 17.22 -3.22
N HIS A 375 34.97 17.45 -1.97
CA HIS A 375 34.48 16.62 -0.92
C HIS A 375 33.10 17.06 -0.68
N SER A 376 32.16 16.13 -0.46
CA SER A 376 30.74 16.56 -0.39
C SER A 376 30.00 15.87 0.76
N PHE A 377 29.61 16.64 1.77
CA PHE A 377 28.89 16.07 2.95
C PHE A 377 27.71 16.97 3.30
N ASN A 378 26.69 16.41 3.96
CA ASN A 378 25.56 17.25 4.41
C ASN A 378 25.79 17.58 5.87
N CYS A 379 26.00 18.87 6.19
CA CYS A 379 26.30 19.26 7.59
C CYS A 379 25.12 20.06 8.13
N GLY A 380 24.49 19.57 9.20
CA GLY A 380 23.37 20.30 9.82
C GLY A 380 22.29 20.64 8.82
N GLY A 381 21.97 19.73 7.89
CA GLY A 381 20.85 19.98 6.96
C GLY A 381 21.22 20.88 5.80
N GLU A 382 22.50 21.20 5.64
CA GLU A 382 22.96 22.01 4.48
C GLU A 382 24.02 21.22 3.69
N PHE A 383 24.04 21.35 2.37
CA PHE A 383 24.97 20.51 1.57
C PHE A 383 26.26 21.30 1.31
N PHE A 384 27.41 20.71 1.63
CA PHE A 384 28.69 21.46 1.52
C PHE A 384 29.61 20.80 0.48
N TYR A 385 30.25 21.61 -0.35
CA TYR A 385 31.25 21.07 -1.31
C TYR A 385 32.60 21.73 -1.00
N CYS A 386 33.55 20.96 -0.46
CA CYS A 386 34.81 21.48 0.09
C CYS A 386 36.01 21.10 -0.77
N ASN A 387 36.91 22.05 -0.85
CA ASN A 387 38.13 21.91 -1.64
C ASN A 387 39.22 21.20 -0.83
N THR A 388 39.58 19.96 -1.25
CA THR A 388 40.52 19.07 -0.60
C THR A 388 41.90 19.10 -1.23
N SER A 389 42.14 20.05 -2.13
CA SER A 389 43.46 20.14 -2.74
C SER A 389 44.50 20.53 -1.71
N GLY A 390 44.05 21.08 -0.59
CA GLY A 390 44.93 21.48 0.48
C GLY A 390 45.34 20.29 1.32
N LEU A 391 44.72 19.14 1.09
CA LEU A 391 45.04 17.95 1.85
C LEU A 391 45.90 17.00 1.03
N PHE A 392 45.49 16.76 -0.20
CA PHE A 392 46.21 15.82 -1.04
C PHE A 392 47.26 16.49 -1.91
N ASN A 393 48.29 17.06 -1.27
CA ASN A 393 49.36 17.82 -1.93
C ASN A 393 50.70 17.60 -1.21
N SER A 394 51.41 16.50 -1.56
CA SER A 394 52.71 16.14 -0.95
C SER A 394 53.47 15.10 -1.75
N THR A 395 54.78 15.03 -1.52
CA THR A 395 55.57 13.96 -2.12
C THR A 395 56.32 13.22 -1.03
N TRP A 396 56.19 11.91 -1.01
CA TRP A 396 56.83 11.11 -0.01
C TRP A 396 57.96 10.20 -0.54
N ILE A 397 59.09 10.18 0.20
CA ILE A 397 60.30 9.39 -0.02
C ILE A 397 61.23 9.64 1.16
N SER A 413 46.71 23.38 11.50
CA SER A 413 45.49 24.10 11.18
C SER A 413 45.40 24.40 9.66
N ILE A 414 44.86 23.44 8.89
CA ILE A 414 44.63 23.50 7.45
C ILE A 414 43.22 23.97 7.22
N THR A 415 43.04 25.01 6.42
CA THR A 415 41.68 25.46 6.19
C THR A 415 41.24 25.13 4.78
N LEU A 416 40.12 24.46 4.68
CA LEU A 416 39.55 24.07 3.41
C LEU A 416 38.35 24.98 3.14
N PRO A 417 38.33 25.77 2.07
CA PRO A 417 37.21 26.63 1.76
C PRO A 417 36.09 25.72 1.30
N CYS A 418 34.81 26.09 1.58
CA CYS A 418 33.62 25.32 1.18
C CYS A 418 32.52 26.20 0.54
N ARG A 419 31.78 25.59 -0.36
CA ARG A 419 30.64 26.21 -1.01
C ARG A 419 29.36 25.52 -0.60
N ILE A 420 28.26 26.26 -0.64
CA ILE A 420 26.95 25.70 -0.31
C ILE A 420 26.05 25.69 -1.52
N LYS A 421 25.37 24.58 -1.74
CA LYS A 421 24.46 24.48 -2.87
C LYS A 421 23.09 24.08 -2.33
N GLN A 422 21.98 24.53 -2.95
CA GLN A 422 20.65 24.13 -2.47
C GLN A 422 19.94 23.19 -3.40
N ILE A 423 20.19 23.29 -4.68
CA ILE A 423 19.54 22.36 -5.60
C ILE A 423 20.44 21.16 -5.75
N ILE A 424 19.99 20.04 -5.25
CA ILE A 424 20.85 18.90 -5.20
C ILE A 424 20.37 17.79 -6.11
N ASN A 425 21.22 17.33 -7.00
CA ASN A 425 20.87 16.21 -7.85
C ASN A 425 21.56 15.00 -7.26
N MET A 426 20.82 14.21 -6.51
CA MET A 426 21.42 13.11 -5.76
C MET A 426 21.60 11.78 -6.46
N TRP A 427 22.53 11.01 -5.89
CA TRP A 427 22.82 9.63 -6.21
C TRP A 427 23.29 9.41 -7.63
N GLN A 428 23.80 10.47 -8.23
CA GLN A 428 24.28 10.52 -9.60
C GLN A 428 23.21 10.16 -10.61
N ARG A 429 21.96 10.42 -10.26
CA ARG A 429 20.88 10.19 -11.17
C ARG A 429 20.60 11.46 -11.91
N ILE A 430 20.01 11.34 -13.07
CA ILE A 430 19.59 12.52 -13.80
C ILE A 430 18.11 12.46 -14.06
N GLY A 431 17.40 13.54 -13.75
CA GLY A 431 15.97 13.59 -14.02
C GLY A 431 15.12 13.79 -12.76
N GLN A 432 15.75 13.81 -11.62
CA GLN A 432 15.09 14.06 -10.36
C GLN A 432 15.88 15.14 -9.70
N ALA A 433 15.25 15.96 -8.89
CA ALA A 433 16.04 16.94 -8.16
C ALA A 433 15.36 17.33 -6.88
N MET A 434 16.16 17.69 -5.90
CA MET A 434 15.66 18.13 -4.62
C MET A 434 16.07 19.54 -4.26
N TYR A 435 15.17 20.29 -3.67
CA TYR A 435 15.55 21.59 -3.17
C TYR A 435 15.67 21.55 -1.68
N ALA A 436 16.84 21.91 -1.19
CA ALA A 436 17.06 21.93 0.22
C ALA A 436 16.64 23.29 0.76
N PRO A 437 15.67 23.38 1.67
CA PRO A 437 15.19 24.63 2.20
C PRO A 437 16.31 25.14 3.05
N PRO A 438 16.43 26.44 3.26
CA PRO A 438 17.43 27.10 4.07
C PRO A 438 17.24 26.85 5.53
N ILE A 439 18.32 26.87 6.28
CA ILE A 439 18.21 26.74 7.71
C ILE A 439 18.61 28.00 8.43
N GLN A 440 17.75 28.44 9.34
CA GLN A 440 17.95 29.66 10.10
C GLN A 440 19.10 29.51 11.08
N GLY A 441 19.82 30.60 11.32
CA GLY A 441 20.91 30.56 12.28
C GLY A 441 22.23 30.23 11.64
N VAL A 442 23.12 29.60 12.43
CA VAL A 442 24.50 29.26 12.00
C VAL A 442 24.70 27.75 12.17
N ILE A 443 25.47 27.09 11.30
CA ILE A 443 25.60 25.59 11.35
C ILE A 443 27.05 25.17 11.64
N ARG A 444 27.24 24.29 12.63
CA ARG A 444 28.61 23.76 12.94
C ARG A 444 28.55 22.24 13.05
N CYS A 445 29.48 21.53 12.39
CA CYS A 445 29.55 20.04 12.50
C CYS A 445 30.95 19.60 12.90
N VAL A 446 31.06 18.68 13.87
CA VAL A 446 32.40 18.15 14.27
C VAL A 446 32.42 16.65 14.02
N SER A 447 33.08 16.20 12.94
CA SER A 447 33.03 14.80 12.58
C SER A 447 34.40 14.14 12.55
N ASN A 448 34.39 12.78 12.51
CA ASN A 448 35.56 11.92 12.48
C ASN A 448 35.84 11.40 11.07
N ILE A 449 37.02 11.71 10.50
CA ILE A 449 37.45 11.18 9.20
C ILE A 449 37.99 9.81 9.47
N THR A 450 37.39 8.83 8.86
CA THR A 450 37.71 7.45 9.11
C THR A 450 37.89 6.70 7.83
N GLY A 451 38.98 6.96 7.15
CA GLY A 451 39.21 6.35 5.86
C GLY A 451 39.19 7.31 4.69
N LEU A 452 40.07 7.02 3.74
CA LEU A 452 40.27 7.82 2.56
C LEU A 452 39.84 7.06 1.34
N ILE A 453 39.42 7.76 0.29
CA ILE A 453 39.16 7.07 -0.95
C ILE A 453 40.13 7.58 -1.97
N LEU A 454 40.96 6.71 -2.48
CA LEU A 454 41.97 7.14 -3.42
C LEU A 454 41.89 6.44 -4.73
N THR A 455 42.33 7.09 -5.77
CA THR A 455 42.44 6.41 -7.04
C THR A 455 43.86 6.58 -7.52
N ARG A 456 44.37 5.58 -8.20
CA ARG A 456 45.72 5.67 -8.73
C ARG A 456 45.59 6.14 -10.16
N ASP A 457 46.46 7.04 -10.56
CA ASP A 457 46.43 7.56 -11.90
C ASP A 457 47.17 6.63 -12.84
N GLY A 458 47.22 6.97 -14.11
CA GLY A 458 47.92 6.17 -15.10
C GLY A 458 49.34 6.69 -15.18
N GLY A 459 50.09 6.33 -16.21
CA GLY A 459 51.46 6.81 -16.27
C GLY A 459 52.28 6.11 -17.33
N SER A 460 53.55 6.47 -17.38
CA SER A 460 54.50 5.92 -18.31
C SER A 460 54.88 4.53 -17.86
N THR A 461 55.54 3.78 -18.74
CA THR A 461 55.92 2.41 -18.43
C THR A 461 56.69 2.29 -17.12
N ASN A 462 57.63 3.18 -16.89
CA ASN A 462 58.38 3.15 -15.66
C ASN A 462 58.63 4.56 -15.18
N SER A 463 57.58 5.19 -14.65
CA SER A 463 57.67 6.57 -14.19
C SER A 463 58.45 6.64 -12.91
N THR A 464 58.46 5.50 -12.19
CA THR A 464 59.06 5.26 -10.87
C THR A 464 58.28 5.99 -9.76
N THR A 465 57.25 6.73 -10.17
CA THR A 465 56.39 7.53 -9.32
C THR A 465 54.93 7.16 -9.51
N GLU A 466 54.26 6.93 -8.41
CA GLU A 466 52.84 6.65 -8.44
C GLU A 466 52.09 7.88 -7.95
N THR A 467 50.97 8.22 -8.57
CA THR A 467 50.21 9.36 -8.11
C THR A 467 48.81 8.96 -7.72
N PHE A 468 48.43 9.41 -6.53
CA PHE A 468 47.13 9.11 -5.99
C PHE A 468 46.30 10.36 -5.82
N ARG A 469 45.01 10.24 -6.12
CA ARG A 469 44.10 11.37 -6.04
C ARG A 469 42.85 11.02 -5.24
N PRO A 470 42.16 12.00 -4.66
CA PRO A 470 40.92 11.86 -3.94
C PRO A 470 39.74 11.68 -4.86
N GLY A 471 39.65 10.50 -5.44
CA GLY A 471 38.62 10.17 -6.41
C GLY A 471 37.43 9.45 -5.78
N GLY A 472 36.75 8.58 -6.54
CA GLY A 472 35.57 7.89 -6.03
C GLY A 472 34.30 8.64 -6.38
N GLY A 473 33.25 8.49 -5.57
CA GLY A 473 31.95 9.09 -5.85
C GLY A 473 30.79 8.11 -5.98
N ASP A 474 31.08 6.82 -6.16
CA ASP A 474 30.03 5.80 -6.21
C ASP A 474 29.74 5.37 -4.80
N MET A 475 28.54 5.66 -4.33
CA MET A 475 28.13 5.43 -2.96
C MET A 475 28.24 4.00 -2.50
N ARG A 476 28.23 3.07 -3.43
CA ARG A 476 28.34 1.69 -3.05
C ARG A 476 29.61 1.48 -2.25
N ASP A 477 30.68 2.20 -2.60
CA ASP A 477 31.93 2.03 -1.90
C ASP A 477 31.87 2.46 -0.46
N ASN A 478 31.03 3.44 -0.13
CA ASN A 478 31.06 3.87 1.24
C ASN A 478 30.47 2.79 2.05
N TRP A 479 29.41 2.18 1.53
CA TRP A 479 28.77 1.06 2.25
C TRP A 479 29.75 -0.13 2.34
N ARG A 480 30.55 -0.37 1.30
CA ARG A 480 31.46 -1.49 1.33
C ARG A 480 32.43 -1.37 2.49
N SER A 481 32.82 -0.15 2.82
CA SER A 481 33.82 0.03 3.87
C SER A 481 33.34 -0.44 5.23
N GLU A 482 32.04 -0.63 5.42
CA GLU A 482 31.54 -1.13 6.69
C GLU A 482 31.07 -2.57 6.57
N LEU A 483 30.51 -2.92 5.42
CA LEU A 483 29.96 -4.25 5.23
C LEU A 483 30.93 -5.30 4.74
N TYR A 484 32.16 -4.93 4.47
CA TYR A 484 33.17 -5.85 3.98
C TYR A 484 33.41 -7.07 4.85
N LYS A 485 33.11 -6.99 6.13
CA LYS A 485 33.35 -8.11 7.02
C LYS A 485 32.21 -9.10 7.06
N TYR A 486 31.09 -8.82 6.41
CA TYR A 486 29.96 -9.72 6.56
C TYR A 486 29.53 -10.50 5.33
N LYS A 487 29.09 -11.73 5.54
CA LYS A 487 28.58 -12.57 4.47
C LYS A 487 27.26 -13.24 4.84
N VAL A 488 26.34 -13.36 3.90
CA VAL A 488 25.09 -14.04 4.20
C VAL A 488 25.04 -15.44 3.65
N VAL A 489 24.70 -16.39 4.51
CA VAL A 489 24.57 -17.76 4.08
C VAL A 489 23.22 -18.25 4.50
N LYS A 490 22.74 -19.31 3.86
CA LYS A 490 21.49 -19.90 4.24
C LYS A 490 21.76 -21.19 4.89
N ILE A 491 20.88 -21.60 5.77
CA ILE A 491 21.06 -22.83 6.49
C ILE A 491 20.25 -23.93 5.85
N GLU A 492 20.88 -25.07 5.65
CA GLU A 492 20.24 -26.24 5.07
C GLU A 492 20.33 -27.39 6.06
N PRO A 493 19.46 -27.43 7.08
CA PRO A 493 19.51 -28.30 8.22
C PRO A 493 19.20 -29.75 7.95
N LEU A 494 18.66 -30.06 6.78
CA LEU A 494 18.26 -31.42 6.52
C LEU A 494 19.27 -32.13 5.62
N GLY A 495 19.66 -33.34 5.99
CA GLY A 495 20.60 -34.09 5.15
C GLY A 495 20.74 -35.55 5.56
N VAL A 496 21.56 -36.31 4.80
CA VAL A 496 21.72 -37.74 5.03
C VAL A 496 23.16 -38.18 5.14
N ALA A 497 23.34 -39.38 5.65
CA ALA A 497 24.64 -40.05 5.80
C ALA A 497 24.41 -41.57 5.89
N PRO A 498 25.39 -42.44 5.61
CA PRO A 498 25.31 -43.87 5.85
C PRO A 498 25.42 -44.18 7.33
N THR A 499 24.75 -45.23 7.79
CA THR A 499 24.91 -45.70 9.17
C THR A 499 24.62 -47.17 9.33
N ARG A 500 24.62 -47.63 10.58
CA ARG A 500 24.36 -49.03 10.86
C ARG A 500 23.20 -49.22 11.86
N CYS A 501 21.95 -49.10 11.34
CA CYS A 501 20.69 -49.23 12.06
C CYS A 501 19.60 -49.53 11.03
N LYS A 502 18.42 -49.87 11.50
CA LYS A 502 17.28 -50.13 10.64
C LYS A 502 16.05 -49.87 11.51
N ARG A 503 14.83 -49.67 10.93
CA ARG A 503 13.59 -49.47 11.71
C ARG A 503 13.19 -50.77 12.41
N LEU B 1 27.27 -25.35 21.88
CA LEU B 1 28.20 -24.20 21.73
C LEU B 1 27.47 -23.07 21.01
N GLY B 2 26.15 -22.97 21.19
CA GLY B 2 25.37 -21.95 20.47
C GLY B 2 25.05 -22.38 19.06
N PHE B 3 24.45 -21.51 18.26
CA PHE B 3 23.97 -21.89 16.95
C PHE B 3 25.15 -22.05 16.02
N LEU B 4 25.25 -23.23 15.41
CA LEU B 4 26.32 -23.64 14.49
C LEU B 4 27.70 -23.71 15.12
N GLY B 5 27.79 -23.81 16.43
CA GLY B 5 29.11 -23.90 17.04
C GLY B 5 29.82 -25.21 16.67
N ALA B 6 29.04 -26.18 16.24
CA ALA B 6 29.47 -27.50 15.85
C ALA B 6 29.94 -27.55 14.41
N ALA B 7 29.89 -26.43 13.72
CA ALA B 7 30.25 -26.44 12.31
C ALA B 7 31.65 -26.96 12.04
N GLY B 8 32.60 -26.72 12.93
CA GLY B 8 33.95 -27.18 12.68
C GLY B 8 34.23 -28.59 13.21
N SER B 9 33.23 -29.22 13.81
CA SER B 9 33.37 -30.55 14.39
C SER B 9 33.20 -31.59 13.33
N THR B 10 33.65 -32.80 13.59
CA THR B 10 33.43 -33.83 12.63
C THR B 10 32.00 -34.28 12.75
N MET B 11 31.52 -35.03 11.77
CA MET B 11 30.12 -35.41 11.76
C MET B 11 29.62 -36.08 13.02
N GLY B 12 30.39 -37.02 13.55
CA GLY B 12 29.96 -37.70 14.74
C GLY B 12 29.76 -36.75 15.88
N ALA B 13 30.79 -36.02 16.23
CA ALA B 13 30.70 -35.09 17.34
C ALA B 13 29.67 -34.01 17.10
N ALA B 14 29.55 -33.55 15.88
CA ALA B 14 28.64 -32.48 15.55
C ALA B 14 27.19 -32.86 15.80
N SER B 15 26.85 -34.14 15.61
CA SER B 15 25.48 -34.59 15.75
C SER B 15 24.96 -34.46 17.18
N MET B 16 25.87 -34.28 18.13
CA MET B 16 25.46 -34.18 19.51
C MET B 16 24.61 -32.94 19.78
N THR B 17 24.69 -31.95 18.91
CA THR B 17 23.95 -30.72 19.11
C THR B 17 22.92 -30.43 18.03
N LEU B 18 22.37 -31.46 17.39
CA LEU B 18 21.36 -31.18 16.35
C LEU B 18 20.22 -30.39 16.95
N THR B 19 19.93 -30.64 18.22
CA THR B 19 18.90 -29.95 18.96
C THR B 19 19.08 -28.45 18.94
N VAL B 20 20.31 -27.97 19.05
CA VAL B 20 20.53 -26.55 19.13
C VAL B 20 20.12 -25.88 17.83
N GLN B 21 20.50 -26.45 16.71
CA GLN B 21 20.10 -25.76 15.50
C GLN B 21 18.62 -25.94 15.26
N ALA B 22 18.10 -27.11 15.53
CA ALA B 22 16.71 -27.30 15.27
C ALA B 22 15.86 -26.32 16.07
N ARG B 23 16.23 -26.05 17.32
CA ARG B 23 15.43 -25.13 18.11
C ARG B 23 15.46 -23.72 17.59
N ASN B 24 16.58 -23.31 17.01
CA ASN B 24 16.68 -21.96 16.47
C ASN B 24 15.89 -21.80 15.18
N LEU B 25 15.74 -22.87 14.43
CA LEU B 25 15.01 -22.76 13.17
C LEU B 25 13.52 -23.01 13.34
N LEU B 26 13.17 -23.89 14.25
CA LEU B 26 11.81 -24.32 14.44
C LEU B 26 11.06 -23.42 15.37
N SER B 27 11.69 -22.34 15.81
CA SER B 27 11.03 -21.35 16.64
C SER B 27 10.99 -20.04 15.89
N GLY B 28 11.36 -20.04 14.61
CA GLY B 28 11.45 -18.81 13.85
C GLY B 28 10.15 -18.00 13.71
N ILE B 29 9.00 -18.67 13.63
CA ILE B 29 7.74 -17.97 13.46
C ILE B 29 7.36 -17.39 14.79
N VAL B 30 7.56 -18.17 15.83
CA VAL B 30 7.22 -17.74 17.16
C VAL B 30 8.04 -16.49 17.51
N GLN B 31 9.33 -16.50 17.21
CA GLN B 31 10.12 -15.33 17.53
C GLN B 31 9.72 -14.11 16.76
N GLN B 32 9.34 -14.25 15.49
CA GLN B 32 8.97 -13.04 14.79
C GLN B 32 7.74 -12.42 15.41
N GLN B 33 6.80 -13.24 15.86
CA GLN B 33 5.62 -12.65 16.46
C GLN B 33 5.98 -11.94 17.75
N SER B 34 6.96 -12.44 18.49
CA SER B 34 7.40 -11.78 19.72
C SER B 34 7.97 -10.39 19.42
N ASN B 35 8.74 -10.30 18.35
CA ASN B 35 9.36 -9.03 18.00
C ASN B 35 8.30 -7.97 17.66
N LEU B 36 7.13 -8.40 17.17
CA LEU B 36 6.07 -7.47 16.81
C LEU B 36 5.35 -6.94 18.05
N LEU B 37 5.63 -7.51 19.22
CA LEU B 37 5.04 -7.04 20.45
C LEU B 37 5.98 -6.04 21.07
N ARG B 38 7.27 -6.19 20.78
CA ARG B 38 8.28 -5.29 21.30
C ARG B 38 8.10 -3.88 20.72
N ALA B 39 7.68 -3.81 19.46
CA ALA B 39 7.44 -2.52 18.83
C ALA B 39 6.08 -2.52 18.15
N PRO B 40 5.00 -2.48 18.92
CA PRO B 40 3.68 -2.72 18.43
C PRO B 40 3.29 -1.62 17.50
N GLU B 41 2.64 -1.99 16.43
CA GLU B 41 2.11 -1.07 15.43
C GLU B 41 3.09 -0.13 14.74
N CYS B 42 4.43 -0.34 14.82
CA CYS B 42 5.42 0.50 14.12
C CYS B 42 5.37 0.08 12.65
N GLN B 43 4.75 -1.05 12.44
CA GLN B 43 4.57 -1.67 11.16
C GLN B 43 3.66 -0.83 10.32
N GLN B 44 2.88 0.05 10.95
CA GLN B 44 1.99 0.91 10.21
C GLN B 44 2.80 1.89 9.40
N HIS B 45 4.02 2.22 9.84
CA HIS B 45 4.82 3.14 9.06
C HIS B 45 5.32 2.37 7.87
N LEU B 46 5.68 1.13 8.12
CA LEU B 46 6.23 0.29 7.06
C LEU B 46 5.20 -0.01 5.98
N LEU B 47 3.94 -0.11 6.36
CA LEU B 47 2.89 -0.42 5.40
C LEU B 47 2.60 0.71 4.42
N LYS B 48 3.13 1.90 4.68
CA LYS B 48 2.89 3.01 3.78
C LYS B 48 3.96 3.09 2.70
N LEU B 49 5.06 2.35 2.88
CA LEU B 49 6.18 2.35 1.96
C LEU B 49 6.12 1.04 1.21
N THR B 50 5.50 1.05 0.04
CA THR B 50 5.18 -0.20 -0.63
C THR B 50 6.34 -1.01 -1.20
N VAL B 51 7.42 -0.39 -1.68
CA VAL B 51 8.48 -1.25 -2.20
C VAL B 51 9.24 -1.92 -1.06
N TRP B 52 9.54 -1.15 -0.03
CA TRP B 52 10.21 -1.70 1.12
C TRP B 52 9.33 -2.85 1.61
N GLY B 53 8.04 -2.56 1.76
CA GLY B 53 7.09 -3.51 2.25
C GLY B 53 6.95 -4.76 1.40
N ILE B 54 7.00 -4.65 0.07
CA ILE B 54 6.84 -5.86 -0.72
C ILE B 54 8.05 -6.75 -0.53
N LYS B 55 9.24 -6.16 -0.39
CA LYS B 55 10.40 -7.00 -0.19
C LYS B 55 10.36 -7.70 1.17
N GLN B 56 9.91 -6.99 2.20
CA GLN B 56 9.86 -7.62 3.50
C GLN B 56 8.74 -8.65 3.54
N LEU B 57 7.67 -8.41 2.81
CA LEU B 57 6.59 -9.35 2.78
C LEU B 57 7.03 -10.59 2.07
N GLN B 58 7.78 -10.44 0.99
CA GLN B 58 8.26 -11.59 0.26
C GLN B 58 9.11 -12.42 1.18
N ALA B 59 9.93 -11.77 2.00
CA ALA B 59 10.76 -12.51 2.91
C ALA B 59 9.93 -13.29 3.92
N ARG B 60 8.85 -12.71 4.42
CA ARG B 60 8.03 -13.44 5.38
C ARG B 60 7.40 -14.66 4.75
N VAL B 61 6.94 -14.52 3.52
CA VAL B 61 6.32 -15.65 2.87
C VAL B 61 7.32 -16.76 2.64
N LEU B 62 8.52 -16.42 2.20
CA LEU B 62 9.51 -17.44 1.95
C LEU B 62 9.92 -18.14 3.21
N ALA B 63 9.99 -17.43 4.33
CA ALA B 63 10.35 -18.09 5.57
C ALA B 63 9.35 -19.17 5.89
N VAL B 64 8.07 -18.88 5.65
CA VAL B 64 7.06 -19.87 5.89
C VAL B 64 7.21 -21.04 4.94
N GLU B 65 7.47 -20.77 3.68
CA GLU B 65 7.59 -21.87 2.77
C GLU B 65 8.75 -22.78 3.16
N ARG B 66 9.88 -22.22 3.59
CA ARG B 66 11.00 -23.08 3.94
C ARG B 66 10.63 -23.96 5.10
N TYR B 67 9.94 -23.39 6.08
CA TYR B 67 9.52 -24.18 7.21
C TYR B 67 8.66 -25.33 6.78
N LEU B 68 7.66 -25.06 5.96
CA LEU B 68 6.77 -26.12 5.56
C LEU B 68 7.47 -27.16 4.71
N ARG B 69 8.39 -26.79 3.84
CA ARG B 69 9.05 -27.82 3.04
C ARG B 69 9.83 -28.79 3.89
N ASP B 70 10.54 -28.31 4.91
CA ASP B 70 11.27 -29.27 5.72
C ASP B 70 10.35 -30.18 6.47
N GLN B 71 9.24 -29.63 6.95
CA GLN B 71 8.37 -30.49 7.70
C GLN B 71 7.69 -31.48 6.80
N GLN B 72 7.37 -31.08 5.57
CA GLN B 72 6.72 -32.01 4.68
C GLN B 72 7.61 -33.17 4.36
N LEU B 73 8.90 -32.92 4.15
CA LEU B 73 9.76 -34.03 3.82
C LEU B 73 9.90 -34.98 4.98
N LEU B 74 10.01 -34.46 6.19
CA LEU B 74 10.15 -35.39 7.29
C LEU B 74 8.87 -36.20 7.43
N GLY B 75 7.74 -35.56 7.18
CA GLY B 75 6.48 -36.24 7.25
C GLY B 75 6.38 -37.38 6.26
N ILE B 76 6.62 -37.10 4.98
CA ILE B 76 6.47 -38.11 3.93
C ILE B 76 7.49 -39.23 4.06
N TRP B 77 8.64 -38.96 4.66
CA TRP B 77 9.64 -39.99 4.88
C TRP B 77 9.44 -40.79 6.15
N GLY B 78 8.45 -40.43 6.97
CA GLY B 78 8.22 -41.12 8.24
C GLY B 78 9.13 -40.73 9.43
N CYS B 79 9.72 -39.52 9.42
CA CYS B 79 10.65 -39.02 10.44
C CYS B 79 10.04 -37.81 11.15
N SER B 80 8.73 -37.71 11.12
CA SER B 80 8.08 -36.59 11.74
C SER B 80 8.36 -36.55 13.23
N GLY B 81 8.73 -35.38 13.72
CA GLY B 81 8.96 -35.17 15.14
C GLY B 81 10.33 -35.62 15.63
N LYS B 82 11.17 -36.11 14.74
CA LYS B 82 12.47 -36.58 15.18
C LYS B 82 13.59 -35.79 14.58
N LEU B 83 14.71 -35.70 15.28
CA LEU B 83 15.86 -35.06 14.67
C LEU B 83 16.74 -36.12 14.06
N ILE B 84 16.69 -37.31 14.62
CA ILE B 84 17.47 -38.43 14.13
C ILE B 84 16.53 -39.59 13.86
N CYS B 85 16.60 -40.22 12.67
CA CYS B 85 15.81 -41.40 12.33
C CYS B 85 16.60 -42.32 11.41
N CYS B 86 16.18 -43.58 11.38
CA CYS B 86 16.78 -44.59 10.53
C CYS B 86 15.72 -44.98 9.56
N THR B 87 16.08 -45.28 8.32
CA THR B 87 15.03 -45.81 7.49
C THR B 87 15.45 -47.05 6.77
N ASN B 88 14.49 -47.68 6.13
CA ASN B 88 14.76 -48.90 5.45
C ASN B 88 15.12 -48.70 4.00
N VAL B 89 16.21 -47.99 3.81
CA VAL B 89 16.79 -47.74 2.50
C VAL B 89 18.26 -48.10 2.59
N PRO B 90 18.74 -49.12 1.89
CA PRO B 90 20.13 -49.54 1.89
C PRO B 90 20.98 -48.41 1.35
N TRP B 91 22.21 -48.30 1.84
CA TRP B 91 23.13 -47.30 1.32
C TRP B 91 23.88 -47.87 0.10
N ASN B 92 23.99 -47.10 -1.00
CA ASN B 92 24.70 -47.43 -2.23
C ASN B 92 26.16 -46.91 -2.15
N SER B 93 27.13 -47.80 -2.47
CA SER B 93 28.57 -47.48 -2.48
C SER B 93 28.89 -46.48 -3.56
N THR B 94 27.96 -46.34 -4.50
CA THR B 94 28.06 -45.38 -5.56
C THR B 94 27.98 -43.97 -5.00
N TRP B 95 27.09 -43.77 -4.03
CA TRP B 95 26.90 -42.44 -3.47
C TRP B 95 28.15 -42.06 -2.73
N SER B 96 28.66 -43.03 -1.98
CA SER B 96 29.90 -42.87 -1.24
C SER B 96 30.43 -44.24 -0.89
N ASN B 97 31.72 -44.45 -1.10
CA ASN B 97 32.36 -45.75 -0.88
C ASN B 97 33.36 -45.82 0.27
N ARG B 98 33.32 -44.88 1.19
CA ARG B 98 34.25 -44.90 2.31
C ARG B 98 33.63 -45.71 3.45
N ASN B 99 34.47 -46.19 4.41
CA ASN B 99 34.05 -46.96 5.58
C ASN B 99 33.31 -46.08 6.60
N LEU B 100 32.49 -46.72 7.48
CA LEU B 100 31.68 -46.01 8.49
C LEU B 100 32.53 -45.10 9.38
N SER B 101 33.65 -45.58 9.89
CA SER B 101 34.47 -44.73 10.73
C SER B 101 35.15 -43.63 9.93
N GLU B 102 35.39 -43.91 8.64
CA GLU B 102 35.99 -42.95 7.74
C GLU B 102 35.05 -41.79 7.47
N ILE B 103 33.75 -42.08 7.45
CA ILE B 103 32.75 -41.03 7.27
C ILE B 103 32.47 -40.28 8.54
N TRP B 104 32.22 -41.00 9.60
CA TRP B 104 31.78 -40.34 10.80
C TRP B 104 32.83 -39.56 11.54
N ASP B 105 34.11 -39.92 11.46
CA ASP B 105 35.04 -39.04 12.11
C ASP B 105 35.93 -38.45 11.02
N ASN B 106 36.84 -37.58 11.40
CA ASN B 106 37.79 -36.98 10.48
C ASN B 106 37.17 -36.32 9.24
N MET B 107 35.99 -35.72 9.38
CA MET B 107 35.29 -35.04 8.30
C MET B 107 34.12 -34.24 8.85
N THR B 108 33.96 -33.00 8.40
CA THR B 108 32.86 -32.15 8.85
C THR B 108 31.62 -32.35 8.01
N TRP B 109 30.50 -31.83 8.48
CA TRP B 109 29.27 -31.94 7.72
C TRP B 109 29.31 -31.14 6.44
N LEU B 110 30.06 -30.03 6.42
CA LEU B 110 30.13 -29.25 5.20
C LEU B 110 30.84 -30.06 4.12
N GLN B 111 31.90 -30.76 4.52
CA GLN B 111 32.66 -31.55 3.58
C GLN B 111 31.84 -32.69 3.05
N TRP B 112 31.08 -33.30 3.94
CA TRP B 112 30.24 -34.41 3.57
C TRP B 112 29.17 -33.99 2.60
N ASP B 113 28.55 -32.86 2.86
CA ASP B 113 27.49 -32.42 2.00
C ASP B 113 28.03 -32.22 0.60
N LYS B 114 29.26 -31.72 0.47
CA LYS B 114 29.78 -31.60 -0.87
C LYS B 114 29.95 -32.96 -1.53
N GLU B 115 30.49 -33.94 -0.79
CA GLU B 115 30.75 -35.25 -1.36
C GLU B 115 29.55 -35.92 -1.97
N ILE B 116 28.39 -35.79 -1.36
CA ILE B 116 27.22 -36.47 -1.90
C ILE B 116 26.15 -35.56 -2.46
N SER B 117 26.51 -34.35 -2.82
CA SER B 117 25.49 -33.44 -3.33
C SER B 117 24.68 -34.00 -4.52
N ASN B 118 25.34 -34.75 -5.40
CA ASN B 118 24.72 -35.21 -6.67
C ASN B 118 23.76 -36.40 -6.47
N TYR B 119 23.70 -36.95 -5.25
CA TYR B 119 22.85 -38.09 -4.92
C TYR B 119 21.70 -37.73 -4.03
N THR B 120 21.56 -36.45 -3.71
CA THR B 120 20.52 -36.07 -2.77
C THR B 120 19.13 -36.39 -3.27
N GLN B 121 18.85 -36.13 -4.52
CA GLN B 121 17.51 -36.34 -5.04
C GLN B 121 17.21 -37.81 -5.19
N ILE B 122 18.22 -38.60 -5.49
CA ILE B 122 18.03 -40.03 -5.63
C ILE B 122 17.66 -40.61 -4.29
N ILE B 123 18.40 -40.21 -3.27
CA ILE B 123 18.16 -40.73 -1.97
C ILE B 123 16.80 -40.31 -1.51
N TYR B 124 16.42 -39.06 -1.72
CA TYR B 124 15.13 -38.64 -1.26
C TYR B 124 14.02 -39.43 -1.92
N GLY B 125 14.13 -39.73 -3.21
CA GLY B 125 13.09 -40.52 -3.84
C GLY B 125 13.00 -41.91 -3.19
N LEU B 126 14.13 -42.47 -2.83
CA LEU B 126 14.10 -43.77 -2.20
C LEU B 126 13.50 -43.71 -0.80
N LEU B 127 13.74 -42.63 -0.08
CA LEU B 127 13.22 -42.51 1.27
C LEU B 127 11.70 -42.48 1.20
N GLU B 128 11.19 -41.78 0.20
CA GLU B 128 9.77 -41.63 -0.05
C GLU B 128 9.10 -42.96 -0.37
N GLU B 129 9.74 -43.75 -1.23
CA GLU B 129 9.14 -45.00 -1.62
C GLU B 129 9.08 -45.97 -0.48
N SER B 130 10.15 -46.01 0.32
CA SER B 130 10.15 -46.96 1.41
C SER B 130 9.04 -46.66 2.38
N GLN B 131 8.83 -45.39 2.70
CA GLN B 131 7.77 -45.10 3.64
C GLN B 131 6.41 -45.46 3.10
N ASN B 132 6.18 -45.26 1.80
CA ASN B 132 4.87 -45.61 1.29
C ASN B 132 4.61 -47.10 1.41
N GLN B 133 5.65 -47.91 1.19
CA GLN B 133 5.45 -49.35 1.29
C GLN B 133 5.16 -49.75 2.72
N GLN B 134 5.80 -49.07 3.66
CA GLN B 134 5.58 -49.41 5.05
C GLN B 134 4.16 -49.11 5.46
N GLU B 135 3.59 -48.02 4.95
CA GLU B 135 2.24 -47.70 5.33
C GLU B 135 1.29 -48.75 4.79
N LYS B 136 1.52 -49.25 3.58
CA LYS B 136 0.61 -50.32 3.18
C LYS B 136 0.75 -51.53 4.07
N ASN B 137 1.97 -51.87 4.46
CA ASN B 137 2.10 -53.06 5.27
C ASN B 137 1.37 -52.99 6.62
N GLU B 138 1.38 -51.80 7.23
CA GLU B 138 0.59 -51.56 8.47
C GLU B 138 -0.88 -51.84 8.19
N GLN B 139 -1.39 -51.36 7.05
CA GLN B 139 -2.84 -51.53 6.75
C GLN B 139 -3.14 -53.03 6.67
N ASP B 140 -2.23 -53.79 6.05
CA ASP B 140 -2.41 -55.27 5.99
C ASP B 140 -2.55 -55.81 7.41
N LEU B 141 -1.65 -55.41 8.32
CA LEU B 141 -1.66 -56.05 9.63
C LEU B 141 -2.95 -55.75 10.37
N LEU B 142 -3.48 -54.53 10.18
CA LEU B 142 -4.71 -54.18 10.86
C LEU B 142 -5.85 -55.04 10.33
N ALA B 143 -5.85 -55.26 9.02
CA ALA B 143 -6.88 -56.06 8.40
C ALA B 143 -6.84 -57.51 8.85
N LEU B 144 -5.63 -58.06 9.00
CA LEU B 144 -5.49 -59.45 9.44
C LEU B 144 -5.99 -59.70 10.87
N ASP B 145 -5.75 -58.75 11.80
CA ASP B 145 -6.20 -58.78 13.20
C ASP B 145 -5.64 -60.00 13.96
N ASN C 35 -18.83 -55.43 7.44
CA ASN C 35 -18.21 -54.55 8.45
C ASN C 35 -17.06 -53.70 7.91
N LEU C 36 -17.26 -53.05 6.78
CA LEU C 36 -16.21 -52.22 6.22
C LEU C 36 -16.21 -50.91 6.94
N TRP C 37 -15.03 -50.38 7.19
CA TRP C 37 -14.82 -49.13 7.90
C TRP C 37 -14.17 -48.09 7.02
N VAL C 38 -14.28 -46.84 7.42
CA VAL C 38 -13.72 -45.75 6.66
C VAL C 38 -12.21 -45.70 6.72
N THR C 39 -11.61 -45.61 5.55
CA THR C 39 -10.18 -45.41 5.38
C THR C 39 -9.97 -44.07 4.74
N VAL C 40 -8.92 -43.40 5.17
CA VAL C 40 -8.63 -42.06 4.70
C VAL C 40 -7.33 -42.02 3.94
N TYR C 41 -7.38 -41.41 2.78
CA TYR C 41 -6.19 -41.27 1.96
C TYR C 41 -5.85 -39.84 1.66
N TYR C 42 -4.56 -39.58 1.56
CA TYR C 42 -4.04 -38.30 1.16
C TYR C 42 -3.08 -38.46 0.01
N GLY C 43 -3.30 -37.68 -1.05
CA GLY C 43 -2.49 -37.78 -2.25
C GLY C 43 -3.30 -38.45 -3.36
N VAL C 44 -4.61 -38.46 -3.20
CA VAL C 44 -5.52 -39.04 -4.16
C VAL C 44 -5.56 -38.20 -5.43
N PRO C 45 -5.37 -38.78 -6.63
CA PRO C 45 -5.30 -38.08 -7.90
C PRO C 45 -6.63 -37.63 -8.46
N VAL C 46 -7.28 -36.71 -7.78
CA VAL C 46 -8.55 -36.17 -8.27
C VAL C 46 -8.57 -34.67 -8.33
N TRP C 47 -9.49 -34.13 -9.11
CA TRP C 47 -9.59 -32.71 -9.26
C TRP C 47 -10.98 -32.20 -9.57
N LYS C 48 -11.15 -30.90 -9.42
CA LYS C 48 -12.40 -30.20 -9.72
C LYS C 48 -12.16 -28.94 -10.54
N ASP C 49 -13.17 -28.50 -11.28
CA ASP C 49 -13.04 -27.27 -12.05
C ASP C 49 -12.71 -26.13 -11.10
N ALA C 50 -11.79 -25.23 -11.45
CA ALA C 50 -11.48 -24.15 -10.52
C ALA C 50 -10.90 -22.90 -11.12
N GLU C 51 -11.04 -21.80 -10.42
CA GLU C 51 -10.36 -20.58 -10.77
C GLU C 51 -9.07 -20.55 -9.98
N THR C 52 -7.99 -20.02 -10.53
CA THR C 52 -6.78 -19.88 -9.73
C THR C 52 -6.10 -18.58 -10.04
N THR C 53 -5.05 -18.27 -9.34
CA THR C 53 -4.27 -17.09 -9.69
C THR C 53 -3.11 -17.56 -10.54
N LEU C 54 -3.02 -17.05 -11.75
CA LEU C 54 -1.98 -17.47 -12.68
C LEU C 54 -0.82 -16.53 -12.70
N PHE C 55 0.34 -17.01 -13.09
CA PHE C 55 1.49 -16.13 -13.19
C PHE C 55 2.30 -16.43 -14.45
N CYS C 56 3.15 -15.46 -14.84
CA CYS C 56 4.00 -15.45 -16.03
C CYS C 56 5.29 -16.25 -15.88
N ALA C 57 5.65 -16.90 -16.97
CA ALA C 57 6.94 -17.50 -17.15
C ALA C 57 7.39 -17.21 -18.59
N SER C 58 8.70 -17.18 -18.82
CA SER C 58 9.25 -16.86 -20.15
C SER C 58 10.46 -17.69 -20.51
N ASP C 59 11.01 -17.46 -21.68
CA ASP C 59 12.12 -18.26 -22.14
C ASP C 59 13.48 -17.78 -21.64
N ALA C 60 13.51 -16.77 -20.76
CA ALA C 60 14.72 -16.15 -20.17
C ALA C 60 15.50 -15.28 -21.16
N LYS C 61 15.75 -15.83 -22.33
CA LYS C 61 16.49 -15.18 -23.42
C LYS C 61 15.85 -13.88 -23.96
N ALA C 62 14.49 -13.78 -24.01
CA ALA C 62 13.74 -12.63 -24.52
C ALA C 62 14.06 -11.38 -23.69
N HIS C 68 12.25 -3.49 -20.78
CA HIS C 68 11.66 -2.35 -21.48
C HIS C 68 10.48 -2.70 -22.43
N ASN C 69 10.25 -3.99 -22.69
CA ASN C 69 9.12 -4.53 -23.46
C ASN C 69 7.97 -4.73 -22.51
N VAL C 70 6.91 -4.00 -22.75
CA VAL C 70 5.77 -3.93 -21.87
C VAL C 70 5.15 -5.25 -21.47
N TRP C 71 5.27 -6.26 -22.29
CA TRP C 71 4.61 -7.47 -21.90
C TRP C 71 5.31 -8.29 -20.84
N ALA C 72 6.61 -8.10 -20.61
CA ALA C 72 7.26 -9.00 -19.66
C ALA C 72 8.45 -8.41 -18.94
N THR C 73 8.37 -7.15 -18.50
CA THR C 73 9.54 -6.55 -17.86
C THR C 73 9.94 -7.26 -16.59
N HIS C 74 8.94 -7.77 -15.89
CA HIS C 74 9.17 -8.53 -14.68
C HIS C 74 8.45 -9.86 -14.67
N CYS C 75 8.51 -10.62 -15.79
CA CYS C 75 7.93 -11.97 -15.90
C CYS C 75 8.65 -12.87 -14.89
N CYS C 76 9.96 -12.69 -14.86
CA CYS C 76 10.89 -13.28 -13.91
C CYS C 76 11.09 -14.80 -14.02
N VAL C 77 10.04 -15.56 -13.96
CA VAL C 77 10.18 -16.99 -13.92
C VAL C 77 10.56 -17.59 -15.26
N PRO C 78 11.66 -18.34 -15.39
CA PRO C 78 12.04 -19.01 -16.59
C PRO C 78 11.16 -20.21 -16.71
N THR C 79 10.82 -20.64 -17.90
CA THR C 79 10.13 -21.90 -18.02
C THR C 79 11.18 -22.94 -18.02
N ASP C 80 10.78 -24.18 -17.80
CA ASP C 80 11.72 -25.24 -18.00
C ASP C 80 12.02 -25.17 -19.50
N PRO C 81 13.27 -25.29 -19.95
CA PRO C 81 13.62 -25.34 -21.37
C PRO C 81 12.94 -26.49 -22.10
N ASN C 82 12.52 -27.50 -21.34
CA ASN C 82 11.85 -28.68 -21.85
C ASN C 82 10.61 -28.96 -20.99
N PRO C 83 9.48 -28.29 -21.24
CA PRO C 83 8.27 -28.34 -20.46
C PRO C 83 7.82 -29.76 -20.33
N GLN C 84 7.31 -30.10 -19.17
CA GLN C 84 6.87 -31.44 -18.89
C GLN C 84 5.43 -31.59 -19.24
N GLU C 85 5.05 -32.78 -19.66
CA GLU C 85 3.67 -33.07 -19.96
C GLU C 85 3.36 -34.51 -19.62
N ILE C 86 2.27 -34.73 -18.92
CA ILE C 86 1.89 -36.09 -18.56
C ILE C 86 0.64 -36.55 -19.23
N HIS C 87 0.73 -37.63 -19.98
CA HIS C 87 -0.43 -38.14 -20.67
C HIS C 87 -1.36 -38.82 -19.69
N LEU C 88 -2.64 -38.48 -19.72
CA LEU C 88 -3.58 -39.12 -18.82
C LEU C 88 -4.37 -40.20 -19.53
N GLU C 89 -3.80 -41.38 -19.65
CA GLU C 89 -4.51 -42.38 -20.40
C GLU C 89 -5.78 -42.72 -19.64
N ASN C 90 -6.84 -43.12 -20.37
CA ASN C 90 -8.18 -43.52 -19.91
C ASN C 90 -8.97 -42.37 -19.23
N VAL C 91 -8.56 -41.09 -19.43
CA VAL C 91 -9.28 -39.91 -18.93
C VAL C 91 -9.99 -39.15 -20.02
N THR C 92 -11.26 -38.89 -19.78
CA THR C 92 -12.08 -38.10 -20.67
C THR C 92 -12.44 -36.88 -19.86
N GLU C 93 -12.34 -35.70 -20.46
CA GLU C 93 -12.64 -34.48 -19.72
C GLU C 93 -13.46 -33.51 -20.51
N GLU C 94 -14.22 -32.67 -19.82
CA GLU C 94 -15.06 -31.66 -20.45
C GLU C 94 -14.47 -30.26 -20.49
N PHE C 95 -14.36 -29.72 -21.70
CA PHE C 95 -13.81 -28.39 -21.89
C PHE C 95 -14.83 -27.46 -22.51
N ASN C 96 -14.78 -26.18 -22.13
CA ASN C 96 -15.68 -25.22 -22.74
C ASN C 96 -14.99 -23.88 -22.83
N MET C 97 -14.52 -23.57 -24.02
CA MET C 97 -13.72 -22.40 -24.28
C MET C 97 -14.46 -21.08 -24.08
N TRP C 98 -15.77 -21.11 -24.05
CA TRP C 98 -16.52 -19.89 -23.97
C TRP C 98 -16.75 -19.46 -22.53
N LYS C 99 -16.36 -20.32 -21.59
CA LYS C 99 -16.53 -20.06 -20.17
C LYS C 99 -15.19 -20.19 -19.49
N ASN C 100 -14.15 -20.03 -20.25
CA ASN C 100 -12.82 -20.23 -19.76
C ASN C 100 -12.30 -19.02 -18.99
N ASN C 101 -12.14 -19.20 -17.70
CA ASN C 101 -11.71 -18.15 -16.80
C ASN C 101 -10.31 -17.67 -17.14
N MET C 102 -9.55 -18.50 -17.84
CA MET C 102 -8.21 -18.13 -18.22
C MET C 102 -8.26 -16.99 -19.21
N VAL C 103 -9.33 -16.90 -20.00
CA VAL C 103 -9.45 -15.86 -20.99
C VAL C 103 -9.70 -14.58 -20.26
N GLU C 104 -10.56 -14.64 -19.26
CA GLU C 104 -10.83 -13.40 -18.54
C GLU C 104 -9.61 -12.94 -17.81
N GLN C 105 -8.82 -13.86 -17.27
CA GLN C 105 -7.65 -13.39 -16.60
C GLN C 105 -6.67 -12.82 -17.58
N MET C 106 -6.51 -13.41 -18.76
CA MET C 106 -5.56 -12.82 -19.65
C MET C 106 -6.02 -11.44 -20.01
N HIS C 107 -7.30 -11.24 -20.23
CA HIS C 107 -7.77 -9.92 -20.58
C HIS C 107 -7.40 -8.92 -19.51
N THR C 108 -7.65 -9.25 -18.26
CA THR C 108 -7.31 -8.33 -17.20
C THR C 108 -5.82 -8.05 -17.13
N ASP C 109 -4.97 -9.07 -17.25
CA ASP C 109 -3.54 -8.84 -17.15
C ASP C 109 -3.03 -7.96 -18.26
N ILE C 110 -3.56 -8.12 -19.46
CA ILE C 110 -3.13 -7.31 -20.57
C ILE C 110 -3.49 -5.86 -20.34
N ILE C 111 -4.70 -5.61 -19.88
CA ILE C 111 -5.08 -4.23 -19.67
C ILE C 111 -4.27 -3.61 -18.56
N SER C 112 -4.10 -4.33 -17.46
CA SER C 112 -3.39 -3.76 -16.36
C SER C 112 -1.95 -3.43 -16.75
N LEU C 113 -1.26 -4.33 -17.46
CA LEU C 113 0.10 -4.05 -17.85
C LEU C 113 0.17 -2.87 -18.77
N TRP C 114 -0.80 -2.77 -19.66
CA TRP C 114 -0.83 -1.67 -20.59
C TRP C 114 -0.83 -0.35 -19.84
N ASP C 115 -1.74 -0.24 -18.89
CA ASP C 115 -1.85 1.00 -18.14
C ASP C 115 -0.64 1.24 -17.29
N GLN C 116 -0.05 0.18 -16.75
CA GLN C 116 1.12 0.34 -15.92
C GLN C 116 2.25 0.99 -16.72
N SER C 117 2.35 0.63 -17.99
CA SER C 117 3.39 1.17 -18.85
C SER C 117 3.24 2.65 -19.08
N LEU C 118 2.02 3.09 -19.34
CA LEU C 118 1.77 4.50 -19.60
C LEU C 118 1.67 5.36 -18.37
N LYS C 119 1.32 4.79 -17.23
CA LYS C 119 1.17 5.55 -16.01
C LYS C 119 2.28 6.57 -15.73
N PRO C 120 3.60 6.26 -15.83
CA PRO C 120 4.68 7.20 -15.60
C PRO C 120 5.15 8.10 -16.77
N CYS C 121 4.43 8.12 -17.92
CA CYS C 121 4.85 8.84 -19.13
C CYS C 121 4.25 10.25 -19.18
N VAL C 122 4.90 11.12 -19.93
CA VAL C 122 4.50 12.51 -20.08
C VAL C 122 3.12 12.69 -20.66
N LYS C 123 2.38 13.61 -20.07
CA LYS C 123 1.03 13.95 -20.50
C LYS C 123 1.13 14.92 -21.63
N LEU C 124 0.20 14.88 -22.57
CA LEU C 124 0.22 15.80 -23.68
C LEU C 124 -0.82 16.89 -23.63
N THR C 125 -1.34 17.15 -22.44
CA THR C 125 -2.34 18.19 -22.27
C THR C 125 -1.97 19.52 -22.98
N PRO C 126 -0.73 20.06 -22.89
CA PRO C 126 -0.30 21.30 -23.51
C PRO C 126 -0.45 21.35 -25.01
N LEU C 127 -0.66 20.22 -25.67
CA LEU C 127 -0.87 20.25 -27.12
C LEU C 127 -2.33 20.44 -27.55
N CYS C 128 -3.29 20.47 -26.59
CA CYS C 128 -4.71 20.61 -26.87
C CYS C 128 -5.05 22.11 -26.99
N VAL C 129 -4.49 22.69 -28.03
CA VAL C 129 -4.62 24.10 -28.33
C VAL C 129 -5.01 24.28 -29.77
N THR C 130 -5.45 25.47 -30.14
CA THR C 130 -5.78 25.68 -31.54
C THR C 130 -4.54 25.49 -32.38
N LEU C 131 -4.67 24.63 -33.37
CA LEU C 131 -3.63 24.25 -34.29
C LEU C 131 -3.93 24.83 -35.67
N GLN C 132 -2.94 25.41 -36.33
CA GLN C 132 -3.14 25.98 -37.68
C GLN C 132 -2.57 25.05 -38.74
N CYS C 133 -3.43 24.46 -39.63
CA CYS C 133 -3.02 23.44 -40.60
C CYS C 133 -3.31 23.79 -42.05
N THR C 134 -2.42 23.31 -42.90
CA THR C 134 -2.57 23.30 -44.36
C THR C 134 -2.27 21.87 -44.81
N ASN C 135 -2.61 21.55 -46.05
CA ASN C 135 -2.31 20.21 -46.62
C ASN C 135 -0.81 20.10 -46.93
N VAL C 136 -0.29 18.87 -47.03
CA VAL C 136 1.04 18.63 -47.60
C VAL C 136 0.86 18.36 -49.08
N THR C 137 1.59 19.11 -49.90
CA THR C 137 1.50 19.01 -51.36
C THR C 137 2.85 18.67 -51.99
N ASN C 138 3.84 18.43 -51.16
CA ASN C 138 5.17 18.25 -51.71
C ASN C 138 5.47 16.86 -52.17
N ASN C 139 5.35 16.65 -53.47
CA ASN C 139 5.62 15.37 -54.11
C ASN C 139 4.82 14.27 -53.46
N ILE C 140 3.56 14.55 -53.27
CA ILE C 140 2.66 13.64 -52.62
C ILE C 140 1.74 13.00 -53.64
N THR C 141 1.53 11.69 -53.50
CA THR C 141 0.62 11.02 -54.42
C THR C 141 -0.83 11.31 -54.10
N ASP C 142 -1.70 10.93 -55.02
CA ASP C 142 -3.12 11.22 -54.90
C ASP C 142 -3.78 10.62 -53.68
N ASP C 143 -3.34 9.44 -53.31
CA ASP C 143 -3.91 8.71 -52.19
C ASP C 143 -3.73 9.40 -50.86
N MET C 144 -2.72 10.25 -50.75
CA MET C 144 -2.45 10.92 -49.50
C MET C 144 -2.86 12.38 -49.50
N ARG C 145 -3.55 12.81 -50.54
CA ARG C 145 -3.91 14.21 -50.53
C ARG C 145 -5.02 14.37 -49.55
N GLY C 146 -4.84 15.30 -48.65
CA GLY C 146 -5.84 15.57 -47.65
C GLY C 146 -5.66 14.67 -46.42
N GLU C 147 -4.73 13.70 -46.49
CA GLU C 147 -4.53 12.79 -45.38
C GLU C 147 -3.38 13.25 -44.54
N LEU C 148 -2.34 13.73 -45.19
CA LEU C 148 -1.20 14.20 -44.42
C LEU C 148 -1.26 15.73 -44.33
N LYS C 149 -1.18 16.26 -43.10
CA LYS C 149 -1.25 17.70 -42.86
C LYS C 149 0.02 18.28 -42.23
N ASN C 150 0.31 19.56 -42.55
CA ASN C 150 1.39 20.38 -42.00
C ASN C 150 0.79 21.42 -41.05
N CYS C 151 1.03 21.27 -39.72
CA CYS C 151 0.39 22.09 -38.70
C CYS C 151 1.38 22.81 -37.77
N SER C 152 1.05 24.04 -37.39
CA SER C 152 1.87 24.81 -36.46
C SER C 152 1.07 25.32 -35.27
N PHE C 153 1.78 25.52 -34.17
CA PHE C 153 1.15 25.98 -32.94
C PHE C 153 2.09 26.68 -31.94
N ASN C 154 1.47 27.38 -30.97
CA ASN C 154 2.12 28.06 -29.84
C ASN C 154 2.09 27.17 -28.59
N MET C 155 3.27 26.68 -28.15
CA MET C 155 3.46 25.79 -26.99
C MET C 155 4.55 26.34 -26.10
N THR C 156 4.51 26.04 -24.81
CA THR C 156 5.50 26.62 -23.90
C THR C 156 6.84 25.95 -24.02
N THR C 157 7.86 26.59 -23.46
CA THR C 157 9.24 26.10 -23.38
C THR C 157 9.42 25.57 -22.00
N GLU C 158 10.69 25.40 -21.58
CA GLU C 158 10.94 24.87 -20.25
C GLU C 158 10.55 25.86 -19.16
N LEU C 159 10.45 27.15 -19.49
CA LEU C 159 10.07 28.12 -18.49
C LEU C 159 8.64 28.43 -18.71
N ARG C 160 7.91 28.66 -17.65
CA ARG C 160 6.49 28.98 -17.84
C ARG C 160 6.29 30.36 -18.43
N ASP C 161 7.33 31.16 -18.43
CA ASP C 161 7.28 32.51 -18.93
C ASP C 161 7.54 32.64 -20.42
N LYS C 162 7.87 31.56 -21.12
CA LYS C 162 8.16 31.74 -22.53
C LYS C 162 7.49 30.71 -23.42
N LYS C 163 7.17 31.14 -24.64
CA LYS C 163 6.59 30.27 -25.62
C LYS C 163 7.44 30.14 -26.85
N GLN C 164 7.21 29.06 -27.57
CA GLN C 164 7.88 28.76 -28.82
C GLN C 164 6.89 28.40 -29.91
N LYS C 165 7.24 28.74 -31.13
CA LYS C 165 6.43 28.35 -32.26
C LYS C 165 7.02 27.10 -32.85
N VAL C 166 6.22 26.07 -32.89
CA VAL C 166 6.68 24.79 -33.37
C VAL C 166 5.73 24.24 -34.41
N TYR C 167 6.18 23.24 -35.14
CA TYR C 167 5.31 22.61 -36.10
C TYR C 167 5.62 21.14 -36.23
N SER C 168 4.66 20.42 -36.75
CA SER C 168 4.77 18.98 -36.98
C SER C 168 3.79 18.49 -38.01
N LEU C 169 3.98 17.26 -38.44
CA LEU C 169 3.01 16.70 -39.36
C LEU C 169 2.04 15.82 -38.60
N PHE C 170 0.82 15.80 -39.07
CA PHE C 170 -0.27 15.00 -38.51
C PHE C 170 -1.07 14.24 -39.53
N TYR C 171 -1.69 13.17 -39.11
CA TYR C 171 -2.59 12.49 -40.00
C TYR C 171 -4.00 13.00 -39.75
N ARG C 172 -4.78 13.13 -40.80
CA ARG C 172 -6.14 13.65 -40.73
C ARG C 172 -7.00 12.95 -39.72
N LEU C 173 -6.81 11.67 -39.52
CA LEU C 173 -7.68 10.96 -38.62
C LEU C 173 -7.66 11.50 -37.20
N ASP C 174 -6.55 12.11 -36.79
CA ASP C 174 -6.42 12.61 -35.43
C ASP C 174 -6.60 14.12 -35.29
N VAL C 175 -7.02 14.78 -36.36
CA VAL C 175 -7.14 16.23 -36.32
C VAL C 175 -8.58 16.66 -36.62
N VAL C 176 -9.20 17.42 -35.72
CA VAL C 176 -10.60 17.80 -35.93
C VAL C 176 -10.77 19.27 -36.19
N GLN C 177 -11.53 19.58 -37.23
CA GLN C 177 -11.75 20.94 -37.68
C GLN C 177 -12.62 21.76 -36.76
N ILE C 178 -12.22 23.00 -36.58
CA ILE C 178 -12.97 23.94 -35.78
C ILE C 178 -13.88 24.78 -36.67
N ASN C 179 -15.20 24.78 -36.37
CA ASN C 179 -16.27 25.51 -37.06
C ASN C 179 -16.27 25.21 -38.57
N ASN C 190 -11.70 27.08 -39.70
CA ASN C 190 -11.55 26.60 -41.08
C ASN C 190 -10.19 25.90 -41.24
N LYS C 191 -9.08 26.66 -41.06
CA LYS C 191 -7.68 26.15 -41.08
C LYS C 191 -7.31 25.76 -39.66
N GLU C 192 -8.22 26.04 -38.74
CA GLU C 192 -8.00 25.80 -37.34
C GLU C 192 -8.55 24.43 -36.93
N TYR C 193 -7.73 23.69 -36.19
CA TYR C 193 -8.02 22.34 -35.72
C TYR C 193 -7.65 22.07 -34.26
N ARG C 194 -8.29 21.07 -33.65
CA ARG C 194 -7.93 20.59 -32.31
C ARG C 194 -7.50 19.15 -32.39
N LEU C 195 -6.88 18.64 -31.35
CA LEU C 195 -6.58 17.23 -31.35
C LEU C 195 -7.92 16.54 -31.26
N ILE C 196 -8.04 15.41 -31.93
CA ILE C 196 -9.31 14.70 -31.97
C ILE C 196 -9.93 14.40 -30.64
N ASN C 197 -9.15 14.14 -29.61
CA ASN C 197 -9.74 13.83 -28.33
C ASN C 197 -9.69 14.92 -27.24
N CYS C 198 -9.48 16.21 -27.60
CA CYS C 198 -9.39 17.33 -26.63
C CYS C 198 -10.52 17.42 -25.60
N ASN C 199 -11.72 17.20 -26.04
CA ASN C 199 -12.89 17.27 -25.19
C ASN C 199 -13.38 15.87 -24.73
N THR C 200 -12.61 14.79 -25.03
CA THR C 200 -12.95 13.39 -24.82
C THR C 200 -12.07 12.62 -23.87
N SER C 201 -10.76 12.73 -24.01
CA SER C 201 -9.88 11.92 -23.19
C SER C 201 -8.56 12.54 -22.85
N ALA C 202 -7.94 12.02 -21.80
CA ALA C 202 -6.60 12.44 -21.47
C ALA C 202 -5.67 11.77 -22.46
N ILE C 203 -4.67 12.49 -22.94
CA ILE C 203 -3.75 11.86 -23.86
C ILE C 203 -2.39 11.74 -23.21
N THR C 204 -1.89 10.52 -23.17
CA THR C 204 -0.60 10.23 -22.58
C THR C 204 0.33 9.77 -23.69
N GLN C 205 1.52 10.34 -23.74
CA GLN C 205 2.46 9.92 -24.78
C GLN C 205 3.07 8.62 -24.39
N ALA C 206 3.16 7.70 -25.30
CA ALA C 206 3.87 6.49 -24.94
C ALA C 206 5.32 6.88 -24.76
N CYS C 207 6.01 6.30 -23.76
CA CYS C 207 7.44 6.55 -23.53
C CYS C 207 8.27 5.94 -24.67
N PRO C 208 9.35 6.59 -25.07
CA PRO C 208 10.27 6.14 -26.06
C PRO C 208 11.01 5.01 -25.42
N LYS C 209 11.59 4.15 -26.24
CA LYS C 209 12.35 2.99 -25.78
C LYS C 209 11.50 2.02 -25.01
N VAL C 210 10.26 1.89 -25.43
CA VAL C 210 9.34 0.93 -24.89
C VAL C 210 8.88 0.12 -26.04
N SER C 211 8.98 -1.18 -25.91
CA SER C 211 8.56 -2.02 -27.01
C SER C 211 7.20 -2.59 -26.78
N PHE C 212 6.44 -2.70 -27.86
CA PHE C 212 5.14 -3.32 -27.80
C PHE C 212 5.14 -4.67 -28.48
N GLU C 213 6.30 -5.10 -28.92
CA GLU C 213 6.40 -6.35 -29.67
C GLU C 213 5.97 -7.52 -28.80
N PRO C 214 5.03 -8.34 -29.22
CA PRO C 214 4.57 -9.47 -28.45
C PRO C 214 5.69 -10.45 -28.08
N ILE C 215 5.71 -10.85 -26.83
CA ILE C 215 6.63 -11.82 -26.26
C ILE C 215 5.78 -12.99 -25.85
N PRO C 216 6.06 -14.23 -26.22
CA PRO C 216 5.25 -15.33 -25.81
C PRO C 216 5.20 -15.37 -24.29
N ILE C 217 4.02 -15.44 -23.76
CA ILE C 217 3.81 -15.52 -22.32
C ILE C 217 3.33 -16.89 -21.99
N HIS C 218 3.97 -17.52 -21.05
CA HIS C 218 3.51 -18.83 -20.67
C HIS C 218 2.76 -18.67 -19.38
N TYR C 219 1.51 -19.12 -19.30
CA TYR C 219 0.86 -19.03 -18.01
C TYR C 219 1.15 -20.29 -17.26
N CYS C 220 1.43 -20.17 -15.96
CA CYS C 220 1.73 -21.27 -15.06
C CYS C 220 0.79 -21.25 -13.87
N ALA C 221 0.39 -22.44 -13.45
CA ALA C 221 -0.46 -22.58 -12.28
C ALA C 221 0.38 -22.71 -11.02
N PRO C 222 -0.08 -22.22 -9.88
CA PRO C 222 0.53 -22.36 -8.58
C PRO C 222 0.37 -23.76 -8.06
N ALA C 223 1.21 -24.12 -7.13
CA ALA C 223 1.09 -25.45 -6.57
C ALA C 223 -0.28 -25.65 -6.00
N GLY C 224 -0.81 -26.84 -6.20
CA GLY C 224 -2.12 -27.21 -5.73
C GLY C 224 -3.12 -27.16 -6.87
N PHE C 225 -2.70 -26.59 -7.99
CA PHE C 225 -3.49 -26.46 -9.20
C PHE C 225 -2.78 -27.07 -10.39
N ALA C 226 -3.54 -27.38 -11.41
CA ALA C 226 -2.95 -27.96 -12.61
C ALA C 226 -3.69 -27.50 -13.84
N ILE C 227 -3.03 -27.53 -14.99
CA ILE C 227 -3.71 -27.15 -16.20
C ILE C 227 -3.88 -28.37 -17.10
N LEU C 228 -5.09 -28.64 -17.49
CA LEU C 228 -5.34 -29.79 -18.35
C LEU C 228 -5.41 -29.29 -19.77
N LYS C 229 -4.94 -30.11 -20.69
CA LYS C 229 -4.94 -29.72 -22.09
C LYS C 229 -5.50 -30.82 -23.01
N CYS C 230 -6.25 -30.44 -24.09
CA CYS C 230 -6.76 -31.38 -25.10
C CYS C 230 -5.76 -31.53 -26.25
N LYS C 231 -5.35 -32.76 -26.53
CA LYS C 231 -4.50 -33.03 -27.67
C LYS C 231 -5.35 -33.62 -28.78
N ASP C 232 -6.61 -33.82 -28.44
CA ASP C 232 -7.60 -34.42 -29.31
C ASP C 232 -7.71 -33.56 -30.55
N LYS C 233 -7.52 -34.17 -31.70
CA LYS C 233 -7.50 -33.45 -32.96
C LYS C 233 -8.89 -33.09 -33.41
N LYS C 234 -9.00 -32.00 -34.15
CA LYS C 234 -10.26 -31.54 -34.72
C LYS C 234 -11.27 -31.29 -33.61
N PHE C 235 -10.80 -30.75 -32.50
CA PHE C 235 -11.64 -30.42 -31.37
C PHE C 235 -12.08 -28.96 -31.47
N ASN C 236 -13.42 -28.71 -31.42
CA ASN C 236 -13.99 -27.37 -31.60
C ASN C 236 -14.13 -26.56 -30.30
N GLY C 237 -13.66 -27.07 -29.15
CA GLY C 237 -13.65 -26.38 -27.86
C GLY C 237 -14.91 -26.42 -27.01
N THR C 238 -15.98 -27.10 -27.41
CA THR C 238 -17.15 -27.05 -26.53
C THR C 238 -17.59 -28.36 -25.90
N GLY C 239 -17.04 -29.48 -26.31
CA GLY C 239 -17.50 -30.76 -25.76
C GLY C 239 -16.40 -31.50 -25.02
N PRO C 240 -16.64 -32.77 -24.67
CA PRO C 240 -15.72 -33.66 -24.03
C PRO C 240 -14.60 -33.89 -25.02
N CYS C 241 -13.37 -34.14 -24.54
CA CYS C 241 -12.24 -34.49 -25.39
C CYS C 241 -11.53 -35.66 -24.73
N THR C 242 -10.85 -36.43 -25.56
CA THR C 242 -10.03 -37.52 -25.10
C THR C 242 -8.62 -37.04 -25.29
N ASN C 243 -7.61 -37.90 -25.13
CA ASN C 243 -6.21 -37.47 -25.33
C ASN C 243 -5.88 -36.22 -24.48
N VAL C 244 -6.19 -36.26 -23.19
CA VAL C 244 -5.98 -35.19 -22.22
C VAL C 244 -4.63 -35.36 -21.55
N SER C 245 -3.91 -34.26 -21.38
CA SER C 245 -2.63 -34.29 -20.69
C SER C 245 -2.55 -33.20 -19.66
N THR C 246 -1.65 -33.37 -18.71
CA THR C 246 -1.47 -32.36 -17.67
C THR C 246 -0.15 -31.65 -17.77
N VAL C 247 -0.23 -30.33 -17.68
CA VAL C 247 0.96 -29.51 -17.71
C VAL C 247 0.95 -28.53 -16.57
N GLN C 248 2.12 -28.01 -16.25
CA GLN C 248 2.22 -26.96 -15.26
C GLN C 248 2.07 -25.55 -15.87
N CYS C 249 2.53 -25.38 -17.14
CA CYS C 249 2.56 -24.15 -17.89
C CYS C 249 2.04 -24.40 -19.29
N THR C 250 1.39 -23.39 -19.86
CA THR C 250 0.86 -23.43 -21.21
C THR C 250 1.97 -23.15 -22.18
N HIS C 251 1.68 -23.34 -23.46
CA HIS C 251 2.63 -22.99 -24.50
C HIS C 251 2.72 -21.49 -24.47
N GLY C 252 3.73 -20.91 -25.06
CA GLY C 252 3.75 -19.47 -24.98
C GLY C 252 2.74 -18.91 -25.93
N ILE C 253 2.02 -17.91 -25.48
CA ILE C 253 1.06 -17.23 -26.33
C ILE C 253 1.49 -15.82 -26.56
N LYS C 254 1.60 -15.42 -27.82
CA LYS C 254 1.96 -14.04 -28.06
C LYS C 254 0.72 -13.19 -27.93
N PRO C 255 0.72 -12.10 -27.15
CA PRO C 255 -0.39 -11.21 -26.95
C PRO C 255 -0.55 -10.29 -28.13
N VAL C 256 -0.92 -10.85 -29.25
CA VAL C 256 -1.07 -10.08 -30.46
C VAL C 256 -2.40 -9.39 -30.45
N VAL C 257 -2.40 -8.12 -30.77
CA VAL C 257 -3.64 -7.39 -30.81
C VAL C 257 -4.03 -7.08 -32.23
N SER C 258 -5.19 -7.55 -32.64
CA SER C 258 -5.69 -7.31 -33.97
C SER C 258 -7.21 -7.38 -33.99
N THR C 259 -7.81 -6.96 -35.10
CA THR C 259 -9.27 -7.03 -35.19
C THR C 259 -9.83 -8.16 -36.06
N GLN C 260 -10.13 -7.86 -37.30
CA GLN C 260 -10.82 -8.80 -38.18
C GLN C 260 -10.07 -10.09 -38.53
N LEU C 261 -8.77 -10.00 -38.67
CA LEU C 261 -7.99 -11.17 -39.00
C LEU C 261 -7.00 -11.37 -37.88
N LEU C 262 -6.72 -12.61 -37.57
CA LEU C 262 -5.77 -12.91 -36.53
C LEU C 262 -4.41 -12.85 -37.10
N LEU C 263 -3.42 -12.64 -36.25
CA LEU C 263 -2.06 -12.66 -36.72
C LEU C 263 -1.16 -13.41 -35.74
N ASN C 264 -0.22 -14.23 -36.27
CA ASN C 264 0.84 -14.98 -35.60
C ASN C 264 0.34 -15.91 -34.49
N GLY C 265 -0.79 -16.61 -34.71
CA GLY C 265 -1.37 -17.58 -33.78
C GLY C 265 -0.92 -18.98 -34.17
N SER C 266 -1.53 -19.97 -33.56
CA SER C 266 -1.20 -21.34 -33.85
C SER C 266 -2.05 -21.82 -35.01
N LEU C 267 -1.55 -22.80 -35.75
CA LEU C 267 -2.35 -23.41 -36.80
C LEU C 267 -3.02 -24.67 -36.32
N ALA C 268 -4.15 -24.96 -36.94
CA ALA C 268 -4.88 -26.19 -36.70
C ALA C 268 -4.14 -27.31 -37.38
N GLU C 269 -4.29 -28.52 -36.91
CA GLU C 269 -3.67 -29.61 -37.64
C GLU C 269 -4.71 -30.26 -38.51
N GLU C 270 -4.32 -30.68 -39.70
CA GLU C 270 -5.14 -31.45 -40.65
C GLU C 270 -6.34 -30.74 -41.30
N GLU C 271 -7.20 -30.12 -40.51
CA GLU C 271 -8.39 -29.46 -41.04
C GLU C 271 -8.64 -28.08 -40.47
N VAL C 272 -9.37 -27.27 -41.22
CA VAL C 272 -9.81 -25.97 -40.75
C VAL C 272 -10.90 -26.20 -39.73
N ILE C 273 -10.82 -25.55 -38.58
CA ILE C 273 -11.82 -25.76 -37.55
C ILE C 273 -12.70 -24.54 -37.35
N ILE C 274 -14.00 -24.75 -37.43
CA ILE C 274 -14.95 -23.66 -37.25
C ILE C 274 -15.46 -23.68 -35.83
N ARG C 275 -15.19 -22.64 -35.05
CA ARG C 275 -15.62 -22.66 -33.66
C ARG C 275 -16.56 -21.52 -33.31
N SER C 276 -17.62 -21.85 -32.61
CA SER C 276 -18.53 -20.82 -32.15
C SER C 276 -19.22 -21.36 -30.94
N GLU C 277 -19.80 -20.50 -30.13
CA GLU C 277 -20.58 -20.98 -28.99
C GLU C 277 -21.89 -21.67 -29.40
N ASN C 278 -22.64 -21.04 -30.33
CA ASN C 278 -23.92 -21.45 -30.89
C ASN C 278 -24.01 -20.93 -32.32
N ILE C 279 -23.84 -21.81 -33.34
CA ILE C 279 -23.78 -21.45 -34.78
C ILE C 279 -25.05 -20.78 -35.24
N THR C 280 -26.16 -21.29 -34.76
CA THR C 280 -27.47 -20.82 -35.07
C THR C 280 -27.71 -19.36 -34.67
N ASN C 281 -27.15 -18.91 -33.55
CA ASN C 281 -27.42 -17.57 -33.10
C ASN C 281 -26.48 -16.58 -33.79
N ASN C 282 -27.02 -15.70 -34.62
CA ASN C 282 -26.21 -14.76 -35.42
C ASN C 282 -25.40 -13.80 -34.58
N ALA C 283 -25.78 -13.65 -33.32
CA ALA C 283 -25.11 -12.75 -32.41
C ALA C 283 -23.73 -13.25 -31.99
N LYS C 284 -23.46 -14.53 -32.20
CA LYS C 284 -22.19 -15.08 -31.79
C LYS C 284 -21.16 -14.96 -32.90
N ASN C 285 -19.89 -14.83 -32.54
CA ASN C 285 -18.86 -14.73 -33.56
C ASN C 285 -18.35 -16.11 -33.90
N ILE C 286 -17.82 -16.25 -35.10
CA ILE C 286 -17.21 -17.48 -35.52
C ILE C 286 -15.72 -17.33 -35.62
N LEU C 287 -15.02 -18.19 -34.92
CA LEU C 287 -13.59 -18.14 -34.94
C LEU C 287 -13.12 -19.23 -35.88
N VAL C 288 -12.45 -18.86 -36.94
CA VAL C 288 -12.01 -19.84 -37.91
C VAL C 288 -10.54 -20.06 -37.79
N GLN C 289 -10.13 -21.28 -37.48
CA GLN C 289 -8.70 -21.54 -37.36
C GLN C 289 -8.20 -22.30 -38.56
N LEU C 290 -7.29 -21.70 -39.27
CA LEU C 290 -6.75 -22.30 -40.47
C LEU C 290 -5.68 -23.30 -40.09
N ASN C 291 -5.46 -24.34 -40.93
CA ASN C 291 -4.41 -25.35 -40.77
C ASN C 291 -3.12 -25.02 -41.58
N GLU C 292 -3.11 -23.91 -42.34
CA GLU C 292 -2.00 -23.39 -43.15
C GLU C 292 -2.03 -21.89 -42.97
N SER C 293 -0.88 -21.26 -42.93
CA SER C 293 -0.86 -19.83 -42.83
C SER C 293 -1.04 -19.16 -44.17
N VAL C 294 -1.37 -17.90 -44.13
CA VAL C 294 -1.46 -17.06 -45.30
C VAL C 294 -0.50 -15.94 -45.07
N GLN C 295 0.42 -15.74 -45.99
CA GLN C 295 1.39 -14.70 -45.76
C GLN C 295 0.92 -13.34 -46.18
N ILE C 296 1.11 -12.40 -45.27
CA ILE C 296 0.80 -10.99 -45.49
C ILE C 296 2.03 -10.09 -45.23
N ASN C 297 2.38 -9.22 -46.21
CA ASN C 297 3.52 -8.28 -46.19
C ASN C 297 3.01 -6.84 -46.10
N CYS C 298 3.24 -6.16 -44.96
CA CYS C 298 2.73 -4.80 -44.71
C CYS C 298 3.87 -3.79 -44.61
N THR C 299 3.59 -2.60 -45.11
CA THR C 299 4.57 -1.53 -45.07
C THR C 299 4.02 -0.13 -44.91
N ARG C 300 4.90 0.70 -44.39
CA ARG C 300 4.73 2.13 -44.26
C ARG C 300 5.90 2.65 -45.07
N PRO C 301 5.73 2.84 -46.39
CA PRO C 301 6.76 3.07 -47.39
C PRO C 301 7.52 4.38 -47.29
N ASN C 302 7.01 5.32 -46.53
CA ASN C 302 7.65 6.62 -46.41
C ASN C 302 8.84 6.55 -45.47
N ASN C 303 9.94 7.28 -45.79
CA ASN C 303 11.14 7.41 -44.97
C ASN C 303 10.94 8.64 -44.07
N ASN C 304 10.51 8.41 -42.80
CA ASN C 304 10.12 9.52 -41.93
C ASN C 304 11.28 10.04 -41.10
N THR C 305 10.99 11.09 -40.35
CA THR C 305 11.92 11.70 -39.40
C THR C 305 11.20 12.01 -38.11
N ARG C 306 11.97 12.24 -37.05
CA ARG C 306 11.36 12.61 -35.80
C ARG C 306 11.99 13.83 -35.16
N LYS C 307 11.13 14.70 -34.66
CA LYS C 307 11.55 15.88 -33.94
C LYS C 307 11.29 15.65 -32.49
N SER C 308 12.07 16.30 -31.66
CA SER C 308 11.87 16.19 -30.23
C SER C 308 11.87 17.57 -29.63
N ILE C 309 10.73 17.94 -29.08
CA ILE C 309 10.51 19.27 -28.56
C ILE C 309 10.50 19.28 -27.05
N ARG C 310 11.40 20.05 -26.46
CA ARG C 310 11.44 20.10 -25.01
C ARG C 310 10.39 21.05 -24.54
N ILE C 311 9.61 20.60 -23.56
CA ILE C 311 8.59 21.41 -22.94
C ILE C 311 8.67 21.26 -21.43
N GLY C 312 8.33 22.29 -20.67
CA GLY C 312 8.26 22.08 -19.25
C GLY C 312 9.63 21.71 -18.69
N PRO C 313 9.66 21.27 -17.44
CA PRO C 313 10.84 20.94 -16.68
C PRO C 313 11.40 19.58 -17.06
N GLY C 314 11.97 19.52 -18.26
CA GLY C 314 12.57 18.31 -18.77
C GLY C 314 11.64 17.30 -19.42
N GLN C 315 10.46 17.71 -19.87
CA GLN C 315 9.57 16.75 -20.49
C GLN C 315 9.74 16.79 -21.99
N TRP C 316 9.53 15.67 -22.67
CA TRP C 316 9.69 15.77 -24.12
C TRP C 316 8.55 15.23 -24.92
N PHE C 317 8.23 15.98 -25.94
CA PHE C 317 7.23 15.64 -26.92
C PHE C 317 7.82 15.20 -28.23
N TYR C 318 7.38 14.04 -28.70
CA TYR C 318 7.89 13.56 -29.96
C TYR C 318 6.92 13.83 -31.06
N ALA C 319 7.43 14.30 -32.18
CA ALA C 319 6.56 14.66 -33.28
C ALA C 319 7.11 14.31 -34.64
N THR C 320 6.20 14.05 -35.57
CA THR C 320 6.58 13.72 -36.93
C THR C 320 7.25 14.90 -37.61
N GLY C 321 8.41 14.64 -38.22
CA GLY C 321 9.14 15.66 -38.95
C GLY C 321 8.84 15.52 -40.43
N ASP C 322 9.63 16.14 -41.28
CA ASP C 322 9.38 16.03 -42.71
C ASP C 322 9.69 14.65 -43.25
N ILE C 323 9.05 14.30 -44.35
CA ILE C 323 9.30 13.03 -45.02
C ILE C 323 10.38 13.18 -46.07
N ILE C 324 11.31 12.24 -46.07
CA ILE C 324 12.41 12.18 -46.99
C ILE C 324 11.98 11.42 -48.22
N GLY C 325 12.18 12.00 -49.40
CA GLY C 325 11.75 11.33 -50.60
C GLY C 325 10.30 11.67 -50.81
N ASP C 326 9.61 10.90 -51.64
CA ASP C 326 8.24 11.27 -51.96
C ASP C 326 7.30 10.72 -50.90
N ILE C 327 6.02 11.01 -51.04
CA ILE C 327 5.05 10.51 -50.09
C ILE C 327 4.09 9.53 -50.75
N ARG C 328 4.07 8.33 -50.19
CA ARG C 328 3.28 7.21 -50.71
C ARG C 328 2.31 6.67 -49.67
N GLN C 329 1.30 5.96 -50.12
CA GLN C 329 0.31 5.38 -49.23
C GLN C 329 0.74 4.02 -48.65
N ALA C 330 0.32 3.78 -47.41
CA ALA C 330 0.58 2.53 -46.69
C ALA C 330 -0.23 1.42 -47.30
N HIS C 331 0.31 0.21 -47.26
CA HIS C 331 -0.42 -0.92 -47.83
C HIS C 331 0.05 -2.30 -47.32
N CYS C 332 -0.79 -3.34 -47.56
CA CYS C 332 -0.50 -4.75 -47.28
C CYS C 332 -0.76 -5.63 -48.51
N ASN C 333 0.18 -6.57 -48.74
CA ASN C 333 0.06 -7.55 -49.83
C ASN C 333 -0.30 -8.91 -49.23
N VAL C 334 -1.34 -9.55 -49.80
CA VAL C 334 -1.78 -10.91 -49.46
C VAL C 334 -1.64 -11.78 -50.68
N SER C 335 -0.94 -12.91 -50.57
CA SER C 335 -0.80 -13.70 -51.81
C SER C 335 -2.18 -14.04 -52.35
N LYS C 336 -2.44 -13.77 -53.63
CA LYS C 336 -3.79 -14.01 -54.12
C LYS C 336 -4.19 -15.44 -54.23
N ALA C 337 -3.32 -16.29 -54.74
CA ALA C 337 -3.74 -17.65 -54.89
C ALA C 337 -4.00 -18.26 -53.54
N THR C 338 -3.18 -17.92 -52.57
CA THR C 338 -3.33 -18.49 -51.28
C THR C 338 -4.63 -18.06 -50.70
N TRP C 339 -4.95 -16.78 -50.80
CA TRP C 339 -6.20 -16.31 -50.23
C TRP C 339 -7.42 -17.00 -50.82
N ASN C 340 -7.46 -17.18 -52.14
CA ASN C 340 -8.62 -17.83 -52.78
C ASN C 340 -8.76 -19.25 -52.22
N GLU C 341 -7.67 -20.01 -52.26
CA GLU C 341 -7.68 -21.40 -51.80
C GLU C 341 -8.13 -21.47 -50.35
N THR C 342 -7.69 -20.51 -49.55
CA THR C 342 -8.03 -20.46 -48.15
C THR C 342 -9.50 -20.31 -47.98
N LEU C 343 -10.13 -19.42 -48.71
CA LEU C 343 -11.54 -19.34 -48.50
C LEU C 343 -12.21 -20.62 -48.97
N GLY C 344 -11.75 -21.22 -50.06
CA GLY C 344 -12.46 -22.42 -50.47
C GLY C 344 -12.43 -23.48 -49.36
N LYS C 345 -11.31 -23.59 -48.66
CA LYS C 345 -11.17 -24.53 -47.56
C LYS C 345 -12.15 -24.22 -46.43
N VAL C 346 -12.34 -22.93 -46.17
CA VAL C 346 -13.23 -22.49 -45.12
C VAL C 346 -14.66 -22.76 -45.48
N VAL C 347 -15.02 -22.49 -46.71
CA VAL C 347 -16.37 -22.69 -47.14
C VAL C 347 -16.72 -24.15 -47.06
N LYS C 348 -15.81 -25.00 -47.50
CA LYS C 348 -16.08 -26.42 -47.45
C LYS C 348 -16.43 -26.85 -46.03
N GLN C 349 -15.74 -26.32 -45.01
CA GLN C 349 -16.11 -26.68 -43.66
C GLN C 349 -17.42 -26.04 -43.23
N LEU C 350 -17.69 -24.82 -43.68
CA LEU C 350 -18.94 -24.19 -43.29
C LEU C 350 -20.12 -24.99 -43.79
N ARG C 351 -20.00 -25.60 -44.95
CA ARG C 351 -21.09 -26.36 -45.55
C ARG C 351 -21.60 -27.47 -44.64
N LYS C 352 -20.77 -27.96 -43.73
CA LYS C 352 -21.22 -29.01 -42.85
C LYS C 352 -22.45 -28.57 -42.07
N HIS C 353 -22.52 -27.27 -41.76
CA HIS C 353 -23.63 -26.74 -41.00
C HIS C 353 -24.56 -25.92 -41.89
N PHE C 354 -24.03 -25.44 -43.01
CA PHE C 354 -24.81 -24.55 -43.86
C PHE C 354 -25.36 -25.09 -45.19
N GLY C 355 -25.04 -26.33 -45.58
CA GLY C 355 -25.59 -26.94 -46.79
C GLY C 355 -24.63 -27.11 -47.99
N ASN C 356 -24.86 -28.17 -48.81
CA ASN C 356 -24.05 -28.49 -50.01
C ASN C 356 -24.50 -27.70 -51.25
N ASN C 357 -25.82 -27.43 -51.36
CA ASN C 357 -26.46 -26.76 -52.48
C ASN C 357 -26.76 -25.33 -52.15
N THR C 358 -26.22 -24.87 -51.05
CA THR C 358 -26.44 -23.53 -50.60
C THR C 358 -25.32 -22.64 -51.03
N ILE C 359 -25.56 -21.36 -50.96
CA ILE C 359 -24.56 -20.41 -51.37
C ILE C 359 -23.97 -19.69 -50.20
N ILE C 360 -22.66 -19.72 -50.16
CA ILE C 360 -21.92 -19.07 -49.12
C ILE C 360 -21.22 -17.88 -49.68
N ARG C 361 -21.50 -16.73 -49.12
CA ARG C 361 -20.88 -15.53 -49.63
C ARG C 361 -20.06 -14.81 -48.62
N PHE C 362 -19.06 -14.11 -49.12
CA PHE C 362 -18.26 -13.25 -48.29
C PHE C 362 -18.44 -11.83 -48.76
N ALA C 363 -18.54 -10.95 -47.79
CA ALA C 363 -18.74 -9.55 -48.05
C ALA C 363 -18.03 -8.73 -46.99
N ASN C 364 -17.82 -7.42 -47.27
CA ASN C 364 -17.20 -6.48 -46.34
C ASN C 364 -18.17 -6.11 -45.20
N SER C 365 -17.62 -5.66 -44.07
CA SER C 365 -18.35 -5.31 -42.85
C SER C 365 -19.18 -4.04 -42.93
N SER C 366 -20.03 -3.88 -41.94
CA SER C 366 -20.89 -2.72 -41.80
C SER C 366 -20.03 -1.56 -41.36
N GLY C 367 -20.56 -0.34 -41.37
CA GLY C 367 -19.75 0.80 -40.97
C GLY C 367 -19.58 0.90 -39.46
N GLY C 368 -18.76 1.84 -39.02
CA GLY C 368 -18.45 2.01 -37.61
C GLY C 368 -17.03 2.54 -37.48
N ASP C 369 -16.48 2.47 -36.28
CA ASP C 369 -15.13 2.95 -36.00
C ASP C 369 -14.10 2.16 -36.78
N LEU C 370 -12.94 2.73 -37.03
CA LEU C 370 -11.94 1.98 -37.77
C LEU C 370 -11.57 0.69 -37.07
N GLU C 371 -11.65 0.63 -35.75
CA GLU C 371 -11.26 -0.64 -35.11
C GLU C 371 -12.35 -1.70 -35.21
N VAL C 372 -13.42 -1.37 -35.90
CA VAL C 372 -14.51 -2.27 -36.20
C VAL C 372 -14.46 -2.62 -37.69
N THR C 373 -14.29 -1.59 -38.53
CA THR C 373 -14.41 -1.75 -39.97
C THR C 373 -13.13 -2.12 -40.69
N THR C 374 -11.98 -1.89 -40.09
CA THR C 374 -10.72 -2.21 -40.75
C THR C 374 -9.95 -3.24 -39.96
N HIS C 375 -8.89 -3.72 -40.57
CA HIS C 375 -8.00 -4.65 -39.94
C HIS C 375 -6.91 -3.89 -39.23
N SER C 376 -7.00 -3.86 -37.92
CA SER C 376 -6.04 -3.14 -37.15
C SER C 376 -4.95 -4.05 -36.66
N PHE C 377 -3.74 -3.55 -36.70
CA PHE C 377 -2.56 -4.24 -36.20
C PHE C 377 -1.45 -3.27 -35.89
N ASN C 378 -0.43 -3.75 -35.20
CA ASN C 378 0.70 -2.92 -34.83
C ASN C 378 2.06 -3.54 -35.20
N CYS C 379 2.86 -2.85 -36.05
CA CYS C 379 4.18 -3.27 -36.53
C CYS C 379 5.27 -2.27 -36.14
N GLY C 380 6.14 -2.70 -35.25
CA GLY C 380 7.26 -1.86 -34.81
C GLY C 380 6.81 -0.79 -33.85
N GLY C 381 5.56 -0.86 -33.48
CA GLY C 381 4.93 0.14 -32.65
C GLY C 381 4.00 1.03 -33.48
N GLU C 382 4.04 0.94 -34.81
CA GLU C 382 3.14 1.78 -35.62
C GLU C 382 1.76 1.16 -35.79
N PHE C 383 0.73 1.99 -35.80
CA PHE C 383 -0.66 1.50 -35.91
C PHE C 383 -1.32 1.66 -37.26
N PHE C 384 -1.63 0.50 -37.85
CA PHE C 384 -2.22 0.37 -39.17
C PHE C 384 -3.68 0.02 -39.11
N TYR C 385 -4.43 0.60 -40.03
CA TYR C 385 -5.86 0.38 -40.24
C TYR C 385 -6.14 0.03 -41.70
N CYS C 386 -6.10 -1.28 -42.07
CA CYS C 386 -6.14 -1.76 -43.46
C CYS C 386 -7.54 -2.15 -43.91
N ASN C 387 -7.80 -1.86 -45.16
CA ASN C 387 -9.08 -2.15 -45.81
C ASN C 387 -9.09 -3.59 -46.35
N THR C 388 -9.99 -4.44 -45.80
CA THR C 388 -10.15 -5.88 -46.07
C THR C 388 -11.26 -6.21 -47.06
N SER C 389 -11.87 -5.19 -47.68
CA SER C 389 -12.96 -5.44 -48.61
C SER C 389 -12.44 -6.12 -49.86
N GLY C 390 -11.13 -6.06 -50.04
CA GLY C 390 -10.48 -6.68 -51.19
C GLY C 390 -10.29 -8.17 -50.95
N LEU C 391 -10.54 -8.62 -49.73
CA LEU C 391 -10.37 -10.01 -49.39
C LEU C 391 -11.72 -10.70 -49.30
N PHE C 392 -12.64 -10.07 -48.60
CA PHE C 392 -13.96 -10.66 -48.40
C PHE C 392 -14.96 -10.22 -49.45
N ASN C 393 -14.78 -10.69 -50.68
CA ASN C 393 -15.63 -10.30 -51.84
C ASN C 393 -15.72 -11.46 -52.83
N SER C 394 -16.54 -12.47 -52.51
CA SER C 394 -16.70 -13.71 -53.30
C SER C 394 -18.03 -14.43 -53.06
N THR C 395 -18.40 -15.27 -54.01
CA THR C 395 -19.56 -16.15 -53.88
C THR C 395 -19.15 -17.58 -54.15
N TRP C 396 -19.49 -18.50 -53.25
CA TRP C 396 -19.11 -19.88 -53.44
C TRP C 396 -20.32 -20.84 -53.58
N ILE C 397 -20.25 -21.71 -54.62
CA ILE C 397 -21.21 -22.74 -55.03
C ILE C 397 -20.64 -23.43 -56.27
N SER C 413 -1.16 -11.58 -55.90
CA SER C 413 -0.85 -10.63 -54.84
C SER C 413 -1.91 -9.50 -54.83
N ILE C 414 -2.77 -9.51 -53.79
CA ILE C 414 -3.89 -8.60 -53.54
C ILE C 414 -3.37 -7.41 -52.79
N THR C 415 -3.63 -6.20 -53.26
CA THR C 415 -3.12 -5.06 -52.51
C THR C 415 -4.24 -4.39 -51.76
N LEU C 416 -4.02 -4.23 -50.48
CA LEU C 416 -4.96 -3.60 -49.58
C LEU C 416 -4.39 -2.25 -49.15
N PRO C 417 -5.07 -1.13 -49.31
CA PRO C 417 -4.63 0.18 -48.87
C PRO C 417 -4.78 0.19 -47.37
N CYS C 418 -3.94 1.00 -46.65
CA CYS C 418 -3.99 1.15 -45.18
C CYS C 418 -3.88 2.61 -44.75
N ARG C 419 -4.48 2.93 -43.61
CA ARG C 419 -4.35 4.23 -43.01
C ARG C 419 -3.49 4.16 -41.76
N ILE C 420 -2.88 5.27 -41.39
CA ILE C 420 -2.05 5.35 -40.19
C ILE C 420 -2.68 6.31 -39.19
N LYS C 421 -2.75 5.92 -37.91
CA LYS C 421 -3.34 6.80 -36.90
C LYS C 421 -2.39 6.85 -35.69
N GLN C 422 -2.32 7.98 -34.96
CA GLN C 422 -1.43 8.05 -33.80
C GLN C 422 -2.12 8.18 -32.44
N ILE C 423 -3.27 8.85 -32.36
CA ILE C 423 -3.95 9.00 -31.06
C ILE C 423 -4.98 7.91 -30.91
N ILE C 424 -4.68 6.92 -30.08
CA ILE C 424 -5.53 5.75 -30.06
C ILE C 424 -6.12 5.36 -28.72
N ASN C 425 -7.45 5.24 -28.73
CA ASN C 425 -8.24 4.85 -27.56
C ASN C 425 -8.38 3.34 -27.49
N MET C 426 -7.29 2.68 -27.19
CA MET C 426 -7.30 1.23 -27.20
C MET C 426 -8.17 0.61 -26.14
N TRP C 427 -8.58 -0.61 -26.43
CA TRP C 427 -9.39 -1.47 -25.60
C TRP C 427 -10.81 -0.99 -25.44
N GLN C 428 -11.35 -0.37 -26.47
CA GLN C 428 -12.75 0.02 -26.49
C GLN C 428 -13.19 0.83 -25.29
N ARG C 429 -12.41 1.80 -24.88
CA ARG C 429 -12.80 2.61 -23.75
C ARG C 429 -12.53 4.08 -24.02
N ILE C 430 -13.28 4.93 -23.33
CA ILE C 430 -13.16 6.37 -23.44
C ILE C 430 -12.71 7.04 -22.16
N GLY C 431 -11.82 8.01 -22.28
CA GLY C 431 -11.30 8.77 -21.15
C GLY C 431 -9.79 8.73 -21.11
N GLN C 432 -9.23 7.78 -21.82
CA GLN C 432 -7.79 7.64 -21.94
C GLN C 432 -7.45 7.39 -23.38
N ALA C 433 -6.34 7.92 -23.82
CA ALA C 433 -5.84 7.60 -25.15
C ALA C 433 -4.33 7.67 -25.14
N MET C 434 -3.72 6.87 -25.99
CA MET C 434 -2.28 6.90 -26.09
C MET C 434 -1.82 7.62 -27.32
N TYR C 435 -0.80 8.43 -27.19
CA TYR C 435 -0.22 9.01 -28.38
C TYR C 435 0.99 8.23 -28.77
N ALA C 436 0.94 7.66 -29.94
CA ALA C 436 2.04 6.88 -30.40
C ALA C 436 3.06 7.78 -31.09
N PRO C 437 4.30 7.88 -30.62
CA PRO C 437 5.29 8.72 -31.18
C PRO C 437 5.65 8.06 -32.48
N PRO C 438 6.16 8.80 -33.44
CA PRO C 438 6.61 8.33 -34.73
C PRO C 438 7.89 7.53 -34.65
N ILE C 439 8.05 6.69 -35.65
CA ILE C 439 9.20 5.86 -35.90
C ILE C 439 9.89 6.36 -37.14
N GLN C 440 11.18 6.60 -37.06
CA GLN C 440 11.94 7.13 -38.18
C GLN C 440 12.25 6.03 -39.15
N GLY C 441 12.46 6.38 -40.41
CA GLY C 441 12.78 5.37 -41.38
C GLY C 441 11.54 4.79 -42.02
N VAL C 442 11.66 3.58 -42.52
CA VAL C 442 10.62 2.88 -43.29
C VAL C 442 10.25 1.62 -42.54
N ILE C 443 8.97 1.34 -42.43
CA ILE C 443 8.52 0.18 -41.68
C ILE C 443 8.09 -0.96 -42.56
N ARG C 444 8.65 -2.13 -42.32
CA ARG C 444 8.24 -3.33 -43.05
C ARG C 444 8.08 -4.48 -42.07
N CYS C 445 6.98 -5.26 -42.18
CA CYS C 445 6.69 -6.44 -41.36
C CYS C 445 6.00 -7.53 -42.17
N VAL C 446 6.32 -8.77 -41.84
CA VAL C 446 5.69 -9.92 -42.48
C VAL C 446 5.07 -10.81 -41.44
N SER C 447 3.79 -11.10 -41.59
CA SER C 447 3.08 -11.90 -40.62
C SER C 447 2.34 -13.11 -41.23
N ASN C 448 1.98 -14.07 -40.35
CA ASN C 448 1.20 -15.28 -40.65
C ASN C 448 -0.25 -15.04 -40.19
N ILE C 449 -1.27 -15.05 -41.09
CA ILE C 449 -2.69 -14.78 -40.67
C ILE C 449 -3.29 -15.81 -39.68
N THR C 450 -3.04 -17.08 -39.90
CA THR C 450 -3.51 -18.13 -38.98
C THR C 450 -4.91 -17.93 -38.38
N GLY C 451 -5.95 -17.72 -39.18
CA GLY C 451 -7.31 -17.58 -38.65
C GLY C 451 -8.01 -16.24 -38.85
N LEU C 452 -9.35 -16.33 -38.92
CA LEU C 452 -10.24 -15.20 -39.19
C LEU C 452 -11.37 -15.03 -38.16
N ILE C 453 -11.87 -13.80 -37.95
CA ILE C 453 -13.09 -13.65 -37.14
C ILE C 453 -14.26 -13.17 -37.98
N LEU C 454 -15.26 -14.03 -38.12
CA LEU C 454 -16.40 -13.75 -38.99
C LEU C 454 -17.75 -13.74 -38.27
N THR C 455 -18.70 -13.00 -38.81
CA THR C 455 -20.07 -13.02 -38.30
C THR C 455 -21.02 -13.28 -39.47
N ARG C 456 -22.26 -13.65 -39.16
CA ARG C 456 -23.24 -13.97 -40.20
C ARG C 456 -24.44 -13.03 -40.20
N ASP C 457 -25.02 -12.82 -41.38
CA ASP C 457 -26.22 -12.01 -41.49
C ASP C 457 -27.49 -12.79 -41.16
N GLY C 458 -28.66 -12.14 -41.33
CA GLY C 458 -29.94 -12.73 -40.92
C GLY C 458 -30.18 -14.16 -41.39
N GLY C 459 -30.34 -14.36 -42.71
CA GLY C 459 -30.55 -15.69 -43.28
C GLY C 459 -32.00 -16.19 -43.23
N SER C 460 -32.91 -15.35 -42.73
CA SER C 460 -34.33 -15.69 -42.57
C SER C 460 -35.12 -15.65 -43.87
N THR C 461 -34.57 -14.98 -44.86
CA THR C 461 -35.19 -14.79 -46.16
C THR C 461 -34.32 -15.44 -47.19
N ASN C 462 -34.92 -16.26 -48.05
CA ASN C 462 -34.14 -16.96 -49.06
C ASN C 462 -33.00 -17.71 -48.41
N SER C 463 -33.34 -18.52 -47.40
CA SER C 463 -32.38 -19.28 -46.60
C SER C 463 -31.76 -20.44 -47.38
N THR C 464 -31.13 -20.10 -48.50
CA THR C 464 -30.45 -20.97 -49.40
C THR C 464 -29.11 -20.34 -49.54
N THR C 465 -29.10 -19.03 -49.26
CA THR C 465 -27.92 -18.20 -49.39
C THR C 465 -27.68 -17.42 -48.12
N GLU C 466 -26.45 -17.45 -47.62
CA GLU C 466 -26.11 -16.71 -46.42
C GLU C 466 -24.79 -15.98 -46.60
N THR C 467 -24.65 -14.83 -45.94
CA THR C 467 -23.42 -14.07 -46.09
C THR C 467 -22.65 -13.90 -44.78
N PHE C 468 -21.35 -14.09 -44.88
CA PHE C 468 -20.44 -13.90 -43.78
C PHE C 468 -19.61 -12.65 -44.02
N ARG C 469 -19.38 -11.91 -42.95
CA ARG C 469 -18.62 -10.67 -43.04
C ARG C 469 -17.58 -10.65 -41.93
N PRO C 470 -16.46 -9.94 -42.07
CA PRO C 470 -15.52 -9.71 -41.01
C PRO C 470 -16.26 -9.05 -39.88
N GLY C 471 -15.94 -9.40 -38.66
CA GLY C 471 -16.67 -8.78 -37.56
C GLY C 471 -16.09 -9.02 -36.18
N GLY C 472 -16.95 -8.92 -35.17
CA GLY C 472 -16.51 -9.06 -33.81
C GLY C 472 -15.71 -7.85 -33.36
N GLY C 473 -14.46 -8.06 -32.97
CA GLY C 473 -13.60 -6.99 -32.51
C GLY C 473 -13.41 -7.06 -31.00
N ASP C 474 -14.24 -7.84 -30.32
CA ASP C 474 -14.08 -7.99 -28.89
C ASP C 474 -12.75 -8.65 -28.68
N MET C 475 -11.91 -8.00 -27.94
CA MET C 475 -10.54 -8.41 -27.75
C MET C 475 -10.41 -9.80 -27.15
N ARG C 476 -11.44 -10.25 -26.46
CA ARG C 476 -11.40 -11.56 -25.87
C ARG C 476 -11.20 -12.67 -26.89
N ASP C 477 -11.72 -12.48 -28.08
CA ASP C 477 -11.65 -13.53 -29.08
C ASP C 477 -10.24 -13.81 -29.53
N ASN C 478 -9.34 -12.87 -29.32
CA ASN C 478 -7.99 -13.11 -29.77
C ASN C 478 -7.26 -14.02 -28.83
N TRP C 479 -7.84 -14.17 -27.64
CA TRP C 479 -7.25 -15.06 -26.62
C TRP C 479 -7.93 -16.42 -26.74
N ARG C 480 -9.24 -16.43 -26.96
CA ARG C 480 -9.97 -17.68 -26.96
C ARG C 480 -9.38 -18.60 -28.01
N SER C 481 -8.90 -18.01 -29.09
CA SER C 481 -8.32 -18.76 -30.17
C SER C 481 -7.04 -19.52 -29.79
N GLU C 482 -6.40 -19.16 -28.68
CA GLU C 482 -5.22 -19.88 -28.23
C GLU C 482 -5.48 -20.67 -26.95
N LEU C 483 -6.36 -20.15 -26.09
CA LEU C 483 -6.62 -20.77 -24.81
C LEU C 483 -7.70 -21.83 -24.79
N TYR C 484 -8.35 -22.07 -25.92
CA TYR C 484 -9.41 -23.07 -26.00
C TYR C 484 -8.96 -24.48 -25.63
N LYS C 485 -7.67 -24.76 -25.70
CA LYS C 485 -7.21 -26.09 -25.36
C LYS C 485 -6.93 -26.26 -23.89
N TYR C 486 -7.01 -25.21 -23.09
CA TYR C 486 -6.63 -25.35 -21.70
C TYR C 486 -7.74 -25.16 -20.69
N LYS C 487 -7.65 -25.91 -19.60
CA LYS C 487 -8.56 -25.81 -18.47
C LYS C 487 -7.84 -25.80 -17.13
N VAL C 488 -8.30 -24.99 -16.18
CA VAL C 488 -7.70 -25.01 -14.85
C VAL C 488 -8.52 -25.83 -13.90
N VAL C 489 -7.84 -26.72 -13.20
CA VAL C 489 -8.50 -27.52 -12.21
C VAL C 489 -7.73 -27.40 -10.93
N LYS C 490 -8.36 -27.74 -9.82
CA LYS C 490 -7.68 -27.74 -8.55
C LYS C 490 -7.55 -29.15 -8.10
N ILE C 491 -6.48 -29.43 -7.40
CA ILE C 491 -6.22 -30.73 -6.90
C ILE C 491 -6.79 -30.84 -5.53
N GLU C 492 -7.52 -31.91 -5.28
CA GLU C 492 -8.14 -32.18 -3.99
C GLU C 492 -7.66 -33.52 -3.44
N PRO C 493 -6.50 -33.57 -2.78
CA PRO C 493 -5.80 -34.74 -2.32
C PRO C 493 -6.49 -35.59 -1.29
N LEU C 494 -7.50 -35.09 -0.61
CA LEU C 494 -8.15 -35.94 0.38
C LEU C 494 -9.36 -36.64 -0.12
N GLY C 495 -9.54 -37.85 0.37
CA GLY C 495 -10.75 -38.59 0.07
C GLY C 495 -10.84 -39.82 0.94
N VAL C 496 -11.99 -40.44 0.90
CA VAL C 496 -12.23 -41.59 1.71
C VAL C 496 -12.81 -42.71 0.90
N ALA C 497 -12.74 -43.90 1.44
CA ALA C 497 -13.30 -45.11 0.84
C ALA C 497 -13.49 -46.12 1.95
N PRO C 498 -14.35 -47.13 1.83
CA PRO C 498 -14.43 -48.25 2.74
C PRO C 498 -13.31 -49.25 2.55
N THR C 499 -12.90 -49.91 3.62
CA THR C 499 -11.99 -51.06 3.53
C THR C 499 -12.06 -51.95 4.76
N ARG C 500 -11.22 -52.97 4.79
CA ARG C 500 -11.15 -53.85 5.94
C ARG C 500 -9.97 -53.49 6.86
N CYS C 501 -10.24 -52.79 7.98
CA CYS C 501 -9.23 -52.36 8.95
C CYS C 501 -9.94 -51.84 10.21
N LYS C 502 -9.16 -51.53 11.22
CA LYS C 502 -9.62 -50.90 12.46
C LYS C 502 -8.38 -50.38 13.15
N ARG C 503 -8.49 -49.40 14.10
CA ARG C 503 -7.34 -48.97 14.91
C ARG C 503 -7.17 -49.93 16.09
N LEU D 1 4.83 -43.33 -14.13
CA LEU D 1 3.74 -42.37 -14.28
C LEU D 1 4.26 -40.93 -13.99
N GLY D 2 3.73 -40.24 -12.94
CA GLY D 2 4.07 -38.87 -12.57
C GLY D 2 2.80 -38.24 -12.03
N PHE D 3 2.82 -36.94 -11.82
CA PHE D 3 1.69 -36.22 -11.26
C PHE D 3 0.42 -36.51 -12.06
N LEU D 4 -0.64 -36.93 -11.37
CA LEU D 4 -1.94 -37.31 -11.94
C LEU D 4 -1.88 -38.40 -13.00
N GLY D 5 -0.78 -39.11 -13.12
CA GLY D 5 -0.70 -40.13 -14.15
C GLY D 5 -1.59 -41.29 -13.79
N ALA D 6 -1.96 -41.37 -12.53
CA ALA D 6 -2.80 -42.41 -11.98
C ALA D 6 -4.26 -42.07 -12.14
N ALA D 7 -4.58 -40.96 -12.75
CA ALA D 7 -5.97 -40.56 -12.89
C ALA D 7 -6.80 -41.62 -13.60
N GLY D 8 -6.20 -42.34 -14.55
CA GLY D 8 -6.90 -43.38 -15.28
C GLY D 8 -6.79 -44.76 -14.64
N SER D 9 -6.13 -44.85 -13.50
CA SER D 9 -5.91 -46.13 -12.84
C SER D 9 -7.04 -46.45 -11.90
N THR D 10 -7.15 -47.70 -11.51
CA THR D 10 -8.19 -48.00 -10.57
C THR D 10 -7.83 -47.46 -9.22
N MET D 11 -8.82 -47.40 -8.35
CA MET D 11 -8.57 -46.87 -7.04
C MET D 11 -7.48 -47.61 -6.31
N GLY D 12 -7.45 -48.94 -6.43
CA GLY D 12 -6.42 -49.70 -5.76
C GLY D 12 -5.05 -49.40 -6.32
N ALA D 13 -4.92 -49.45 -7.64
CA ALA D 13 -3.63 -49.22 -8.27
C ALA D 13 -3.08 -47.84 -8.01
N ALA D 14 -3.98 -46.87 -7.94
CA ALA D 14 -3.67 -45.48 -7.76
C ALA D 14 -3.10 -45.18 -6.40
N SER D 15 -3.20 -46.11 -5.45
CA SER D 15 -2.67 -45.86 -4.14
C SER D 15 -1.15 -45.83 -4.20
N MET D 16 -0.57 -46.31 -5.29
CA MET D 16 0.87 -46.36 -5.38
C MET D 16 1.46 -45.06 -5.84
N THR D 17 0.62 -44.07 -6.10
CA THR D 17 1.11 -42.79 -6.51
C THR D 17 0.76 -41.73 -5.48
N LEU D 18 0.38 -42.14 -4.27
CA LEU D 18 0.02 -41.12 -3.31
C LEU D 18 1.20 -40.22 -2.98
N THR D 19 2.41 -40.78 -2.96
CA THR D 19 3.54 -39.97 -2.61
C THR D 19 3.86 -38.92 -3.64
N VAL D 20 3.78 -39.30 -4.90
CA VAL D 20 4.14 -38.32 -5.90
C VAL D 20 3.12 -37.25 -5.98
N GLN D 21 1.87 -37.61 -5.77
CA GLN D 21 0.85 -36.60 -5.87
C GLN D 21 1.02 -35.59 -4.72
N ALA D 22 1.35 -36.08 -3.52
CA ALA D 22 1.55 -35.22 -2.36
C ALA D 22 2.73 -34.26 -2.55
N ARG D 23 3.76 -34.72 -3.25
CA ARG D 23 4.96 -33.94 -3.48
C ARG D 23 4.75 -32.70 -4.31
N ASN D 24 3.63 -32.59 -4.97
CA ASN D 24 3.41 -31.43 -5.82
C ASN D 24 2.54 -30.35 -5.20
N LEU D 25 2.29 -30.45 -3.90
CA LEU D 25 1.47 -29.43 -3.26
C LEU D 25 2.25 -28.19 -2.81
N LEU D 26 3.55 -28.28 -2.60
CA LEU D 26 4.34 -27.12 -2.20
C LEU D 26 5.58 -26.96 -3.08
N SER D 27 5.40 -26.54 -4.35
CA SER D 27 6.46 -26.42 -5.36
C SER D 27 7.02 -24.99 -5.40
N HIS D 45 16.77 -10.24 -7.05
CA HIS D 45 16.40 -10.01 -5.63
C HIS D 45 15.57 -8.73 -5.53
N LEU D 46 15.80 -7.79 -6.46
CA LEU D 46 14.97 -6.55 -6.48
C LEU D 46 13.54 -6.96 -6.82
N LEU D 47 12.57 -6.39 -6.10
CA LEU D 47 11.15 -6.75 -6.32
C LEU D 47 10.29 -5.52 -6.04
N LYS D 48 9.53 -5.06 -7.03
CA LYS D 48 8.81 -3.81 -6.93
C LYS D 48 7.34 -4.04 -7.20
N LEU D 49 6.52 -3.03 -7.00
CA LEU D 49 5.14 -3.26 -7.28
C LEU D 49 4.88 -3.05 -8.74
N THR D 50 4.72 -4.18 -9.37
CA THR D 50 4.49 -4.36 -10.78
C THR D 50 3.45 -5.48 -10.87
N VAL D 51 2.70 -5.56 -11.95
CA VAL D 51 1.68 -6.60 -12.00
C VAL D 51 2.18 -8.00 -11.88
N TRP D 52 3.25 -8.36 -12.56
CA TRP D 52 3.62 -9.75 -12.46
C TRP D 52 4.09 -10.12 -11.06
N GLY D 53 4.74 -9.18 -10.39
CA GLY D 53 5.27 -9.40 -9.06
C GLY D 53 4.15 -9.68 -8.09
N ILE D 54 3.10 -8.86 -8.15
CA ILE D 54 2.00 -9.07 -7.25
C ILE D 54 1.32 -10.37 -7.50
N LYS D 55 1.10 -10.73 -8.75
CA LYS D 55 0.40 -11.96 -8.96
C LYS D 55 1.20 -13.14 -8.45
N GLN D 56 2.52 -13.14 -8.62
CA GLN D 56 3.26 -14.28 -8.11
C GLN D 56 3.17 -14.39 -6.62
N LEU D 57 3.23 -13.27 -5.93
CA LEU D 57 3.21 -13.36 -4.49
C LEU D 57 1.85 -13.82 -4.01
N GLN D 58 0.78 -13.36 -4.64
CA GLN D 58 -0.54 -13.80 -4.23
C GLN D 58 -0.70 -15.27 -4.47
N ALA D 59 -0.15 -15.75 -5.59
CA ALA D 59 -0.25 -17.15 -5.94
C ALA D 59 0.46 -18.02 -4.92
N ARG D 60 1.61 -17.57 -4.41
CA ARG D 60 2.32 -18.35 -3.40
C ARG D 60 1.49 -18.46 -2.15
N VAL D 61 0.87 -17.36 -1.77
CA VAL D 61 0.08 -17.36 -0.56
C VAL D 61 -1.10 -18.28 -0.71
N LEU D 62 -1.76 -18.25 -1.86
CA LEU D 62 -2.91 -19.10 -2.04
C LEU D 62 -2.55 -20.56 -1.91
N ALA D 63 -1.44 -20.96 -2.50
CA ALA D 63 -1.07 -22.36 -2.40
C ALA D 63 -0.85 -22.77 -0.96
N VAL D 64 -0.23 -21.90 -0.17
CA VAL D 64 0.00 -22.23 1.21
C VAL D 64 -1.28 -22.33 2.00
N GLU D 65 -2.20 -21.40 1.79
CA GLU D 65 -3.44 -21.44 2.54
C GLU D 65 -4.22 -22.71 2.30
N ARG D 66 -4.28 -23.17 1.05
CA ARG D 66 -5.03 -24.39 0.85
C ARG D 66 -4.29 -25.58 1.41
N TYR D 67 -2.97 -25.57 1.33
CA TYR D 67 -2.19 -26.67 1.85
C TYR D 67 -2.44 -26.85 3.33
N LEU D 68 -2.39 -25.75 4.07
CA LEU D 68 -2.57 -25.86 5.48
C LEU D 68 -3.95 -26.31 5.82
N ARG D 69 -4.97 -25.86 5.09
CA ARG D 69 -6.30 -26.31 5.44
C ARG D 69 -6.37 -27.81 5.44
N ASP D 70 -5.77 -28.44 4.46
CA ASP D 70 -5.83 -29.89 4.41
C ASP D 70 -4.99 -30.54 5.49
N GLN D 71 -3.83 -29.97 5.79
CA GLN D 71 -3.03 -30.60 6.83
C GLN D 71 -3.68 -30.51 8.17
N GLN D 72 -4.35 -29.41 8.47
CA GLN D 72 -4.99 -29.32 9.75
C GLN D 72 -6.13 -30.28 9.82
N LEU D 73 -6.86 -30.44 8.73
CA LEU D 73 -7.97 -31.34 8.78
C LEU D 73 -7.48 -32.73 9.10
N LEU D 74 -6.36 -33.13 8.50
CA LEU D 74 -5.82 -34.43 8.87
C LEU D 74 -5.40 -34.44 10.31
N GLY D 75 -4.84 -33.36 10.81
CA GLY D 75 -4.46 -33.39 12.21
C GLY D 75 -5.66 -33.61 13.13
N ILE D 76 -6.77 -32.95 12.83
CA ILE D 76 -7.95 -33.06 13.66
C ILE D 76 -8.47 -34.47 13.69
N TRP D 77 -8.48 -35.13 12.56
CA TRP D 77 -8.98 -36.49 12.47
C TRP D 77 -8.02 -37.56 12.98
N GLY D 78 -6.82 -37.16 13.33
CA GLY D 78 -5.80 -38.13 13.66
C GLY D 78 -5.24 -38.44 12.29
N CYS D 79 -4.21 -39.34 12.19
CA CYS D 79 -3.53 -39.72 10.95
C CYS D 79 -2.50 -38.67 10.51
N SER D 80 -2.17 -37.75 11.38
CA SER D 80 -1.17 -36.77 10.98
C SER D 80 0.11 -37.46 10.58
N GLY D 81 0.68 -37.03 9.47
CA GLY D 81 1.93 -37.58 8.99
C GLY D 81 1.78 -38.80 8.08
N LYS D 82 0.56 -39.30 7.90
CA LYS D 82 0.37 -40.47 7.07
C LYS D 82 -0.23 -40.16 5.71
N LEU D 83 0.02 -41.02 4.73
CA LEU D 83 -0.66 -40.88 3.44
C LEU D 83 -1.84 -41.82 3.47
N ILE D 84 -1.66 -42.93 4.16
CA ILE D 84 -2.72 -43.93 4.26
C ILE D 84 -3.00 -44.19 5.74
N CYS D 85 -4.28 -44.15 6.19
CA CYS D 85 -4.63 -44.46 7.58
C CYS D 85 -6.00 -45.09 7.68
N CYS D 86 -6.35 -45.47 8.88
CA CYS D 86 -7.58 -46.14 9.16
C CYS D 86 -8.17 -45.53 10.40
N THR D 87 -9.48 -45.35 10.39
CA THR D 87 -10.18 -44.84 11.54
C THR D 87 -11.26 -45.80 12.01
N ASN D 88 -11.93 -45.43 13.09
CA ASN D 88 -12.94 -46.30 13.66
C ASN D 88 -14.38 -46.00 13.27
N VAL D 89 -14.56 -45.12 12.32
CA VAL D 89 -15.88 -44.81 11.83
C VAL D 89 -16.25 -45.90 10.84
N PRO D 90 -17.38 -46.60 11.00
CA PRO D 90 -17.86 -47.66 10.13
C PRO D 90 -18.36 -47.05 8.85
N TRP D 91 -18.35 -47.81 7.77
CA TRP D 91 -18.92 -47.34 6.53
C TRP D 91 -20.43 -47.60 6.51
N ASN D 92 -21.24 -46.59 6.17
CA ASN D 92 -22.69 -46.65 6.04
C ASN D 92 -23.05 -47.04 4.60
N SER D 93 -23.97 -48.02 4.45
CA SER D 93 -24.47 -48.49 3.15
C SER D 93 -25.28 -47.39 2.47
N THR D 94 -25.69 -46.42 3.28
CA THR D 94 -26.41 -45.26 2.82
C THR D 94 -25.52 -44.42 1.92
N TRP D 95 -24.24 -44.29 2.26
CA TRP D 95 -23.37 -43.46 1.47
C TRP D 95 -23.18 -44.14 0.15
N SER D 96 -22.94 -45.45 0.23
CA SER D 96 -22.81 -46.28 -0.97
C SER D 96 -22.74 -47.75 -0.65
N ASN D 97 -23.75 -48.50 -1.07
CA ASN D 97 -23.85 -49.92 -0.81
C ASN D 97 -23.18 -50.71 -1.92
N ARG D 98 -21.89 -50.49 -2.09
CA ARG D 98 -21.14 -51.11 -3.18
C ARG D 98 -20.08 -52.07 -2.66
N ASN D 99 -19.79 -53.12 -3.42
CA ASN D 99 -18.81 -54.14 -3.03
C ASN D 99 -17.36 -53.69 -3.17
N LEU D 100 -16.46 -54.28 -2.38
CA LEU D 100 -15.06 -53.90 -2.52
C LEU D 100 -14.53 -54.22 -3.89
N SER D 101 -15.02 -55.27 -4.52
CA SER D 101 -14.55 -55.68 -5.85
C SER D 101 -15.05 -54.74 -6.94
N GLU D 102 -16.01 -53.88 -6.58
CA GLU D 102 -16.63 -52.91 -7.45
C GLU D 102 -16.04 -51.51 -7.21
N ILE D 103 -15.48 -51.28 -6.02
CA ILE D 103 -14.90 -50.00 -5.66
C ILE D 103 -13.41 -49.94 -5.91
N TRP D 104 -12.69 -50.96 -5.47
CA TRP D 104 -11.24 -50.92 -5.55
C TRP D 104 -10.70 -51.37 -6.89
N ASP D 105 -11.58 -51.87 -7.71
CA ASP D 105 -11.24 -52.32 -9.03
C ASP D 105 -12.39 -51.91 -9.92
N ASN D 106 -12.10 -51.78 -11.20
CA ASN D 106 -13.05 -51.35 -12.20
C ASN D 106 -13.69 -50.00 -11.84
N MET D 107 -12.88 -49.11 -11.25
CA MET D 107 -13.32 -47.77 -10.84
C MET D 107 -12.10 -46.92 -10.55
N THR D 108 -12.14 -45.65 -10.95
CA THR D 108 -11.06 -44.70 -10.66
C THR D 108 -11.46 -43.79 -9.50
N TRP D 109 -10.50 -43.04 -8.96
CA TRP D 109 -10.83 -42.14 -7.86
C TRP D 109 -11.71 -41.00 -8.29
N LEU D 110 -11.61 -40.58 -9.55
CA LEU D 110 -12.45 -39.49 -10.03
C LEU D 110 -13.89 -39.92 -10.04
N GLN D 111 -14.12 -41.16 -10.47
CA GLN D 111 -15.47 -41.67 -10.54
C GLN D 111 -16.05 -41.81 -9.16
N TRP D 112 -15.22 -42.29 -8.24
CA TRP D 112 -15.64 -42.47 -6.87
C TRP D 112 -15.99 -41.14 -6.24
N ASP D 113 -15.17 -40.12 -6.47
CA ASP D 113 -15.47 -38.84 -5.87
C ASP D 113 -16.83 -38.37 -6.31
N LYS D 114 -17.17 -38.56 -7.58
CA LYS D 114 -18.48 -38.11 -8.00
C LYS D 114 -19.57 -38.91 -7.30
N GLU D 115 -19.37 -40.23 -7.20
CA GLU D 115 -20.38 -41.10 -6.62
C GLU D 115 -20.79 -40.75 -5.20
N ILE D 116 -19.83 -40.33 -4.38
CA ILE D 116 -20.16 -40.01 -3.00
C ILE D 116 -19.94 -38.54 -2.67
N SER D 117 -19.98 -37.69 -3.68
CA SER D 117 -19.68 -36.28 -3.49
C SER D 117 -20.48 -35.55 -2.40
N ASN D 118 -21.78 -35.85 -2.29
CA ASN D 118 -22.72 -35.12 -1.39
C ASN D 118 -22.76 -35.73 0.03
N TYR D 119 -21.84 -36.64 0.36
CA TYR D 119 -21.71 -37.22 1.69
C TYR D 119 -20.41 -36.77 2.32
N THR D 120 -19.66 -35.91 1.65
CA THR D 120 -18.35 -35.51 2.16
C THR D 120 -18.39 -34.90 3.53
N GLN D 121 -19.33 -34.00 3.77
CA GLN D 121 -19.34 -33.35 5.05
C GLN D 121 -19.82 -34.25 6.15
N ILE D 122 -20.64 -35.24 5.81
CA ILE D 122 -21.09 -36.16 6.82
C ILE D 122 -19.92 -36.95 7.31
N ILE D 123 -19.11 -37.42 6.37
CA ILE D 123 -18.00 -38.24 6.73
C ILE D 123 -17.07 -37.45 7.59
N TYR D 124 -16.81 -36.21 7.20
CA TYR D 124 -15.87 -35.45 7.96
C TYR D 124 -16.33 -35.20 9.37
N GLY D 125 -17.60 -34.91 9.56
CA GLY D 125 -18.06 -34.67 10.93
C GLY D 125 -17.86 -35.91 11.79
N LEU D 126 -18.10 -37.08 11.21
CA LEU D 126 -17.95 -38.30 11.96
C LEU D 126 -16.50 -38.54 12.33
N LEU D 127 -15.59 -38.22 11.41
CA LEU D 127 -14.20 -38.45 11.70
C LEU D 127 -13.74 -37.55 12.82
N GLU D 128 -14.22 -36.30 12.82
CA GLU D 128 -13.83 -35.36 13.86
C GLU D 128 -14.34 -35.79 15.21
N GLU D 129 -15.56 -36.28 15.26
CA GLU D 129 -16.08 -36.66 16.54
C GLU D 129 -15.35 -37.88 17.06
N SER D 130 -15.02 -38.81 16.17
CA SER D 130 -14.35 -40.00 16.65
C SER D 130 -13.02 -39.65 17.26
N GLN D 131 -12.25 -38.77 16.62
CA GLN D 131 -10.97 -38.46 17.23
C GLN D 131 -11.17 -37.74 18.53
N ASN D 132 -12.17 -36.88 18.62
CA ASN D 132 -12.40 -36.16 19.86
C ASN D 132 -12.62 -37.13 21.00
N GLN D 133 -13.39 -38.19 20.74
CA GLN D 133 -13.65 -39.15 21.79
C GLN D 133 -12.39 -39.91 22.17
N GLN D 134 -11.55 -40.20 21.19
CA GLN D 134 -10.33 -40.93 21.46
C GLN D 134 -9.39 -40.10 22.31
N GLU D 135 -9.35 -38.79 22.07
CA GLU D 135 -8.49 -37.93 22.85
C GLU D 135 -8.95 -37.86 24.27
N LYS D 136 -10.25 -37.86 24.50
CA LYS D 136 -10.74 -37.85 25.86
C LYS D 136 -10.36 -39.16 26.55
N ASN D 137 -10.45 -40.27 25.84
CA ASN D 137 -10.15 -41.56 26.44
C ASN D 137 -8.65 -41.78 26.79
N GLU D 138 -7.74 -41.27 25.96
CA GLU D 138 -6.29 -41.35 26.29
C GLU D 138 -5.99 -40.42 27.47
N GLN D 139 -6.68 -39.28 27.55
CA GLN D 139 -6.50 -38.37 28.71
C GLN D 139 -6.93 -39.09 29.99
N ASP D 140 -8.04 -39.83 29.92
CA ASP D 140 -8.57 -40.55 31.11
C ASP D 140 -7.59 -41.64 31.54
N LEU D 141 -7.04 -42.39 30.57
CA LEU D 141 -6.11 -43.46 30.93
C LEU D 141 -4.84 -42.88 31.56
N LEU D 142 -4.31 -41.81 31.01
CA LEU D 142 -3.13 -41.19 31.61
C LEU D 142 -3.41 -40.70 33.02
N ALA D 143 -4.66 -40.34 33.28
CA ALA D 143 -5.08 -39.87 34.59
C ALA D 143 -5.21 -41.00 35.61
N LEU D 144 -5.04 -42.24 35.19
CA LEU D 144 -5.21 -43.38 36.09
C LEU D 144 -4.32 -43.36 37.35
N ASP D 145 -3.03 -42.96 37.23
CA ASP D 145 -2.01 -42.89 38.29
C ASP D 145 -0.70 -42.47 37.64
N UNK E 1 9.54 36.59 18.17
CA UNK E 1 10.67 37.20 18.85
C UNK E 1 10.17 38.04 20.05
N UNK E 2 9.61 39.25 19.79
CA UNK E 2 9.09 40.17 20.82
C UNK E 2 7.89 40.91 20.26
N UNK E 3 7.02 41.40 21.13
CA UNK E 3 5.89 42.17 20.64
C UNK E 3 5.38 43.18 21.65
N UNK E 4 4.87 44.29 21.12
CA UNK E 4 4.23 45.38 21.82
C UNK E 4 2.77 45.10 22.04
N UNK E 5 2.18 45.74 23.06
CA UNK E 5 0.74 45.61 23.27
C UNK E 5 0.16 46.93 23.79
N UNK E 6 -1.13 47.14 23.53
CA UNK E 6 -1.85 48.39 23.85
C UNK E 6 -2.12 48.55 25.35
N UNK E 7 -2.53 49.75 25.79
CA UNK E 7 -2.78 50.05 27.23
C UNK E 7 -4.18 49.59 27.68
N UNK E 8 -4.47 49.66 28.98
CA UNK E 8 -5.79 49.20 29.52
C UNK E 8 -6.92 50.02 28.89
N UNK E 9 -7.93 49.33 28.35
CA UNK E 9 -9.04 50.02 27.64
C UNK E 9 -9.99 50.84 28.54
N UNK E 10 -10.43 50.26 29.68
CA UNK E 10 -11.43 50.95 30.53
C UNK E 10 -12.72 51.28 29.75
N UNK E 11 -13.19 50.37 28.88
CA UNK E 11 -14.41 50.59 28.06
C UNK E 11 -15.68 50.34 28.88
N UNK E 12 -16.86 50.74 28.37
CA UNK E 12 -18.16 50.54 29.07
C UNK E 12 -19.05 49.53 28.32
N UNK E 13 -20.25 49.24 28.85
CA UNK E 13 -20.97 48.03 28.48
C UNK E 13 -21.62 48.20 27.13
N UNK E 14 -21.49 47.15 26.31
CA UNK E 14 -22.02 47.02 24.96
C UNK E 14 -21.42 48.01 23.97
N UNK E 15 -20.31 48.62 24.35
CA UNK E 15 -19.58 49.50 23.47
C UNK E 15 -18.62 48.67 22.66
N UNK E 16 -18.26 49.12 21.48
CA UNK E 16 -17.27 48.41 20.70
C UNK E 16 -15.91 48.63 21.35
N UNK E 17 -15.00 47.72 21.12
CA UNK E 17 -13.67 47.90 21.69
C UNK E 17 -12.62 47.26 20.80
N UNK E 18 -11.39 47.77 20.84
CA UNK E 18 -10.37 47.17 20.01
C UNK E 18 -9.04 47.10 20.69
N UNK E 19 -8.30 46.07 20.32
CA UNK E 19 -6.97 45.77 20.79
C UNK E 19 -5.98 46.00 19.67
N UNK E 20 -4.75 46.25 20.06
CA UNK E 20 -3.68 46.41 19.08
C UNK E 20 -2.38 45.92 19.64
N UNK E 21 -1.51 45.54 18.72
CA UNK E 21 -0.17 45.03 19.00
C UNK E 21 0.74 45.29 17.82
N UNK E 22 2.04 45.19 18.07
CA UNK E 22 2.98 45.33 16.97
C UNK E 22 4.16 44.41 17.17
N UNK E 23 4.66 43.88 16.07
CA UNK E 23 5.80 42.97 16.12
C UNK E 23 7.12 43.65 16.35
N UNK E 24 8.04 42.92 16.93
CA UNK E 24 9.39 43.40 17.04
C UNK E 24 10.38 42.28 16.79
N UNK E 25 11.44 42.62 16.05
CA UNK E 25 12.55 41.74 15.72
C UNK E 25 12.17 40.43 15.02
N UNK E 26 11.14 40.41 14.17
CA UNK E 26 10.80 39.17 13.48
C UNK E 26 10.37 39.39 12.03
N UNK E 27 10.74 40.53 11.46
CA UNK E 27 10.47 40.89 10.07
C UNK E 27 9.02 40.81 9.64
N UNK E 28 8.07 40.98 10.56
CA UNK E 28 6.66 40.89 10.21
C UNK E 28 6.33 39.66 9.36
N UNK E 29 6.95 38.51 9.65
CA UNK E 29 6.70 37.32 8.82
C UNK E 29 6.17 36.15 9.62
N UNK E 30 5.50 36.43 10.72
CA UNK E 30 4.93 35.40 11.58
C UNK E 30 3.43 35.34 11.38
N UNK E 31 2.83 34.20 11.66
CA UNK E 31 1.38 34.07 11.58
C UNK E 31 0.76 34.40 12.91
N UNK E 32 0.17 35.59 13.00
CA UNK E 32 -0.40 36.07 14.25
C UNK E 32 -1.76 35.45 14.48
N UNK E 33 -2.10 35.29 15.73
CA UNK E 33 -3.35 34.74 16.22
C UNK E 33 -3.67 35.44 17.52
N UNK E 34 -4.91 35.35 18.00
CA UNK E 34 -5.22 36.05 19.23
C UNK E 34 -5.85 35.17 20.26
N UNK E 35 -5.54 35.44 21.52
CA UNK E 35 -6.19 34.67 22.57
C UNK E 35 -6.41 35.50 23.79
N UNK E 36 -7.40 35.10 24.57
CA UNK E 36 -7.74 35.86 25.77
C UNK E 36 -8.32 35.02 26.89
N UNK E 37 -8.13 35.49 28.12
CA UNK E 37 -8.67 34.75 29.26
C UNK E 37 -9.24 35.60 30.37
N UNK E 38 -10.37 35.14 30.83
CA UNK E 38 -11.09 35.66 31.95
C UNK E 38 -10.40 35.26 33.21
N UNK E 39 -10.73 35.89 34.30
CA UNK E 39 -10.14 35.46 35.53
C UNK E 39 -10.57 34.02 35.72
N UNK E 40 -9.68 33.21 36.28
CA UNK E 40 -9.96 31.80 36.53
C UNK E 40 -10.36 31.05 35.27
N UNK E 41 -9.63 31.27 34.18
CA UNK E 41 -9.92 30.59 32.93
C UNK E 41 -8.70 30.43 32.04
N UNK E 42 -8.75 29.38 31.21
CA UNK E 42 -7.75 29.15 30.18
C UNK E 42 -8.04 30.10 29.04
N UNK E 43 -7.03 30.48 28.28
CA UNK E 43 -7.31 31.37 27.16
C UNK E 43 -7.99 30.67 26.01
N UNK E 44 -8.88 31.39 25.35
CA UNK E 44 -9.55 30.90 24.16
C UNK E 44 -8.84 31.38 22.90
N UNK E 45 -8.84 30.55 21.85
CA UNK E 45 -8.32 31.01 20.54
C UNK E 45 -9.35 31.94 19.90
N UNK E 46 -9.29 33.24 20.20
CA UNK E 46 -10.24 34.24 19.66
C UNK E 46 -10.20 34.30 18.12
N UNK E 47 -9.04 34.63 17.52
CA UNK E 47 -8.96 34.77 16.05
C UNK E 47 -7.65 34.14 15.55
N UNK E 48 -7.63 33.62 14.31
CA UNK E 48 -6.40 32.92 13.88
C UNK E 48 -6.22 32.82 12.37
N UNK E 49 -4.99 32.58 11.91
CA UNK E 49 -4.78 32.30 10.48
C UNK E 49 -4.15 30.91 10.42
N UNK E 50 -4.80 29.95 9.77
CA UNK E 50 -4.28 28.56 9.78
C UNK E 50 -2.85 28.55 9.24
N UNK E 51 -1.88 28.25 10.10
CA UNK E 51 -0.46 28.28 9.73
C UNK E 51 -0.30 27.83 8.28
N UNK E 52 -1.05 26.81 7.88
CA UNK E 52 -0.81 26.12 6.61
C UNK E 52 -1.77 26.45 5.48
N UNK E 53 -3.00 26.74 5.81
CA UNK E 53 -4.05 26.98 4.85
C UNK E 53 -4.76 28.20 5.32
N UNK E 54 -4.04 29.31 5.25
CA UNK E 54 -4.47 30.54 5.87
C UNK E 54 -5.71 31.10 5.29
N UNK E 55 -6.51 31.60 6.20
CA UNK E 55 -7.74 32.32 6.01
C UNK E 55 -7.92 33.02 7.32
N UNK E 56 -8.68 34.09 7.39
CA UNK E 56 -8.85 34.71 8.69
C UNK E 56 -9.93 34.00 9.49
N UNK E 57 -9.64 32.76 9.87
CA UNK E 57 -10.57 31.97 10.64
C UNK E 57 -10.66 32.56 12.02
N UNK E 58 -11.88 32.62 12.53
CA UNK E 58 -12.24 33.15 13.84
C UNK E 58 -12.60 32.05 14.83
N UNK E 59 -12.66 32.42 16.10
CA UNK E 59 -13.11 31.51 17.15
C UNK E 59 -14.55 31.08 16.91
N UNK E 60 -14.92 29.96 17.56
CA UNK E 60 -16.21 29.27 17.47
C UNK E 60 -17.42 30.15 17.78
N UNK E 61 -17.20 31.25 18.48
CA UNK E 61 -18.31 32.15 18.76
C UNK E 61 -18.92 32.57 17.42
N UNK E 62 -18.04 32.70 16.40
CA UNK E 62 -18.34 33.04 15.02
C UNK E 62 -19.06 34.36 14.85
N UNK E 63 -18.77 35.35 15.67
CA UNK E 63 -19.41 36.63 15.51
C UNK E 63 -18.68 37.73 16.21
N UNK E 64 -18.86 38.95 15.72
CA UNK E 64 -18.38 40.14 16.42
C UNK E 64 -16.93 40.04 16.81
N UNK E 65 -16.08 39.53 15.91
CA UNK E 65 -14.67 39.34 16.18
C UNK E 65 -13.83 39.70 14.98
N UNK E 66 -13.59 40.98 14.84
CA UNK E 66 -12.84 41.50 13.71
C UNK E 66 -11.37 41.21 13.92
N UNK E 67 -10.63 41.07 12.84
CA UNK E 67 -9.20 40.91 12.95
C UNK E 67 -8.56 41.58 11.75
N UNK E 68 -7.37 42.12 11.95
CA UNK E 68 -6.64 42.82 10.91
C UNK E 68 -5.15 42.82 11.14
N UNK E 69 -4.42 43.07 10.07
CA UNK E 69 -2.98 43.23 10.17
C UNK E 69 -2.52 44.14 9.07
N UNK E 70 -1.36 44.77 9.26
CA UNK E 70 -0.85 45.65 8.23
C UNK E 70 0.66 45.73 8.22
N UNK E 71 1.18 46.02 7.04
CA UNK E 71 2.61 46.27 6.87
C UNK E 71 3.02 47.53 7.60
N UNK E 72 2.04 48.38 7.87
CA UNK E 72 2.27 49.64 8.50
C UNK E 72 2.70 49.44 9.93
N UNK E 73 4.01 49.33 10.09
CA UNK E 73 4.72 49.04 11.33
C UNK E 73 4.35 47.69 11.89
N UNK E 74 4.18 46.71 11.03
CA UNK E 74 3.90 45.34 11.48
C UNK E 74 2.77 45.35 12.49
N UNK E 75 1.71 46.04 12.14
CA UNK E 75 0.59 46.25 13.00
C UNK E 75 -0.31 45.05 13.04
N UNK E 76 -0.97 44.90 14.17
CA UNK E 76 -2.00 43.89 14.34
C UNK E 76 -3.15 44.49 15.13
N UNK E 77 -4.35 44.05 14.82
CA UNK E 77 -5.51 44.53 15.54
C UNK E 77 -6.66 43.54 15.55
N UNK E 78 -7.53 43.72 16.53
CA UNK E 78 -8.73 42.91 16.63
C UNK E 78 -9.82 43.70 17.31
N UNK E 79 -11.08 43.36 17.05
CA UNK E 79 -12.11 44.13 17.75
C UNK E 79 -13.39 43.40 18.04
N UNK E 80 -14.00 43.81 19.14
CA UNK E 80 -15.29 43.34 19.59
C UNK E 80 -16.33 44.25 19.02
N UNK E 81 -17.34 43.67 18.38
CA UNK E 81 -18.38 44.55 17.84
C UNK E 81 -19.06 45.33 18.96
N UNK E 82 -19.23 44.65 20.09
CA UNK E 82 -19.81 45.22 21.30
C UNK E 82 -19.36 44.33 22.43
N UNK E 83 -18.81 44.90 23.47
CA UNK E 83 -18.36 44.09 24.57
C UNK E 83 -19.45 43.78 25.55
N UNK E 84 -19.65 42.50 25.82
CA UNK E 84 -20.61 42.17 26.84
C UNK E 84 -20.00 42.75 28.08
N UNK E 85 -20.79 43.24 29.02
CA UNK E 85 -20.16 43.83 30.19
C UNK E 85 -19.24 42.84 30.88
N UNK E 86 -19.65 41.58 30.84
CA UNK E 86 -19.00 40.45 31.46
C UNK E 86 -17.82 39.92 30.67
N UNK E 87 -17.52 40.51 29.52
CA UNK E 87 -16.41 40.07 28.69
C UNK E 87 -15.11 40.65 29.21
N UNK E 88 -14.77 40.23 30.42
CA UNK E 88 -13.60 40.68 31.16
C UNK E 88 -12.46 39.74 30.96
N UNK E 89 -11.43 40.19 30.26
CA UNK E 89 -10.33 39.28 29.99
C UNK E 89 -9.04 39.98 29.63
N UNK E 90 -7.93 39.31 29.93
CA UNK E 90 -6.64 39.76 29.48
C UNK E 90 -6.48 39.21 28.09
N UNK E 91 -5.83 39.91 27.21
CA UNK E 91 -5.64 39.39 25.88
C UNK E 91 -4.33 39.77 25.28
N UNK E 92 -3.82 38.89 24.43
CA UNK E 92 -2.56 39.18 23.79
C UNK E 92 -2.45 38.62 22.40
N UNK E 93 -1.67 39.32 21.60
CA UNK E 93 -1.31 38.83 20.30
C UNK E 93 -0.31 37.72 20.52
N UNK E 94 -0.35 36.71 19.69
CA UNK E 94 0.63 35.64 19.77
C UNK E 94 0.92 35.14 18.39
N UNK E 95 2.10 34.56 18.19
CA UNK E 95 2.38 34.09 16.83
C UNK E 95 3.30 32.93 16.75
N UNK E 96 3.22 32.24 15.60
CA UNK E 96 4.03 31.09 15.27
C UNK E 96 4.44 31.14 13.81
N UNK E 97 5.45 30.38 13.47
CA UNK E 97 5.89 30.34 12.09
C UNK E 97 4.79 29.77 11.21
N UNK E 98 4.75 30.27 9.99
CA UNK E 98 3.79 29.89 8.97
C UNK E 98 4.12 28.54 8.40
N UNK E 99 3.12 28.00 7.72
CA UNK E 99 3.19 26.77 6.98
C UNK E 99 3.59 25.57 7.80
N UNK E 100 4.61 24.84 7.34
CA UNK E 100 5.04 23.63 8.01
C UNK E 100 5.44 23.83 9.44
N UNK E 101 6.01 24.96 9.81
CA UNK E 101 6.44 25.10 11.18
C UNK E 101 5.36 25.71 12.05
N UNK E 102 4.15 25.15 12.01
CA UNK E 102 3.04 25.69 12.77
C UNK E 102 3.37 25.69 14.23
N UNK E 103 4.08 24.66 14.67
CA UNK E 103 4.54 24.57 16.03
C UNK E 103 3.49 24.95 17.04
N UNK E 104 3.80 25.98 17.80
CA UNK E 104 3.02 26.54 18.86
C UNK E 104 3.41 27.99 18.91
N UNK E 105 2.63 28.85 19.54
CA UNK E 105 3.09 30.22 19.56
C UNK E 105 4.51 30.23 20.09
N UNK E 106 5.37 30.91 19.35
CA UNK E 106 6.75 31.04 19.68
C UNK E 106 6.89 32.16 20.67
N UNK E 107 6.01 33.13 20.52
CA UNK E 107 6.07 34.30 21.37
C UNK E 107 4.69 34.87 21.57
N UNK E 108 4.54 35.63 22.66
CA UNK E 108 3.30 36.32 22.93
C UNK E 108 3.59 37.68 23.52
N UNK E 109 2.72 38.61 23.19
CA UNK E 109 2.75 39.99 23.63
C UNK E 109 2.32 40.12 25.06
N UNK E 110 2.73 41.20 25.73
CA UNK E 110 2.22 41.38 27.06
C UNK E 110 0.73 41.49 26.92
N UNK E 111 0.00 40.84 27.79
CA UNK E 111 -1.43 40.95 27.68
C UNK E 111 -1.91 42.28 28.17
N UNK E 112 -2.95 42.77 27.53
CA UNK E 112 -3.65 43.97 27.92
C UNK E 112 -4.95 43.52 28.53
N UNK E 113 -5.55 44.27 29.42
CA UNK E 113 -6.82 43.77 29.93
C UNK E 113 -7.86 44.83 30.05
N UNK E 114 -9.08 44.42 29.82
CA UNK E 114 -10.22 45.30 29.93
C UNK E 114 -11.49 44.52 30.27
N UNK E 115 -12.46 45.24 30.80
CA UNK E 115 -13.78 44.73 31.14
C UNK E 115 -14.75 45.87 30.94
N UNK E 116 -16.07 45.59 30.75
CA UNK E 116 -17.09 46.63 30.49
C UNK E 116 -18.29 46.39 31.38
N UNK F 1 -11.88 19.21 20.27
CA UNK F 1 -10.74 18.39 20.64
C UNK F 1 -10.12 18.93 21.96
N UNK F 2 -10.85 18.74 23.09
CA UNK F 2 -10.47 19.19 24.44
C UNK F 2 -9.23 18.50 25.02
N UNK F 3 -8.46 19.28 25.78
CA UNK F 3 -7.32 18.75 26.50
C UNK F 3 -7.71 18.52 27.97
N UNK F 4 -7.74 17.27 28.33
CA UNK F 4 -8.20 16.87 29.65
C UNK F 4 -7.12 16.94 30.69
N UNK F 5 -6.83 18.13 31.16
CA UNK F 5 -5.74 18.30 32.10
C UNK F 5 -5.96 17.37 33.28
N UNK F 6 -4.90 16.68 33.69
CA UNK F 6 -4.95 15.70 34.78
C UNK F 6 -5.32 16.27 36.13
N UNK F 7 -4.87 17.47 36.44
CA UNK F 7 -5.18 18.05 37.74
C UNK F 7 -5.18 19.55 37.65
N UNK F 8 -6.06 20.18 38.40
CA UNK F 8 -6.10 21.63 38.43
C UNK F 8 -5.00 22.19 39.30
N UNK F 9 -4.43 21.37 40.15
CA UNK F 9 -3.37 21.82 41.03
C UNK F 9 -2.55 20.66 41.57
N UNK F 10 -1.29 20.95 41.90
CA UNK F 10 -0.39 20.06 42.62
C UNK F 10 0.57 20.92 43.43
N UNK F 11 1.12 20.39 44.52
CA UNK F 11 2.03 21.23 45.31
C UNK F 11 3.22 20.47 45.92
N UNK F 12 4.01 19.81 45.09
CA UNK F 12 5.20 19.09 45.57
C UNK F 12 6.28 20.12 45.83
N UNK F 13 7.23 19.80 46.69
CA UNK F 13 8.34 20.71 46.87
C UNK F 13 9.60 19.91 46.95
N UNK F 14 10.63 20.43 46.30
CA UNK F 14 11.93 19.80 46.24
C UNK F 14 11.79 18.36 45.78
N UNK F 15 10.91 18.14 44.82
CA UNK F 15 10.65 16.80 44.33
C UNK F 15 10.08 16.82 42.94
N UNK F 16 10.25 15.71 42.24
CA UNK F 16 9.63 15.54 40.94
C UNK F 16 8.12 15.47 41.12
N UNK F 17 7.39 15.89 40.10
CA UNK F 17 5.93 15.85 40.15
C UNK F 17 5.33 15.57 38.78
N UNK F 18 4.23 14.84 38.76
CA UNK F 18 3.53 14.46 37.54
C UNK F 18 2.71 15.58 36.92
N UNK F 19 2.54 15.49 35.61
CA UNK F 19 1.67 16.37 34.83
C UNK F 19 1.24 15.59 33.60
N UNK F 20 0.01 15.81 33.14
CA UNK F 20 -0.53 15.13 31.98
C UNK F 20 -1.83 15.74 31.52
N UNK F 21 -2.27 15.36 30.31
CA UNK F 21 -3.60 15.74 29.79
C UNK F 21 -4.08 14.76 28.70
N UNK F 22 -5.29 14.26 28.80
CA UNK F 22 -5.73 13.34 27.74
C UNK F 22 -6.12 14.13 26.48
N UNK F 23 -5.90 13.52 25.31
CA UNK F 23 -6.27 14.15 24.06
C UNK F 23 -7.60 13.66 23.54
N UNK F 24 -8.62 14.51 23.57
CA UNK F 24 -9.96 14.10 23.19
C UNK F 24 -10.04 13.57 21.76
N UNK F 25 -9.22 14.10 20.86
CA UNK F 25 -9.26 13.65 19.47
C UNK F 25 -7.92 13.09 19.04
N UNK F 26 -7.11 12.64 20.00
CA UNK F 26 -5.80 12.07 19.69
C UNK F 26 -4.93 12.94 18.77
N UNK F 27 -4.86 14.25 19.03
CA UNK F 27 -4.05 15.13 18.19
C UNK F 27 -2.58 14.73 18.20
N UNK F 28 -1.94 14.74 17.02
CA UNK F 28 -0.51 14.44 16.93
C UNK F 28 0.36 15.62 17.33
N UNK F 29 -0.13 16.83 17.05
CA UNK F 29 0.60 18.05 17.36
C UNK F 29 -0.06 18.80 18.49
N UNK F 30 0.75 19.08 19.50
CA UNK F 30 0.37 19.79 20.71
C UNK F 30 1.61 20.34 21.39
N UNK F 31 1.44 21.26 22.31
CA UNK F 31 2.58 21.78 23.06
C UNK F 31 2.24 22.19 24.46
N UNK F 32 3.25 22.16 25.31
CA UNK F 32 3.13 22.65 26.68
C UNK F 32 3.42 24.14 26.76
N UNK F 33 3.01 24.72 27.87
CA UNK F 33 3.27 26.11 28.18
C UNK F 33 3.13 26.29 29.68
N UNK F 34 3.66 27.36 30.25
CA UNK F 34 3.43 27.62 31.68
C UNK F 34 3.57 29.10 32.03
N UNK F 35 2.89 29.54 33.09
CA UNK F 35 2.99 30.95 33.44
C UNK F 35 3.13 31.28 34.89
N UNK F 36 3.93 32.30 35.10
CA UNK F 36 4.12 32.91 36.38
C UNK F 36 2.88 33.71 36.67
N UNK F 37 2.63 34.02 37.92
CA UNK F 37 1.48 34.86 38.17
C UNK F 37 1.72 36.18 37.47
N UNK F 38 0.67 36.76 36.91
CA UNK F 38 0.75 38.04 36.21
C UNK F 38 1.75 38.01 35.07
N UNK F 39 1.70 36.95 34.27
CA UNK F 39 2.61 36.80 33.15
C UNK F 39 2.02 35.99 32.00
N UNK F 40 2.49 36.26 30.79
CA UNK F 40 2.10 35.46 29.64
C UNK F 40 2.76 34.10 29.79
N UNK F 41 2.09 33.04 29.37
CA UNK F 41 2.74 31.74 29.45
C UNK F 41 3.86 31.63 28.45
N UNK F 42 4.92 30.95 28.85
CA UNK F 42 6.03 30.66 27.97
C UNK F 42 5.79 29.34 27.33
N UNK F 43 6.23 29.16 26.09
CA UNK F 43 6.10 27.86 25.45
C UNK F 43 7.12 26.91 26.04
N UNK F 44 6.77 25.64 26.08
CA UNK F 44 7.69 24.61 26.53
C UNK F 44 7.35 23.31 25.85
N UNK F 45 8.32 22.42 25.67
CA UNK F 45 7.98 21.13 25.10
C UNK F 45 7.12 21.30 23.84
N UNK F 46 7.61 22.08 22.89
CA UNK F 46 6.88 22.26 21.65
C UNK F 46 6.88 20.97 20.89
N UNK F 47 5.85 20.69 20.10
CA UNK F 47 5.86 19.46 19.31
C UNK F 47 6.13 18.26 20.20
N UNK F 48 5.43 18.24 21.33
CA UNK F 48 5.48 17.22 22.38
C UNK F 48 6.81 17.18 23.16
N UNK F 49 7.93 16.98 22.49
CA UNK F 49 9.20 16.85 23.20
C UNK F 49 10.34 17.74 22.71
N UNK F 50 10.07 18.85 22.07
CA UNK F 50 11.16 19.72 21.66
C UNK F 50 11.77 20.34 22.87
N UNK F 51 13.06 20.58 22.85
CA UNK F 51 13.63 21.27 23.97
C UNK F 51 13.09 22.69 24.03
N UNK F 52 12.79 23.13 25.24
CA UNK F 52 12.34 24.48 25.50
C UNK F 52 13.54 25.38 25.48
N UNK F 53 13.31 26.67 25.26
CA UNK F 53 14.38 27.65 25.31
C UNK F 53 14.84 27.90 26.75
N UNK F 54 14.00 27.48 27.68
CA UNK F 54 14.20 27.62 29.11
C UNK F 54 15.39 26.84 29.60
N UNK F 55 16.04 27.37 30.64
CA UNK F 55 17.18 26.70 31.25
C UNK F 55 16.75 25.59 32.18
N UNK F 56 15.46 25.45 32.40
CA UNK F 56 14.93 24.47 33.32
C UNK F 56 14.88 23.12 32.66
N UNK F 57 16.06 22.54 32.45
CA UNK F 57 16.20 21.25 31.77
C UNK F 57 15.47 20.15 32.52
N UNK F 58 15.41 20.29 33.84
CA UNK F 58 14.73 19.35 34.70
C UNK F 58 13.24 19.26 34.40
N UNK F 59 12.64 20.36 34.02
CA UNK F 59 11.19 20.42 33.85
C UNK F 59 10.73 19.95 32.50
N UNK F 60 10.95 18.68 32.20
CA UNK F 60 10.53 18.17 30.91
C UNK F 60 10.21 16.69 30.91
N UNK F 61 9.15 16.37 30.18
CA UNK F 61 8.69 15.02 29.93
C UNK F 61 7.77 15.06 28.74
N UNK F 62 7.52 13.93 28.11
CA UNK F 62 6.60 13.92 26.98
C UNK F 62 5.97 12.56 26.80
N UNK F 63 4.87 12.54 26.06
CA UNK F 63 4.18 11.32 25.71
C UNK F 63 3.56 11.44 24.34
N UNK F 64 3.40 10.30 23.67
CA UNK F 64 2.84 10.21 22.31
C UNK F 64 1.32 10.02 22.23
N UNK F 65 0.64 9.95 23.37
CA UNK F 65 -0.80 9.74 23.38
C UNK F 65 -1.41 10.75 24.31
N UNK F 66 -1.80 10.33 25.51
CA UNK F 66 -2.19 11.35 26.46
C UNK F 66 -0.91 12.11 26.68
N UNK F 67 -0.99 13.40 26.85
CA UNK F 67 0.19 14.20 27.05
C UNK F 67 0.77 13.90 28.39
N UNK F 68 2.07 14.07 28.51
CA UNK F 68 2.74 13.98 29.78
C UNK F 68 3.69 15.13 29.85
N UNK F 69 3.92 15.65 31.04
CA UNK F 69 4.87 16.73 31.20
C UNK F 69 5.42 16.82 32.60
N UNK F 70 5.71 15.68 33.22
CA UNK F 70 6.23 15.65 34.57
C UNK F 70 7.57 16.36 34.67
N UNK F 71 7.78 17.01 35.80
CA UNK F 71 9.04 17.69 36.05
C UNK F 71 9.89 16.86 36.99
N UNK F 72 11.20 16.92 36.83
CA UNK F 72 12.12 16.21 37.71
C UNK F 72 12.42 16.97 38.99
N UNK F 73 11.87 18.17 39.12
CA UNK F 73 12.14 19.02 40.27
C UNK F 73 10.96 19.91 40.58
N UNK F 74 10.96 20.44 41.80
CA UNK F 74 9.92 21.35 42.29
C UNK F 74 10.52 22.28 43.31
N UNK F 75 9.83 23.39 43.61
CA UNK F 75 10.22 24.43 44.58
C UNK F 75 11.27 25.38 44.00
N UNK F 76 12.27 24.80 43.34
CA UNK F 76 13.33 25.58 42.70
C UNK F 76 12.71 26.54 41.70
N UNK F 77 11.63 26.11 41.05
CA UNK F 77 10.89 26.93 40.12
C UNK F 77 9.45 26.43 40.12
N UNK F 78 8.52 27.32 39.88
CA UNK F 78 7.12 26.91 39.77
C UNK F 78 6.35 27.89 38.91
N UNK F 79 5.32 27.37 38.27
CA UNK F 79 4.42 28.17 37.43
C UNK F 79 3.12 27.42 37.27
N UNK F 80 2.04 28.11 36.94
CA UNK F 80 0.87 27.33 36.63
C UNK F 80 1.16 26.67 35.32
N UNK F 81 0.85 25.41 35.20
CA UNK F 81 1.11 24.76 33.93
C UNK F 81 0.02 25.12 32.94
N UNK F 82 0.34 24.96 31.68
CA UNK F 82 -0.59 25.19 30.59
C UNK F 82 -0.24 24.25 29.45
N UNK F 83 -1.18 24.05 28.56
CA UNK F 83 -0.98 23.23 27.38
C UNK F 83 -2.03 23.58 26.36
N UNK F 84 -1.78 23.26 25.09
CA UNK F 84 -2.78 23.46 24.04
C UNK F 84 -2.61 22.53 22.86
N UNK F 85 -3.72 22.27 22.19
CA UNK F 85 -3.75 21.51 20.94
C UNK F 85 -3.16 22.35 19.84
N UNK F 86 -2.54 21.71 18.86
CA UNK F 86 -2.05 22.46 17.70
C UNK F 86 -2.69 21.95 16.42
N UNK F 87 -2.84 20.64 16.32
CA UNK F 87 -3.39 19.99 15.13
C UNK F 87 -4.85 20.36 14.82
N UNK F 88 -5.65 20.57 15.85
CA UNK F 88 -7.06 20.86 15.65
C UNK F 88 -7.26 22.21 15.02
N UNK F 89 -8.18 22.33 14.07
CA UNK F 89 -8.43 23.65 13.53
C UNK F 89 -8.94 24.54 14.64
N UNK F 90 -9.81 23.99 15.47
CA UNK F 90 -10.33 24.70 16.61
C UNK F 90 -9.39 24.44 17.76
N UNK F 91 -8.17 24.92 17.62
CA UNK F 91 -7.16 24.66 18.61
C UNK F 91 -7.62 25.26 19.90
N UNK F 92 -7.36 24.56 20.99
CA UNK F 92 -7.76 25.09 22.28
C UNK F 92 -6.82 24.68 23.40
N UNK F 93 -6.76 25.56 24.39
CA UNK F 93 -5.98 25.38 25.60
C UNK F 93 -6.63 24.43 26.58
N UNK F 94 -5.80 23.77 27.35
CA UNK F 94 -6.23 22.90 28.43
C UNK F 94 -6.89 23.76 29.48
N UNK F 95 -7.98 23.26 30.06
CA UNK F 95 -8.74 24.05 31.03
C UNK F 95 -7.99 24.54 32.25
N UNK F 96 -7.12 23.73 32.84
CA UNK F 96 -6.45 24.19 34.05
C UNK F 96 -5.25 23.38 34.44
N UNK F 97 -4.36 24.00 35.20
CA UNK F 97 -3.29 23.34 35.91
C UNK F 97 -2.74 24.35 36.90
N UNK F 98 -2.10 23.92 37.96
CA UNK F 98 -1.51 24.88 38.89
C UNK F 98 -0.45 24.23 39.77
N UNK F 99 0.45 25.06 40.36
CA UNK F 99 1.49 24.65 41.31
C UNK F 99 0.96 24.83 42.73
N ASN G 35 -0.85 -33.21 43.19
CA ASN G 35 -0.26 -33.59 41.89
C ASN G 35 -1.02 -33.15 40.63
N LEU G 36 -1.43 -31.90 40.57
CA LEU G 36 -2.11 -31.46 39.37
C LEU G 36 -1.07 -31.03 38.37
N TRP G 37 -1.37 -31.24 37.10
CA TRP G 37 -0.48 -30.95 36.00
C TRP G 37 -1.12 -30.05 34.97
N VAL G 38 -0.28 -29.35 34.23
CA VAL G 38 -0.75 -28.46 33.18
C VAL G 38 -1.16 -29.21 31.92
N THR G 39 -2.38 -28.96 31.45
CA THR G 39 -2.89 -29.51 30.20
C THR G 39 -3.09 -28.39 29.22
N VAL G 40 -2.63 -28.61 28.01
CA VAL G 40 -2.78 -27.62 26.99
C VAL G 40 -3.93 -28.00 26.10
N TYR G 41 -4.84 -27.07 25.88
CA TYR G 41 -5.99 -27.32 25.04
C TYR G 41 -6.05 -26.39 23.84
N TYR G 42 -6.30 -26.97 22.67
CA TYR G 42 -6.43 -26.20 21.45
C TYR G 42 -7.83 -26.32 20.89
N GLY G 43 -8.43 -25.18 20.62
CA GLY G 43 -9.80 -25.11 20.14
C GLY G 43 -10.69 -24.56 21.25
N VAL G 44 -10.08 -23.87 22.19
CA VAL G 44 -10.80 -23.29 23.30
C VAL G 44 -11.61 -22.09 22.82
N PRO G 45 -12.93 -22.00 23.08
CA PRO G 45 -13.83 -20.97 22.60
C PRO G 45 -13.73 -19.65 23.35
N VAL G 46 -12.59 -19.00 23.23
CA VAL G 46 -12.38 -17.71 23.87
C VAL G 46 -11.92 -16.64 22.93
N TRP G 47 -12.07 -15.41 23.38
CA TRP G 47 -11.68 -14.26 22.60
C TRP G 47 -11.32 -13.06 23.43
N LYS G 48 -10.69 -12.11 22.77
CA LYS G 48 -10.32 -10.85 23.38
C LYS G 48 -10.68 -9.67 22.51
N ASP G 49 -10.87 -8.51 23.11
CA ASP G 49 -11.14 -7.33 22.31
C ASP G 49 -9.98 -7.13 21.38
N ALA G 50 -10.24 -6.79 20.14
CA ALA G 50 -9.14 -6.60 19.22
C ALA G 50 -9.50 -5.64 18.13
N GLU G 51 -8.49 -5.03 17.53
CA GLU G 51 -8.78 -4.14 16.44
C GLU G 51 -8.06 -4.53 15.19
N THR G 52 -8.83 -4.71 14.14
CA THR G 52 -8.36 -5.09 12.82
C THR G 52 -9.10 -4.31 11.79
N THR G 53 -8.80 -4.59 10.54
CA THR G 53 -9.50 -3.92 9.47
C THR G 53 -10.57 -4.85 8.96
N LEU G 54 -11.80 -4.37 8.93
CA LEU G 54 -12.92 -5.16 8.46
C LEU G 54 -13.03 -4.97 6.97
N PHE G 55 -13.62 -5.92 6.27
CA PHE G 55 -13.72 -5.72 4.83
C PHE G 55 -15.16 -5.40 4.52
N CYS G 56 -15.40 -4.72 3.38
CA CYS G 56 -16.73 -4.29 2.96
C CYS G 56 -17.34 -5.21 1.92
N ALA G 57 -18.58 -5.60 2.15
CA ALA G 57 -19.35 -6.44 1.25
C ALA G 57 -20.58 -5.67 0.76
N SER G 58 -21.08 -6.03 -0.42
CA SER G 58 -22.24 -5.36 -1.02
C SER G 58 -23.16 -6.30 -1.80
N ASP G 59 -24.33 -5.79 -2.18
CA ASP G 59 -25.22 -6.67 -2.91
C ASP G 59 -24.95 -6.64 -4.42
N ALA G 60 -25.71 -7.43 -5.16
CA ALA G 60 -25.56 -7.58 -6.61
C ALA G 60 -25.78 -6.29 -7.40
N LYS G 61 -26.68 -5.45 -6.93
CA LYS G 61 -27.01 -4.20 -7.60
C LYS G 61 -25.95 -3.08 -7.58
N ALA G 62 -24.92 -3.15 -6.70
CA ALA G 62 -23.90 -2.12 -6.53
C ALA G 62 -22.92 -2.18 -7.69
N HIS G 68 -20.12 2.65 -11.16
CA HIS G 68 -20.37 4.10 -11.26
C HIS G 68 -20.55 4.82 -9.89
N ASN G 69 -20.85 4.06 -8.81
CA ASN G 69 -21.00 4.53 -7.43
C ASN G 69 -19.66 4.59 -6.77
N VAL G 70 -19.45 5.60 -5.96
CA VAL G 70 -18.18 5.74 -5.27
C VAL G 70 -17.80 4.52 -4.41
N TRP G 71 -18.76 3.82 -3.84
CA TRP G 71 -18.47 2.67 -2.99
C TRP G 71 -18.29 1.34 -3.73
N ALA G 72 -18.61 1.32 -5.02
CA ALA G 72 -18.62 0.07 -5.76
C ALA G 72 -17.27 -0.61 -5.91
N THR G 73 -16.20 0.15 -6.03
CA THR G 73 -14.87 -0.44 -6.21
C THR G 73 -14.40 -1.08 -4.93
N HIS G 74 -14.62 -0.37 -3.84
CA HIS G 74 -14.21 -0.76 -2.51
C HIS G 74 -14.96 -1.97 -1.96
N CYS G 75 -16.31 -2.00 -2.11
CA CYS G 75 -17.20 -3.01 -1.60
C CYS G 75 -17.60 -3.90 -2.78
N CYS G 76 -16.70 -4.79 -3.19
CA CYS G 76 -17.00 -5.61 -4.35
C CYS G 76 -17.32 -7.05 -3.96
N VAL G 77 -17.02 -7.42 -2.74
CA VAL G 77 -17.26 -8.78 -2.32
C VAL G 77 -18.74 -8.92 -2.12
N PRO G 78 -19.41 -9.91 -2.70
CA PRO G 78 -20.83 -10.14 -2.51
C PRO G 78 -21.09 -10.46 -1.06
N THR G 79 -22.22 -10.06 -0.56
CA THR G 79 -22.57 -10.43 0.79
C THR G 79 -22.99 -11.86 0.80
N ASP G 80 -23.04 -12.45 1.98
CA ASP G 80 -23.49 -13.80 2.12
C ASP G 80 -24.95 -13.86 1.68
N PRO G 81 -25.35 -14.74 0.75
CA PRO G 81 -26.71 -14.90 0.26
C PRO G 81 -27.73 -15.23 1.36
N ASN G 82 -27.25 -15.77 2.47
CA ASN G 82 -28.10 -16.14 3.59
C ASN G 82 -27.36 -16.03 4.90
N PRO G 83 -27.15 -14.82 5.43
CA PRO G 83 -26.36 -14.54 6.62
C PRO G 83 -26.95 -15.29 7.78
N GLN G 84 -26.10 -15.73 8.70
CA GLN G 84 -26.50 -16.47 9.90
C GLN G 84 -25.85 -15.93 11.15
N GLU G 85 -26.51 -16.16 12.28
CA GLU G 85 -25.94 -15.77 13.56
C GLU G 85 -26.05 -16.92 14.51
N ILE G 86 -25.17 -16.94 15.47
CA ILE G 86 -25.21 -17.96 16.51
C ILE G 86 -25.52 -17.36 17.85
N HIS G 87 -26.65 -17.70 18.45
CA HIS G 87 -26.91 -17.10 19.74
C HIS G 87 -25.98 -17.72 20.75
N LEU G 88 -25.42 -16.92 21.65
CA LEU G 88 -24.54 -17.48 22.64
C LEU G 88 -25.24 -17.59 23.97
N GLU G 89 -25.63 -18.79 24.31
CA GLU G 89 -26.36 -18.97 25.54
C GLU G 89 -25.40 -18.74 26.72
N ASN G 90 -25.86 -18.02 27.77
CA ASN G 90 -25.17 -17.70 29.04
C ASN G 90 -23.83 -16.95 28.86
N VAL G 91 -23.74 -15.99 27.92
CA VAL G 91 -22.54 -15.18 27.70
C VAL G 91 -22.84 -13.74 27.98
N THR G 92 -22.10 -13.16 28.91
CA THR G 92 -22.27 -11.76 29.20
C THR G 92 -21.07 -11.07 28.62
N GLU G 93 -21.31 -10.09 27.79
CA GLU G 93 -20.23 -9.38 27.14
C GLU G 93 -20.28 -7.95 27.62
N GLU G 94 -19.36 -7.11 27.18
CA GLU G 94 -19.39 -5.71 27.55
C GLU G 94 -19.09 -4.80 26.37
N PHE G 95 -19.93 -3.81 26.18
CA PHE G 95 -19.81 -2.92 25.06
C PHE G 95 -19.50 -1.49 25.45
N ASN G 96 -18.87 -0.76 24.55
CA ASN G 96 -18.69 0.66 24.75
C ASN G 96 -18.74 1.34 23.42
N MET G 97 -19.89 1.85 23.05
CA MET G 97 -20.07 2.46 21.75
C MET G 97 -19.23 3.71 21.57
N TRP G 98 -18.77 4.29 22.65
CA TRP G 98 -18.04 5.54 22.58
C TRP G 98 -16.56 5.28 22.33
N LYS G 99 -16.15 4.02 22.39
CA LYS G 99 -14.79 3.60 22.18
C LYS G 99 -14.84 2.33 21.38
N ASN G 100 -15.24 2.44 20.12
CA ASN G 100 -15.51 1.28 19.30
C ASN G 100 -14.89 1.38 17.93
N ASN G 101 -13.79 0.67 17.70
CA ASN G 101 -13.09 0.84 16.43
C ASN G 101 -13.68 0.05 15.29
N MET G 102 -14.84 0.53 14.89
CA MET G 102 -15.63 0.11 13.78
C MET G 102 -16.10 1.43 13.26
N VAL G 103 -16.27 2.35 14.21
CA VAL G 103 -16.75 3.68 13.94
C VAL G 103 -15.64 4.45 13.29
N GLU G 104 -14.46 4.32 13.85
CA GLU G 104 -13.33 5.03 13.32
C GLU G 104 -13.01 4.49 11.96
N GLN G 105 -13.16 3.17 11.78
CA GLN G 105 -12.86 2.65 10.48
C GLN G 105 -13.84 3.17 9.46
N MET G 106 -15.14 3.19 9.79
CA MET G 106 -16.08 3.65 8.79
C MET G 106 -15.76 5.07 8.41
N HIS G 107 -15.40 5.87 9.39
CA HIS G 107 -15.10 7.26 9.15
C HIS G 107 -13.88 7.40 8.23
N THR G 108 -12.84 6.66 8.51
CA THR G 108 -11.66 6.76 7.68
C THR G 108 -11.95 6.28 6.27
N ASP G 109 -12.68 5.19 6.13
CA ASP G 109 -12.93 4.65 4.82
C ASP G 109 -13.76 5.59 3.98
N ILE G 110 -14.75 6.24 4.57
CA ILE G 110 -15.58 7.09 3.76
C ILE G 110 -14.82 8.31 3.29
N ILE G 111 -13.96 8.85 4.13
CA ILE G 111 -13.22 10.00 3.66
C ILE G 111 -12.29 9.62 2.56
N SER G 112 -11.60 8.50 2.72
CA SER G 112 -10.68 8.10 1.70
C SER G 112 -11.37 7.92 0.37
N LEU G 113 -12.53 7.28 0.35
CA LEU G 113 -13.17 7.06 -0.92
C LEU G 113 -13.61 8.33 -1.59
N TRP G 114 -14.10 9.28 -0.82
CA TRP G 114 -14.50 10.53 -1.42
C TRP G 114 -13.31 11.22 -2.05
N ASP G 115 -12.17 11.19 -1.38
CA ASP G 115 -11.00 11.83 -1.94
C ASP G 115 -10.49 11.09 -3.16
N GLN G 116 -10.57 9.76 -3.18
CA GLN G 116 -10.09 9.02 -4.34
C GLN G 116 -10.91 9.35 -5.56
N SER G 117 -12.20 9.53 -5.34
CA SER G 117 -13.11 9.83 -6.41
C SER G 117 -12.83 11.19 -7.01
N LEU G 118 -12.57 12.17 -6.16
CA LEU G 118 -12.35 13.53 -6.61
C LEU G 118 -10.93 13.81 -7.09
N LYS G 119 -9.97 13.03 -6.61
CA LYS G 119 -8.58 13.23 -6.97
C LYS G 119 -8.26 13.49 -8.45
N PRO G 120 -8.78 12.72 -9.43
CA PRO G 120 -8.52 12.92 -10.85
C PRO G 120 -9.40 13.93 -11.62
N CYS G 121 -10.30 14.69 -10.95
CA CYS G 121 -11.29 15.56 -11.57
C CYS G 121 -10.74 16.98 -11.78
N VAL G 122 -11.44 17.76 -12.57
CA VAL G 122 -11.01 19.13 -12.91
C VAL G 122 -10.91 20.06 -11.72
N LYS G 123 -9.78 20.77 -11.62
CA LYS G 123 -9.57 21.74 -10.55
C LYS G 123 -10.14 23.06 -11.00
N LEU G 124 -10.70 23.84 -10.10
CA LEU G 124 -11.33 25.07 -10.54
C LEU G 124 -10.54 26.34 -10.32
N THR G 125 -9.24 26.22 -10.09
CA THR G 125 -8.38 27.39 -9.89
C THR G 125 -8.57 28.50 -10.96
N PRO G 126 -8.65 28.21 -12.27
CA PRO G 126 -8.80 29.19 -13.34
C PRO G 126 -10.07 30.05 -13.21
N LEU G 127 -11.01 29.62 -12.39
CA LEU G 127 -12.24 30.38 -12.19
C LEU G 127 -12.24 31.37 -11.02
N CYS G 128 -11.06 31.60 -10.38
CA CYS G 128 -10.86 32.52 -9.26
C CYS G 128 -10.87 33.99 -9.74
N VAL G 129 -10.94 34.20 -11.02
CA VAL G 129 -10.96 35.56 -11.52
C VAL G 129 -12.24 36.29 -11.08
N THR G 130 -12.13 37.60 -10.85
CA THR G 130 -13.25 38.44 -10.40
C THR G 130 -14.42 38.44 -11.37
N LEU G 131 -15.61 38.25 -10.82
CA LEU G 131 -16.88 38.18 -11.51
C LEU G 131 -17.65 39.49 -11.50
N GLN G 132 -18.39 39.78 -12.57
CA GLN G 132 -19.28 40.96 -12.68
C GLN G 132 -20.73 40.48 -12.64
N CYS G 133 -21.45 40.67 -11.50
CA CYS G 133 -22.75 40.02 -11.27
C CYS G 133 -23.94 40.97 -11.19
N THR G 134 -25.09 40.49 -11.68
CA THR G 134 -26.37 41.18 -11.56
C THR G 134 -27.21 40.42 -10.52
N ASN G 135 -28.41 40.92 -10.20
CA ASN G 135 -29.19 40.47 -9.01
C ASN G 135 -30.24 39.39 -9.30
N VAL G 136 -30.38 38.94 -10.55
CA VAL G 136 -31.39 37.90 -10.98
C VAL G 136 -32.79 38.11 -10.42
N THR G 137 -33.46 39.17 -10.84
CA THR G 137 -34.78 39.50 -10.32
C THR G 137 -35.90 39.17 -11.28
N ASN G 138 -35.57 38.44 -12.32
CA ASN G 138 -36.54 38.11 -13.33
C ASN G 138 -37.41 36.94 -12.96
N ASN G 139 -38.71 37.20 -12.81
CA ASN G 139 -39.68 36.17 -12.44
C ASN G 139 -39.36 35.43 -11.14
N ILE G 140 -39.12 36.18 -10.07
CA ILE G 140 -38.78 35.57 -8.79
C ILE G 140 -39.75 35.96 -7.71
N THR G 141 -39.75 35.18 -6.64
CA THR G 141 -40.51 35.61 -5.46
C THR G 141 -39.61 36.50 -4.63
N ASP G 142 -40.17 37.20 -3.66
CA ASP G 142 -39.36 38.09 -2.84
C ASP G 142 -38.36 37.39 -1.94
N ASP G 143 -38.68 36.18 -1.51
CA ASP G 143 -37.84 35.41 -0.60
C ASP G 143 -36.55 34.97 -1.26
N MET G 144 -36.50 35.03 -2.58
CA MET G 144 -35.34 34.65 -3.36
C MET G 144 -34.62 35.86 -3.90
N ARG G 145 -34.99 37.04 -3.43
CA ARG G 145 -34.38 38.21 -3.99
C ARG G 145 -32.97 38.36 -3.52
N GLY G 146 -32.07 38.43 -4.49
CA GLY G 146 -30.65 38.57 -4.24
C GLY G 146 -29.99 37.23 -3.94
N GLU G 147 -30.77 36.15 -3.95
CA GLU G 147 -30.28 34.83 -3.62
C GLU G 147 -29.43 34.22 -4.73
N LEU G 148 -29.75 34.52 -5.97
CA LEU G 148 -29.00 33.99 -7.08
C LEU G 148 -28.32 35.13 -7.76
N LYS G 149 -27.15 34.89 -8.34
CA LYS G 149 -26.51 35.96 -9.08
C LYS G 149 -26.06 35.52 -10.47
N ASN G 150 -26.23 36.42 -11.48
CA ASN G 150 -25.86 36.22 -12.88
C ASN G 150 -24.53 36.89 -13.13
N CYS G 151 -23.45 36.08 -13.18
CA CYS G 151 -22.07 36.55 -13.19
C CYS G 151 -21.37 36.32 -14.51
N SER G 152 -20.80 37.41 -15.02
CA SER G 152 -20.04 37.38 -16.24
C SER G 152 -18.58 37.49 -15.91
N PHE G 153 -17.75 36.84 -16.68
CA PHE G 153 -16.33 36.89 -16.44
C PHE G 153 -15.54 36.60 -17.70
N ASN G 154 -14.24 36.91 -17.68
CA ASN G 154 -13.31 36.62 -18.76
C ASN G 154 -12.53 35.35 -18.46
N MET G 155 -12.09 34.63 -19.52
CA MET G 155 -11.19 33.48 -19.47
C MET G 155 -10.14 33.58 -20.59
N THR G 156 -8.94 32.96 -20.38
CA THR G 156 -7.80 32.81 -21.29
C THR G 156 -8.18 32.91 -22.81
N GLN G 164 -12.05 35.50 -23.82
CA GLN G 164 -13.37 34.92 -24.01
C GLN G 164 -14.31 35.38 -22.87
N LYS G 165 -15.50 35.92 -23.24
CA LYS G 165 -16.55 36.35 -22.28
C LYS G 165 -17.55 35.21 -22.08
N VAL G 166 -17.72 34.83 -20.84
CA VAL G 166 -18.58 33.74 -20.40
C VAL G 166 -19.45 34.12 -19.23
N TYR G 167 -20.60 33.48 -19.04
CA TYR G 167 -21.35 33.77 -17.83
C TYR G 167 -22.00 32.53 -17.27
N SER G 168 -22.36 32.57 -15.99
CA SER G 168 -23.07 31.51 -15.30
C SER G 168 -23.83 31.98 -14.07
N LEU G 169 -24.72 31.14 -13.55
CA LEU G 169 -25.39 31.53 -12.32
C LEU G 169 -24.72 30.89 -11.14
N PHE G 170 -24.72 31.62 -10.03
CA PHE G 170 -24.19 31.18 -8.75
C PHE G 170 -25.16 31.41 -7.63
N TYR G 171 -25.06 30.60 -6.59
CA TYR G 171 -25.82 30.88 -5.39
C TYR G 171 -25.08 31.92 -4.60
N ARG G 172 -25.79 32.77 -3.89
CA ARG G 172 -25.20 33.80 -3.06
C ARG G 172 -24.23 33.26 -2.04
N LEU G 173 -24.51 32.10 -1.48
CA LEU G 173 -23.67 31.57 -0.42
C LEU G 173 -22.30 31.11 -0.88
N ASP G 174 -22.07 31.02 -2.18
CA ASP G 174 -20.78 30.58 -2.67
C ASP G 174 -19.85 31.71 -3.07
N VAL G 175 -20.32 32.96 -2.95
CA VAL G 175 -19.49 34.08 -3.36
C VAL G 175 -19.36 35.15 -2.31
N VAL G 176 -18.34 35.96 -2.47
CA VAL G 176 -18.09 37.09 -1.60
C VAL G 176 -18.05 38.38 -2.37
N GLN G 177 -18.77 39.37 -1.86
CA GLN G 177 -18.77 40.67 -2.51
C GLN G 177 -17.52 41.38 -2.09
N ILE G 178 -16.86 42.01 -3.05
CA ILE G 178 -15.62 42.70 -2.72
C ILE G 178 -15.70 44.17 -3.13
N ASN G 179 -14.77 45.02 -2.59
CA ASN G 179 -14.61 46.45 -2.89
C ASN G 179 -15.92 47.23 -2.69
N LYS G 191 -20.62 45.59 -8.13
CA LYS G 191 -20.99 44.35 -8.83
C LYS G 191 -19.89 43.25 -8.81
N GLU G 192 -18.71 43.51 -8.19
CA GLU G 192 -17.59 42.56 -8.15
C GLU G 192 -17.68 41.51 -7.06
N TYR G 193 -17.56 40.25 -7.50
CA TYR G 193 -17.61 39.08 -6.62
C TYR G 193 -16.49 38.09 -6.89
N ARG G 194 -16.10 37.38 -5.87
CA ARG G 194 -15.13 36.30 -6.00
C ARG G 194 -15.65 35.05 -5.35
N LEU G 195 -15.07 33.91 -5.66
CA LEU G 195 -15.55 32.71 -4.98
C LEU G 195 -15.17 32.80 -3.52
N ILE G 196 -16.00 32.25 -2.67
CA ILE G 196 -15.76 32.37 -1.25
C ILE G 196 -14.40 31.86 -0.76
N ASN G 197 -13.87 30.81 -1.37
CA ASN G 197 -12.53 30.32 -0.99
C ASN G 197 -11.55 30.34 -2.20
N CYS G 198 -11.72 31.33 -3.09
CA CYS G 198 -11.04 31.59 -4.36
C CYS G 198 -9.55 31.38 -4.29
N ASN G 199 -8.94 32.08 -3.37
CA ASN G 199 -7.49 32.06 -3.22
C ASN G 199 -6.98 31.27 -1.99
N THR G 200 -7.85 30.48 -1.29
CA THR G 200 -7.47 29.77 -0.07
C THR G 200 -7.56 28.26 -0.15
N SER G 201 -8.36 27.71 -1.07
CA SER G 201 -8.54 26.27 -1.01
C SER G 201 -8.50 25.54 -2.32
N ALA G 202 -8.32 24.25 -2.19
CA ALA G 202 -8.30 23.36 -3.32
C ALA G 202 -9.71 23.00 -3.72
N ILE G 203 -10.37 23.95 -4.39
CA ILE G 203 -11.73 23.70 -4.79
C ILE G 203 -11.66 22.92 -6.07
N THR G 204 -12.28 21.76 -6.09
CA THR G 204 -12.27 20.97 -7.31
C THR G 204 -13.69 20.63 -7.67
N GLN G 205 -13.90 20.25 -8.91
CA GLN G 205 -15.20 19.85 -9.42
C GLN G 205 -15.41 18.39 -9.33
N ALA G 206 -16.52 17.97 -8.76
CA ALA G 206 -16.77 16.56 -8.73
C ALA G 206 -17.07 16.14 -10.16
N CYS G 207 -16.62 14.94 -10.58
CA CYS G 207 -16.92 14.39 -11.89
C CYS G 207 -18.41 14.00 -11.88
N PRO G 208 -19.24 14.47 -12.83
CA PRO G 208 -20.69 14.33 -12.88
C PRO G 208 -21.15 12.90 -13.03
N LYS G 209 -20.25 12.05 -13.45
CA LYS G 209 -20.52 10.65 -13.65
C LYS G 209 -20.55 9.87 -12.35
N VAL G 210 -20.05 10.45 -11.27
CA VAL G 210 -19.96 9.68 -10.05
C VAL G 210 -21.20 9.79 -9.20
N SER G 211 -21.72 8.65 -8.83
CA SER G 211 -22.87 8.64 -7.96
C SER G 211 -22.46 8.51 -6.52
N PHE G 212 -23.03 9.35 -5.70
CA PHE G 212 -22.76 9.33 -4.28
C PHE G 212 -23.97 8.86 -3.52
N GLU G 213 -24.93 8.29 -4.25
CA GLU G 213 -26.13 7.81 -3.63
C GLU G 213 -25.72 6.74 -2.63
N PRO G 214 -26.19 6.75 -1.39
CA PRO G 214 -25.83 5.75 -0.45
C PRO G 214 -26.39 4.40 -0.85
N ILE G 215 -25.57 3.38 -0.73
CA ILE G 215 -25.93 2.00 -0.97
C ILE G 215 -25.62 1.32 0.33
N PRO G 216 -26.48 0.49 0.91
CA PRO G 216 -26.18 -0.16 2.14
C PRO G 216 -24.92 -0.96 1.96
N ILE G 217 -24.04 -0.91 2.94
CA ILE G 217 -22.83 -1.70 2.88
C ILE G 217 -22.75 -2.53 4.12
N HIS G 218 -21.99 -3.60 4.09
CA HIS G 218 -21.87 -4.43 5.26
C HIS G 218 -20.43 -4.59 5.66
N TYR G 219 -20.12 -4.49 6.94
CA TYR G 219 -18.75 -4.80 7.33
C TYR G 219 -18.72 -6.24 7.78
N CYS G 220 -17.69 -7.00 7.33
CA CYS G 220 -17.53 -8.42 7.60
C CYS G 220 -16.17 -8.71 8.24
N ALA G 221 -16.17 -9.64 9.17
CA ALA G 221 -14.92 -9.97 9.83
C ALA G 221 -14.03 -10.80 8.94
N PRO G 222 -12.72 -10.58 8.93
CA PRO G 222 -11.74 -11.39 8.27
C PRO G 222 -11.63 -12.64 9.08
N ALA G 223 -11.24 -13.73 8.45
CA ALA G 223 -11.08 -14.96 9.20
C ALA G 223 -10.15 -14.77 10.38
N GLY G 224 -10.54 -15.35 11.51
CA GLY G 224 -9.79 -15.26 12.75
C GLY G 224 -10.44 -14.27 13.71
N PHE G 225 -11.37 -13.49 13.18
CA PHE G 225 -12.12 -12.50 13.91
C PHE G 225 -13.60 -12.77 13.88
N ALA G 226 -14.30 -12.22 14.83
CA ALA G 226 -15.73 -12.37 14.87
C ALA G 226 -16.39 -11.10 15.33
N ILE G 227 -17.62 -10.87 14.91
CA ILE G 227 -18.31 -9.70 15.39
C ILE G 227 -19.38 -10.11 16.35
N LEU G 228 -19.38 -9.53 17.51
CA LEU G 228 -20.40 -9.87 18.47
C LEU G 228 -21.45 -8.80 18.43
N LYS G 229 -22.70 -9.21 18.41
CA LYS G 229 -23.84 -8.31 18.35
C LYS G 229 -24.69 -8.34 19.62
N CYS G 230 -25.00 -7.15 20.17
CA CYS G 230 -25.85 -6.97 21.35
C CYS G 230 -27.29 -6.80 20.90
N LYS G 231 -28.13 -7.69 21.37
CA LYS G 231 -29.54 -7.72 21.06
C LYS G 231 -30.42 -7.29 22.20
N ASP G 232 -29.84 -6.83 23.29
CA ASP G 232 -30.66 -6.47 24.43
C ASP G 232 -31.62 -5.41 23.99
N LYS G 233 -32.84 -5.50 24.44
CA LYS G 233 -33.79 -4.50 24.04
C LYS G 233 -33.48 -3.30 24.87
N LYS G 234 -33.69 -2.12 24.31
CA LYS G 234 -33.50 -0.88 25.04
C LYS G 234 -32.09 -0.79 25.61
N PHE G 235 -31.12 -1.19 24.80
CA PHE G 235 -29.74 -1.17 25.22
C PHE G 235 -29.18 0.25 25.34
N ASN G 236 -28.48 0.50 26.47
CA ASN G 236 -27.85 1.76 26.88
C ASN G 236 -26.70 2.20 25.95
N GLY G 237 -26.05 1.25 25.24
CA GLY G 237 -24.91 1.46 24.35
C GLY G 237 -23.59 1.15 25.02
N THR G 238 -23.64 1.03 26.34
CA THR G 238 -22.46 0.73 27.11
C THR G 238 -22.75 -0.30 28.19
N GLY G 239 -21.69 -0.91 28.68
CA GLY G 239 -21.75 -1.78 29.81
C GLY G 239 -22.15 -3.18 29.40
N PRO G 240 -22.39 -4.06 30.38
CA PRO G 240 -22.73 -5.44 30.20
C PRO G 240 -23.98 -5.58 29.35
N CYS G 241 -23.98 -6.61 28.49
CA CYS G 241 -25.06 -7.00 27.58
C CYS G 241 -25.24 -8.50 27.75
N THR G 242 -26.48 -8.92 27.92
CA THR G 242 -26.73 -10.35 28.14
C THR G 242 -27.32 -11.16 26.97
N ASN G 243 -27.92 -10.51 25.96
CA ASN G 243 -28.47 -11.16 24.76
C ASN G 243 -27.46 -10.96 23.61
N VAL G 244 -26.49 -11.88 23.45
CA VAL G 244 -25.38 -11.72 22.50
C VAL G 244 -25.31 -12.86 21.52
N SER G 245 -25.18 -12.50 20.25
CA SER G 245 -25.03 -13.50 19.21
C SER G 245 -23.81 -13.17 18.40
N THR G 246 -23.23 -14.18 17.79
CA THR G 246 -22.08 -13.97 16.93
C THR G 246 -22.51 -13.86 15.51
N VAL G 247 -22.00 -12.86 14.80
CA VAL G 247 -22.41 -12.71 13.42
C VAL G 247 -21.23 -12.68 12.49
N GLN G 248 -21.53 -13.01 11.25
CA GLN G 248 -20.58 -12.96 10.15
C GLN G 248 -20.24 -11.55 9.67
N CYS G 249 -21.27 -10.66 9.63
CA CYS G 249 -21.22 -9.31 9.11
C CYS G 249 -22.29 -8.50 9.82
N THR G 250 -22.19 -7.18 9.67
CA THR G 250 -23.18 -6.28 10.20
C THR G 250 -24.33 -6.22 9.23
N HIS G 251 -25.40 -5.58 9.65
CA HIS G 251 -26.53 -5.38 8.79
C HIS G 251 -26.11 -4.35 7.79
N GLY G 252 -26.92 -4.15 6.76
CA GLY G 252 -26.49 -3.15 5.81
C GLY G 252 -26.71 -1.79 6.42
N ILE G 253 -25.75 -0.93 6.24
CA ILE G 253 -25.83 0.44 6.70
C ILE G 253 -25.68 1.41 5.59
N LYS G 254 -26.60 2.34 5.45
CA LYS G 254 -26.40 3.33 4.43
C LYS G 254 -25.52 4.42 4.99
N PRO G 255 -24.45 4.82 4.32
CA PRO G 255 -23.52 5.84 4.72
C PRO G 255 -24.10 7.22 4.46
N VAL G 256 -25.14 7.54 5.22
CA VAL G 256 -25.86 8.79 5.07
C VAL G 256 -25.20 9.87 5.88
N VAL G 257 -25.01 11.02 5.26
CA VAL G 257 -24.37 12.14 5.92
C VAL G 257 -25.34 13.26 6.22
N SER G 258 -25.42 13.64 7.49
CA SER G 258 -26.29 14.73 7.90
C SER G 258 -25.88 15.32 9.24
N THR G 259 -26.44 16.48 9.55
CA THR G 259 -26.26 17.09 10.88
C THR G 259 -27.62 17.31 11.49
N GLN G 260 -27.71 17.49 12.81
CA GLN G 260 -28.95 17.72 13.57
C GLN G 260 -29.93 16.53 13.58
N LEU G 261 -30.41 16.13 12.43
CA LEU G 261 -31.32 15.00 12.35
C LEU G 261 -30.70 13.90 11.54
N LEU G 262 -30.73 12.72 12.12
CA LEU G 262 -30.23 11.51 11.54
C LEU G 262 -31.29 10.98 10.64
N LEU G 263 -30.92 10.69 9.40
CA LEU G 263 -31.87 10.18 8.44
C LEU G 263 -31.57 8.73 8.05
N ASN G 264 -32.65 7.99 7.73
CA ASN G 264 -32.70 6.62 7.17
C ASN G 264 -31.90 5.58 7.97
N GLY G 265 -31.93 5.64 9.32
CA GLY G 265 -31.26 4.69 10.21
C GLY G 265 -32.24 3.64 10.68
N SER G 266 -31.83 2.88 11.67
CA SER G 266 -32.67 1.86 12.22
C SER G 266 -33.56 2.49 13.25
N LEU G 267 -34.73 1.92 13.44
CA LEU G 267 -35.59 2.41 14.50
C LEU G 267 -35.43 1.56 15.72
N ALA G 268 -35.69 2.18 16.86
CA ALA G 268 -35.69 1.54 18.15
C ALA G 268 -36.91 0.65 18.25
N GLU G 269 -36.87 -0.37 19.08
CA GLU G 269 -38.05 -1.19 19.25
C GLU G 269 -38.81 -0.90 20.53
N GLU G 270 -39.99 -0.36 20.34
CA GLU G 270 -40.97 -0.02 21.36
C GLU G 270 -40.53 0.94 22.47
N GLU G 271 -39.71 1.94 22.14
CA GLU G 271 -39.28 2.98 23.08
C GLU G 271 -38.35 3.96 22.39
N VAL G 272 -38.29 5.18 22.87
CA VAL G 272 -37.29 6.12 22.38
C VAL G 272 -36.07 5.96 23.26
N ILE G 273 -34.93 5.71 22.67
CA ILE G 273 -33.77 5.43 23.46
C ILE G 273 -32.79 6.57 23.42
N ILE G 274 -32.42 7.07 24.59
CA ILE G 274 -31.49 8.18 24.63
C ILE G 274 -30.16 7.72 25.16
N ARG G 275 -29.10 7.95 24.37
CA ARG G 275 -27.77 7.51 24.74
C ARG G 275 -26.74 8.62 24.65
N SER G 276 -25.78 8.62 25.57
CA SER G 276 -24.69 9.58 25.51
C SER G 276 -23.50 8.98 26.22
N GLU G 277 -22.31 9.53 25.97
CA GLU G 277 -21.12 9.08 26.69
C GLU G 277 -21.20 9.37 28.21
N ASN G 278 -21.82 10.51 28.53
CA ASN G 278 -21.95 11.04 29.91
C ASN G 278 -23.14 12.01 29.96
N ILE G 279 -24.27 11.56 30.52
CA ILE G 279 -25.56 12.25 30.50
C ILE G 279 -25.58 13.61 31.19
N THR G 280 -24.74 13.81 32.21
CA THR G 280 -24.75 15.11 32.86
C THR G 280 -23.70 16.04 32.29
N ASN G 281 -22.71 15.51 31.60
CA ASN G 281 -21.70 16.38 31.04
C ASN G 281 -22.30 17.17 29.88
N ASN G 282 -22.32 18.48 30.00
CA ASN G 282 -22.97 19.32 29.00
C ASN G 282 -22.09 19.52 27.78
N ALA G 283 -20.91 18.95 27.84
CA ALA G 283 -19.98 19.00 26.74
C ALA G 283 -20.20 17.83 25.79
N LYS G 284 -21.09 16.92 26.13
CA LYS G 284 -21.31 15.75 25.28
C LYS G 284 -22.58 15.84 24.46
N ASN G 285 -22.58 15.16 23.32
CA ASN G 285 -23.80 15.11 22.54
C ASN G 285 -24.63 13.93 23.00
N ILE G 286 -25.92 14.07 22.81
CA ILE G 286 -26.90 13.06 23.12
C ILE G 286 -27.54 12.54 21.86
N LEU G 287 -27.53 11.23 21.67
CA LEU G 287 -28.14 10.68 20.49
C LEU G 287 -29.48 10.12 20.87
N VAL G 288 -30.47 10.45 20.07
CA VAL G 288 -31.80 9.96 20.35
C VAL G 288 -32.27 9.08 19.23
N GLN G 289 -32.59 7.84 19.54
CA GLN G 289 -33.06 6.91 18.54
C GLN G 289 -34.55 6.70 18.70
N LEU G 290 -35.29 7.05 17.67
CA LEU G 290 -36.74 6.99 17.70
C LEU G 290 -37.20 5.59 17.35
N ASN G 291 -38.38 5.15 17.85
CA ASN G 291 -39.00 3.87 17.48
C ASN G 291 -40.00 3.99 16.30
N GLU G 292 -40.23 5.22 15.79
CA GLU G 292 -41.12 5.56 14.68
C GLU G 292 -40.40 6.58 13.84
N SER G 293 -40.56 6.48 12.54
CA SER G 293 -39.96 7.47 11.67
C SER G 293 -40.87 8.65 11.49
N VAL G 294 -40.28 9.79 11.14
CA VAL G 294 -41.08 10.95 10.77
C VAL G 294 -40.78 11.26 9.33
N GLN G 295 -41.80 11.32 8.50
CA GLN G 295 -41.51 11.55 7.11
C GLN G 295 -41.30 13.00 6.81
N ILE G 296 -40.25 13.27 6.06
CA ILE G 296 -39.94 14.60 5.60
C ILE G 296 -39.82 14.62 4.04
N ASN G 297 -40.58 15.53 3.42
CA ASN G 297 -40.49 15.71 1.95
C ASN G 297 -39.72 16.99 1.66
N CYS G 298 -38.68 16.88 0.85
CA CYS G 298 -37.77 17.98 0.51
C CYS G 298 -37.72 18.24 -0.99
N THR G 299 -37.58 19.51 -1.34
CA THR G 299 -37.50 19.86 -2.74
C THR G 299 -36.75 21.11 -3.13
N ARG G 300 -36.27 21.07 -4.36
CA ARG G 300 -35.73 22.19 -5.08
C ARG G 300 -36.61 22.31 -6.30
N PRO G 301 -37.69 23.08 -6.24
CA PRO G 301 -38.76 23.17 -7.21
C PRO G 301 -38.38 23.84 -8.52
N ASN G 302 -37.29 24.58 -8.53
CA ASN G 302 -36.89 25.31 -9.72
C ASN G 302 -36.33 24.37 -10.77
N ASN G 303 -36.77 24.49 -12.04
CA ASN G 303 -36.34 23.64 -13.16
C ASN G 303 -35.03 24.20 -13.75
N ASN G 304 -33.88 23.53 -13.49
CA ASN G 304 -32.56 24.05 -13.87
C ASN G 304 -32.06 23.50 -15.20
N THR G 305 -30.89 23.99 -15.62
CA THR G 305 -30.23 23.53 -16.83
C THR G 305 -28.72 23.65 -16.63
N ARG G 306 -27.93 22.88 -17.37
CA ARG G 306 -26.48 22.91 -17.20
C ARG G 306 -25.72 23.12 -18.51
N LYS G 307 -24.69 23.97 -18.45
CA LYS G 307 -23.88 24.29 -19.61
C LYS G 307 -22.41 24.01 -19.31
N SER G 308 -21.60 23.68 -20.31
CA SER G 308 -20.18 23.52 -20.00
C SER G 308 -19.38 24.63 -20.64
N ILE G 309 -18.28 25.02 -19.99
CA ILE G 309 -17.41 26.03 -20.57
C ILE G 309 -15.96 25.56 -20.58
N ARG G 310 -15.15 26.12 -21.46
CA ARG G 310 -13.73 25.73 -21.55
C ARG G 310 -12.85 26.66 -20.76
N ILE G 311 -12.28 26.15 -19.68
CA ILE G 311 -11.52 27.00 -18.78
C ILE G 311 -10.02 26.84 -19.02
N GLY G 312 -9.64 25.76 -19.69
CA GLY G 312 -8.24 25.53 -20.02
C GLY G 312 -8.11 24.37 -21.01
N PRO G 313 -6.90 24.02 -21.45
CA PRO G 313 -6.69 22.97 -22.40
C PRO G 313 -7.12 21.68 -21.78
N GLY G 314 -8.14 21.05 -22.35
CA GLY G 314 -8.62 19.78 -21.84
C GLY G 314 -9.46 19.94 -20.57
N GLN G 315 -9.83 21.17 -20.21
CA GLN G 315 -10.57 21.39 -18.96
C GLN G 315 -11.88 22.12 -19.09
N TRP G 316 -12.94 21.41 -18.72
CA TRP G 316 -14.29 21.94 -18.74
C TRP G 316 -14.96 21.99 -17.38
N PHE G 317 -15.66 23.09 -17.20
CA PHE G 317 -16.45 23.38 -16.02
C PHE G 317 -17.93 23.31 -16.26
N TYR G 318 -18.66 22.75 -15.33
CA TYR G 318 -20.09 22.67 -15.46
C TYR G 318 -20.80 23.75 -14.68
N ALA G 319 -21.44 24.62 -15.42
CA ALA G 319 -22.09 25.82 -14.95
C ALA G 319 -23.60 25.76 -14.92
N THR G 320 -24.17 26.46 -13.96
CA THR G 320 -25.62 26.61 -13.90
C THR G 320 -26.07 27.57 -14.99
N GLY G 321 -27.08 27.18 -15.78
CA GLY G 321 -27.61 28.05 -16.81
C GLY G 321 -28.89 28.73 -16.32
N ASP G 322 -29.65 29.33 -17.24
CA ASP G 322 -30.87 30.01 -16.83
C ASP G 322 -31.89 29.07 -16.23
N ILE G 323 -32.64 29.55 -15.25
CA ILE G 323 -33.72 28.76 -14.68
C ILE G 323 -34.97 28.89 -15.51
N ILE G 324 -35.60 27.75 -15.74
CA ILE G 324 -36.81 27.64 -16.51
C ILE G 324 -37.99 27.82 -15.58
N GLY G 325 -38.87 28.73 -15.93
CA GLY G 325 -40.02 28.98 -15.07
C GLY G 325 -39.63 29.96 -13.97
N ASP G 326 -40.50 30.08 -12.99
CA ASP G 326 -40.29 31.03 -11.92
C ASP G 326 -39.32 30.51 -10.89
N ILE G 327 -38.76 31.42 -10.11
CA ILE G 327 -37.84 31.05 -9.06
C ILE G 327 -38.42 31.19 -7.66
N ARG G 328 -38.51 30.06 -6.96
CA ARG G 328 -39.06 30.02 -5.62
C ARG G 328 -38.10 29.31 -4.68
N GLN G 329 -38.34 29.45 -3.38
CA GLN G 329 -37.45 28.89 -2.38
C GLN G 329 -37.61 27.40 -2.14
N ALA G 330 -36.45 26.73 -2.00
CA ALA G 330 -36.36 25.32 -1.66
C ALA G 330 -36.85 25.11 -0.26
N HIS G 331 -37.43 23.96 0.01
CA HIS G 331 -37.97 23.72 1.34
C HIS G 331 -38.22 22.25 1.66
N CYS G 332 -38.44 21.93 2.97
CA CYS G 332 -38.83 20.61 3.47
C CYS G 332 -40.10 20.66 4.30
N ASN G 333 -40.94 19.63 4.13
CA ASN G 333 -42.24 19.49 4.84
C ASN G 333 -42.17 18.35 5.87
N VAL G 334 -42.50 18.66 7.12
CA VAL G 334 -42.58 17.71 8.25
C VAL G 334 -43.99 17.71 8.81
N SER G 335 -44.63 16.56 8.94
CA SER G 335 -46.00 16.60 9.45
C SER G 335 -46.02 17.19 10.86
N LYS G 336 -46.89 18.19 11.08
CA LYS G 336 -46.90 18.85 12.37
C LYS G 336 -47.33 18.00 13.54
N ALA G 337 -48.40 17.24 13.38
CA ALA G 337 -48.86 16.46 14.53
C ALA G 337 -47.86 15.40 14.89
N THR G 338 -47.26 14.81 13.88
CA THR G 338 -46.32 13.74 14.11
C THR G 338 -45.13 14.30 14.82
N TRP G 339 -44.64 15.45 14.39
CA TRP G 339 -43.49 16.02 15.04
C TRP G 339 -43.75 16.36 16.51
N ASN G 340 -44.94 16.95 16.86
CA ASN G 340 -45.26 17.32 18.24
C ASN G 340 -45.30 16.09 19.18
N GLU G 341 -45.81 14.92 18.67
CA GLU G 341 -45.86 13.68 19.44
C GLU G 341 -44.44 13.14 19.61
N THR G 342 -43.63 13.28 18.57
CA THR G 342 -42.27 12.82 18.61
C THR G 342 -41.51 13.56 19.68
N LEU G 343 -41.67 14.88 19.74
CA LEU G 343 -40.95 15.63 20.75
C LEU G 343 -41.43 15.24 22.14
N GLY G 344 -42.73 15.00 22.28
CA GLY G 344 -43.25 14.64 23.59
C GLY G 344 -42.62 13.34 24.07
N LYS G 345 -42.48 12.35 23.19
CA LYS G 345 -41.87 11.08 23.56
C LYS G 345 -40.45 11.27 24.02
N VAL G 346 -39.72 12.14 23.34
CA VAL G 346 -38.35 12.37 23.71
C VAL G 346 -38.29 12.96 25.10
N VAL G 347 -39.17 13.91 25.39
CA VAL G 347 -39.20 14.55 26.69
C VAL G 347 -39.51 13.57 27.79
N LYS G 348 -40.46 12.68 27.56
CA LYS G 348 -40.80 11.71 28.58
C LYS G 348 -39.55 10.95 28.98
N GLN G 349 -38.72 10.62 27.99
CA GLN G 349 -37.50 9.88 28.27
C GLN G 349 -36.41 10.77 28.83
N LEU G 350 -36.33 12.03 28.42
CA LEU G 350 -35.28 12.88 28.95
C LEU G 350 -35.44 13.04 30.43
N ARG G 351 -36.67 13.14 30.90
CA ARG G 351 -36.91 13.35 32.32
C ARG G 351 -36.30 12.29 33.19
N LYS G 352 -36.06 11.10 32.68
CA LYS G 352 -35.50 10.07 33.51
C LYS G 352 -34.19 10.51 34.15
N HIS G 353 -33.46 11.41 33.50
CA HIS G 353 -32.19 11.87 34.02
C HIS G 353 -32.23 13.30 34.57
N PHE G 354 -33.40 13.95 34.53
CA PHE G 354 -33.48 15.34 34.97
C PHE G 354 -34.48 15.58 36.10
N GLY G 355 -35.42 14.65 36.30
CA GLY G 355 -36.47 14.76 37.31
C GLY G 355 -37.89 14.71 36.73
N ASN G 356 -38.83 14.09 37.48
CA ASN G 356 -40.23 13.81 37.09
C ASN G 356 -41.05 15.06 36.77
N ASN G 357 -40.78 16.20 37.44
CA ASN G 357 -41.48 17.46 37.27
C ASN G 357 -40.55 18.52 36.76
N THR G 358 -39.46 18.11 36.13
CA THR G 358 -38.52 19.05 35.58
C THR G 358 -39.05 19.51 34.23
N ILE G 359 -38.93 20.81 33.98
CA ILE G 359 -39.42 21.42 32.76
C ILE G 359 -38.39 21.32 31.66
N ILE G 360 -38.80 20.86 30.48
CA ILE G 360 -37.86 20.72 29.38
C ILE G 360 -38.17 21.59 28.17
N ARG G 361 -37.18 22.36 27.76
CA ARG G 361 -37.31 23.26 26.65
C ARG G 361 -36.45 22.92 25.46
N PHE G 362 -37.03 23.06 24.28
CA PHE G 362 -36.32 22.90 23.03
C PHE G 362 -36.11 24.25 22.39
N ALA G 363 -34.86 24.60 22.24
CA ALA G 363 -34.42 25.86 21.67
C ALA G 363 -33.95 25.58 20.25
N ASN G 364 -33.89 26.62 19.40
CA ASN G 364 -33.63 26.40 17.95
C ASN G 364 -32.16 26.08 17.67
N SER G 365 -31.23 27.00 18.00
CA SER G 365 -29.82 26.86 17.58
C SER G 365 -28.86 27.68 18.39
N SER G 366 -27.63 27.71 17.91
CA SER G 366 -26.52 28.41 18.52
C SER G 366 -25.63 28.93 17.41
N GLY G 367 -24.59 29.69 17.73
CA GLY G 367 -23.74 30.23 16.69
C GLY G 367 -22.83 29.15 16.12
N GLY G 368 -22.23 29.42 14.98
CA GLY G 368 -21.32 28.47 14.37
C GLY G 368 -21.46 28.50 12.85
N ASP G 369 -20.74 27.61 12.20
CA ASP G 369 -20.73 27.50 10.76
C ASP G 369 -22.05 26.93 10.28
N LEU G 370 -22.44 27.27 9.06
CA LEU G 370 -23.73 26.83 8.55
C LEU G 370 -24.00 25.35 8.66
N GLU G 371 -23.01 24.52 8.40
CA GLU G 371 -23.21 23.09 8.40
C GLU G 371 -23.70 22.54 9.74
N VAL G 372 -23.45 23.27 10.82
CA VAL G 372 -23.84 22.82 12.13
C VAL G 372 -24.87 23.72 12.80
N THR G 373 -25.41 24.70 12.07
CA THR G 373 -26.44 25.53 12.66
C THR G 373 -27.75 25.21 12.00
N THR G 374 -27.69 24.64 10.80
CA THR G 374 -28.87 24.25 10.06
C THR G 374 -28.81 22.78 9.80
N HIS G 375 -29.90 22.20 9.38
CA HIS G 375 -29.90 20.81 9.06
C HIS G 375 -29.24 20.63 7.75
N SER G 376 -28.40 19.64 7.63
CA SER G 376 -27.74 19.44 6.37
C SER G 376 -27.85 18.08 5.82
N PHE G 377 -28.12 18.03 4.51
CA PHE G 377 -28.18 16.79 3.75
C PHE G 377 -27.84 17.05 2.29
N ASN G 378 -27.49 16.01 1.55
CA ASN G 378 -27.12 16.15 0.15
C ASN G 378 -27.98 15.39 -0.87
N CYS G 379 -29.30 15.31 -0.66
CA CYS G 379 -30.18 14.49 -1.48
C CYS G 379 -30.23 14.94 -2.94
N GLY G 380 -30.07 13.95 -3.79
CA GLY G 380 -30.10 14.11 -5.22
C GLY G 380 -28.72 14.44 -5.74
N GLY G 381 -27.80 14.78 -4.84
CA GLY G 381 -26.48 15.23 -5.22
C GLY G 381 -26.33 16.74 -5.00
N GLU G 382 -27.37 17.41 -4.46
CA GLU G 382 -27.25 18.84 -4.15
C GLU G 382 -27.31 19.05 -2.67
N PHE G 383 -26.72 20.13 -2.21
CA PHE G 383 -26.57 20.37 -0.79
C PHE G 383 -27.49 21.40 -0.20
N PHE G 384 -28.35 20.88 0.68
CA PHE G 384 -29.40 21.62 1.34
C PHE G 384 -29.06 21.96 2.78
N TYR G 385 -29.32 23.20 3.13
CA TYR G 385 -29.14 23.74 4.47
C TYR G 385 -30.47 24.30 4.99
N CYS G 386 -31.21 23.50 5.78
CA CYS G 386 -32.59 23.78 6.17
C CYS G 386 -32.70 24.34 7.58
N ASN G 387 -33.53 25.35 7.70
CA ASN G 387 -33.74 26.02 8.97
C ASN G 387 -34.78 25.25 9.79
N THR G 388 -34.31 24.62 10.88
CA THR G 388 -35.01 23.74 11.79
C THR G 388 -35.52 24.44 13.01
N SER G 389 -35.48 25.76 13.04
CA SER G 389 -35.99 26.43 14.23
C SER G 389 -37.47 26.14 14.46
N GLY G 390 -38.22 25.83 13.42
CA GLY G 390 -39.63 25.53 13.54
C GLY G 390 -39.90 24.17 14.17
N LEU G 391 -38.85 23.38 14.34
CA LEU G 391 -38.96 22.07 14.95
C LEU G 391 -38.58 22.07 16.43
N PHE G 392 -37.87 23.12 16.89
CA PHE G 392 -37.35 23.15 18.26
C PHE G 392 -37.63 24.50 18.88
N ASN G 393 -38.91 24.73 19.19
CA ASN G 393 -39.45 26.00 19.68
C ASN G 393 -40.62 25.75 20.64
N SER G 394 -40.38 25.01 21.75
CA SER G 394 -41.44 24.67 22.72
C SER G 394 -40.95 24.27 24.09
N THR G 395 -41.84 24.36 25.06
CA THR G 395 -41.51 23.91 26.41
C THR G 395 -42.54 22.91 26.88
N TRP G 396 -42.06 21.80 27.40
CA TRP G 396 -42.90 20.73 27.85
C TRP G 396 -42.92 20.57 29.39
N ILE G 397 -44.13 20.32 29.95
CA ILE G 397 -44.42 20.06 31.37
C ILE G 397 -45.92 19.85 31.53
N SER G 413 -48.25 20.09 8.89
CA SER G 413 -47.39 20.43 7.77
C SER G 413 -46.53 21.67 8.09
N ILE G 414 -45.34 21.45 8.68
CA ILE G 414 -44.34 22.44 9.05
C ILE G 414 -43.41 22.63 7.88
N THR G 415 -43.25 23.86 7.41
CA THR G 415 -42.35 24.06 6.29
C THR G 415 -41.06 24.71 6.75
N LEU G 416 -39.96 24.06 6.39
CA LEU G 416 -38.64 24.53 6.72
C LEU G 416 -38.06 25.12 5.45
N PRO G 417 -37.69 26.40 5.40
CA PRO G 417 -37.10 27.00 4.23
C PRO G 417 -35.72 26.40 4.18
N CYS G 418 -35.15 26.21 2.97
CA CYS G 418 -33.81 25.65 2.77
C CYS G 418 -32.99 26.49 1.79
N ARG G 419 -31.70 26.61 2.10
CA ARG G 419 -30.78 27.28 1.22
C ARG G 419 -29.95 26.24 0.50
N ILE G 420 -29.50 26.56 -0.70
CA ILE G 420 -28.68 25.63 -1.45
C ILE G 420 -27.36 26.25 -1.85
N LYS G 421 -26.28 25.49 -1.71
CA LYS G 421 -24.96 25.98 -2.12
C LYS G 421 -24.16 24.88 -2.80
N GLN G 422 -23.25 25.27 -3.69
CA GLN G 422 -22.43 24.32 -4.43
C GLN G 422 -21.00 24.06 -3.94
N ILE G 423 -20.40 24.93 -3.11
CA ILE G 423 -19.02 24.64 -2.68
C ILE G 423 -19.05 24.14 -1.25
N ILE G 424 -18.73 22.87 -1.10
CA ILE G 424 -18.89 22.18 0.16
C ILE G 424 -17.62 21.78 0.88
N ASN G 425 -17.48 22.23 2.12
CA ASN G 425 -16.31 21.88 2.93
C ASN G 425 -16.62 20.59 3.67
N MET G 426 -16.71 19.55 2.90
CA MET G 426 -17.18 18.28 3.40
C MET G 426 -16.16 17.75 4.38
N TRP G 427 -16.66 17.15 5.43
CA TRP G 427 -15.90 16.55 6.52
C TRP G 427 -15.22 17.56 7.41
N GLN G 428 -15.63 18.82 7.31
CA GLN G 428 -15.12 19.87 8.19
C GLN G 428 -13.62 20.02 8.14
N ARG G 429 -13.06 20.01 6.95
CA ARG G 429 -11.65 20.21 6.75
C ARG G 429 -11.43 21.62 6.25
N ILE G 430 -10.24 22.15 6.44
CA ILE G 430 -9.95 23.49 5.95
C ILE G 430 -8.96 23.50 4.82
N GLY G 431 -9.30 24.21 3.76
CA GLY G 431 -8.41 24.34 2.64
C GLY G 431 -8.74 23.40 1.50
N GLN G 432 -9.82 22.66 1.63
CA GLN G 432 -10.27 21.74 0.60
C GLN G 432 -11.76 21.93 0.40
N ALA G 433 -12.24 21.76 -0.83
CA ALA G 433 -13.69 21.83 -1.02
C ALA G 433 -14.12 21.13 -2.28
N MET G 434 -15.34 20.64 -2.26
CA MET G 434 -15.88 20.04 -3.44
C MET G 434 -16.92 20.92 -4.07
N TYR G 435 -16.88 21.03 -5.38
CA TYR G 435 -17.90 21.75 -6.10
C TYR G 435 -18.86 20.76 -6.69
N ALA G 436 -20.12 20.94 -6.39
CA ALA G 436 -21.15 20.06 -6.90
C ALA G 436 -21.77 20.66 -8.15
N PRO G 437 -21.65 20.03 -9.34
CA PRO G 437 -22.23 20.49 -10.57
C PRO G 437 -23.71 20.50 -10.30
N PRO G 438 -24.49 21.36 -10.93
CA PRO G 438 -25.92 21.48 -10.76
C PRO G 438 -26.65 20.32 -11.38
N ILE G 439 -27.81 20.02 -10.84
CA ILE G 439 -28.69 19.00 -11.41
C ILE G 439 -29.77 19.59 -12.29
N GLN G 440 -29.84 19.15 -13.53
CA GLN G 440 -30.83 19.68 -14.45
C GLN G 440 -32.19 19.15 -14.05
N GLY G 441 -33.25 19.92 -14.27
CA GLY G 441 -34.55 19.42 -13.89
C GLY G 441 -34.89 19.87 -12.47
N VAL G 442 -35.75 19.10 -11.82
CA VAL G 442 -36.32 19.43 -10.50
C VAL G 442 -36.04 18.30 -9.53
N ILE G 443 -35.70 18.65 -8.30
CA ILE G 443 -35.38 17.63 -7.31
C ILE G 443 -36.46 17.43 -6.28
N ARG G 444 -36.92 16.20 -6.15
CA ARG G 444 -37.89 15.87 -5.12
C ARG G 444 -37.36 14.65 -4.36
N CYS G 445 -37.24 14.80 -3.03
CA CYS G 445 -36.70 13.81 -2.10
C CYS G 445 -37.67 13.46 -1.01
N VAL G 446 -37.66 12.20 -0.61
CA VAL G 446 -38.46 11.76 0.50
C VAL G 446 -37.55 11.02 1.43
N SER G 447 -37.57 11.34 2.72
CA SER G 447 -36.70 10.62 3.64
C SER G 447 -37.33 10.43 5.02
N ASN G 448 -36.75 9.50 5.81
CA ASN G 448 -37.18 9.13 7.15
C ASN G 448 -36.27 9.75 8.23
N ILE G 449 -36.84 10.53 9.18
CA ILE G 449 -36.10 11.05 10.33
C ILE G 449 -36.16 9.93 11.34
N THR G 450 -35.00 9.43 11.73
CA THR G 450 -34.92 8.30 12.62
C THR G 450 -34.28 8.64 13.95
N GLY G 451 -33.64 9.80 14.03
CA GLY G 451 -33.05 10.17 15.29
C GLY G 451 -32.56 11.59 15.31
N LEU G 452 -32.19 12.04 16.49
CA LEU G 452 -31.75 13.40 16.71
C LEU G 452 -30.41 13.50 17.39
N ILE G 453 -29.70 14.58 17.12
CA ILE G 453 -28.49 14.86 17.87
C ILE G 453 -28.78 16.09 18.71
N LEU G 454 -28.76 15.95 20.02
CA LEU G 454 -29.05 17.06 20.91
C LEU G 454 -27.91 17.40 21.84
N THR G 455 -27.84 18.65 22.24
CA THR G 455 -26.88 19.09 23.24
C THR G 455 -27.59 19.78 24.38
N ARG G 456 -27.18 19.50 25.62
CA ARG G 456 -27.82 20.09 26.78
C ARG G 456 -27.11 21.39 27.20
N ASP G 457 -27.88 22.47 27.45
CA ASP G 457 -27.41 23.78 27.89
C ASP G 457 -27.80 23.96 29.34
N ASN G 462 -30.07 27.30 37.81
CA ASN G 462 -31.37 26.91 38.36
C ASN G 462 -31.79 25.59 37.66
N SER G 463 -32.04 24.54 38.48
CA SER G 463 -32.42 23.18 38.08
C SER G 463 -33.86 23.02 37.58
N THR G 464 -34.70 24.03 37.73
CA THR G 464 -36.09 23.89 37.34
C THR G 464 -36.28 23.56 35.86
N THR G 465 -35.54 24.23 34.98
CA THR G 465 -35.73 24.01 33.56
C THR G 465 -34.43 23.66 32.85
N GLU G 466 -34.51 22.60 32.06
CA GLU G 466 -33.41 22.16 31.22
C GLU G 466 -33.68 22.61 29.80
N THR G 467 -32.65 23.00 29.07
CA THR G 467 -32.83 23.41 27.68
C THR G 467 -31.92 22.61 26.76
N PHE G 468 -32.47 22.15 25.64
CA PHE G 468 -31.73 21.38 24.66
C PHE G 468 -31.77 22.02 23.27
N ARG G 469 -30.68 21.84 22.54
CA ARG G 469 -30.56 22.33 21.17
C ARG G 469 -30.06 21.24 20.23
N PRO G 470 -30.36 21.30 18.93
CA PRO G 470 -29.79 20.45 17.90
C PRO G 470 -28.29 20.61 17.83
N GLY G 471 -27.58 19.52 17.59
CA GLY G 471 -26.12 19.54 17.45
C GLY G 471 -25.63 18.77 16.22
N GLY G 472 -24.34 18.50 16.15
CA GLY G 472 -23.78 17.77 15.03
C GLY G 472 -22.45 18.34 14.55
N GLY G 473 -21.97 17.76 13.46
CA GLY G 473 -20.72 18.13 12.81
C GLY G 473 -19.60 17.12 13.01
N ASP G 474 -19.69 16.30 14.06
CA ASP G 474 -18.68 15.27 14.23
C ASP G 474 -19.30 14.02 13.69
N MET G 475 -18.85 13.61 12.53
CA MET G 475 -19.45 12.51 11.81
C MET G 475 -19.38 11.20 12.53
N ARG G 476 -18.49 11.07 13.49
CA ARG G 476 -18.37 9.84 14.21
C ARG G 476 -19.66 9.56 14.94
N ASP G 477 -20.37 10.60 15.32
CA ASP G 477 -21.60 10.42 16.02
C ASP G 477 -22.66 9.85 15.12
N ASN G 478 -22.58 10.04 13.81
CA ASN G 478 -23.61 9.48 12.98
C ASN G 478 -23.31 8.03 12.76
N TRP G 479 -22.04 7.69 12.57
CA TRP G 479 -21.76 6.31 12.24
C TRP G 479 -22.10 5.44 13.42
N ARG G 480 -21.86 6.00 14.60
CA ARG G 480 -22.06 5.39 15.88
C ARG G 480 -23.53 5.08 16.15
N SER G 481 -24.41 5.72 15.41
CA SER G 481 -25.84 5.55 15.55
C SER G 481 -26.22 4.13 15.21
N GLU G 482 -25.54 3.54 14.22
CA GLU G 482 -25.88 2.19 13.83
C GLU G 482 -24.89 1.24 14.47
N LEU G 483 -23.62 1.63 14.50
CA LEU G 483 -22.60 0.77 15.02
C LEU G 483 -22.43 0.91 16.51
N TYR G 484 -23.48 0.58 17.26
CA TYR G 484 -23.36 0.67 18.72
C TYR G 484 -23.61 -0.67 19.35
N LYS G 485 -24.10 -1.59 18.57
CA LYS G 485 -24.42 -2.89 19.07
C LYS G 485 -23.40 -3.92 18.62
N TYR G 486 -22.35 -3.46 17.97
CA TYR G 486 -21.37 -4.42 17.49
C TYR G 486 -19.98 -4.18 18.03
N LYS G 487 -19.25 -5.25 18.28
CA LYS G 487 -17.84 -5.12 18.63
C LYS G 487 -17.01 -6.20 17.97
N VAL G 488 -15.74 -5.90 17.73
CA VAL G 488 -14.84 -6.87 17.11
C VAL G 488 -13.93 -7.56 18.10
N VAL G 489 -13.91 -8.89 18.05
CA VAL G 489 -13.03 -9.63 18.92
C VAL G 489 -12.18 -10.58 18.10
N LYS G 490 -11.06 -10.99 18.67
CA LYS G 490 -10.15 -11.93 18.05
C LYS G 490 -10.25 -13.25 18.73
N ILE G 491 -10.23 -14.32 17.96
CA ILE G 491 -10.34 -15.64 18.50
C ILE G 491 -8.98 -16.19 18.87
N GLU G 492 -8.86 -16.74 20.07
CA GLU G 492 -7.60 -17.28 20.55
C GLU G 492 -7.71 -18.73 21.06
N PRO G 493 -7.58 -19.74 20.20
CA PRO G 493 -7.75 -21.15 20.47
C PRO G 493 -6.84 -21.81 21.50
N LEU G 494 -5.68 -21.26 21.86
CA LEU G 494 -4.86 -21.95 22.87
C LEU G 494 -5.02 -21.42 24.25
N GLY G 495 -4.95 -22.32 25.21
CA GLY G 495 -4.94 -21.97 26.60
C GLY G 495 -4.64 -23.20 27.44
N VAL G 496 -4.50 -23.00 28.73
CA VAL G 496 -4.18 -24.12 29.61
C VAL G 496 -5.09 -24.17 30.80
N ALA G 497 -5.13 -25.31 31.46
CA ALA G 497 -5.86 -25.52 32.71
C ALA G 497 -5.24 -26.72 33.43
N PRO G 498 -5.30 -26.82 34.77
CA PRO G 498 -4.85 -27.96 35.54
C PRO G 498 -5.76 -29.16 35.44
N THR G 499 -5.19 -30.34 35.61
CA THR G 499 -5.94 -31.59 35.69
C THR G 499 -5.19 -32.70 36.41
N ARG G 500 -5.91 -33.74 36.82
CA ARG G 500 -5.26 -34.90 37.42
C ARG G 500 -4.74 -35.84 36.36
N CYS G 501 -3.76 -35.41 35.60
CA CYS G 501 -3.27 -36.24 34.53
C CYS G 501 -1.86 -35.91 34.04
N LYS G 502 -0.94 -36.84 34.21
CA LYS G 502 0.46 -36.69 33.82
C LYS G 502 0.78 -37.60 32.63
N ARG G 503 1.72 -37.21 31.72
CA ARG G 503 2.19 -38.05 30.59
C ARG G 503 2.63 -39.45 31.09
N LEU H 1 -23.68 -26.98 18.63
CA LEU H 1 -24.20 -25.69 19.08
C LEU H 1 -23.87 -24.52 18.13
N GLY H 2 -22.72 -24.59 17.43
CA GLY H 2 -22.18 -23.58 16.51
C GLY H 2 -20.76 -23.22 16.94
N PHE H 3 -20.05 -22.45 16.14
CA PHE H 3 -18.65 -22.14 16.41
C PHE H 3 -18.35 -21.60 17.82
N LEU H 4 -19.06 -20.61 18.29
CA LEU H 4 -18.83 -20.17 19.66
C LEU H 4 -20.00 -20.59 20.53
N GLY H 5 -20.74 -21.57 20.09
CA GLY H 5 -21.92 -22.01 20.80
C GLY H 5 -21.64 -22.47 22.21
N ALA H 6 -20.46 -23.02 22.45
CA ALA H 6 -20.09 -23.49 23.77
C ALA H 6 -19.49 -22.40 24.63
N ALA H 7 -19.41 -21.18 24.15
CA ALA H 7 -18.76 -20.12 24.90
C ALA H 7 -19.35 -19.90 26.27
N GLY H 8 -20.65 -20.07 26.46
CA GLY H 8 -21.22 -19.84 27.77
C GLY H 8 -21.32 -21.09 28.62
N SER H 9 -20.83 -22.21 28.11
CA SER H 9 -20.93 -23.46 28.84
C SER H 9 -19.75 -23.54 29.78
N THR H 10 -19.76 -24.49 30.68
CA THR H 10 -18.64 -24.57 31.58
C THR H 10 -17.43 -25.08 30.87
N MET H 11 -16.27 -24.91 31.49
CA MET H 11 -15.03 -25.36 30.90
C MET H 11 -15.08 -26.82 30.58
N GLY H 12 -15.69 -27.58 31.49
CA GLY H 12 -15.84 -29.01 31.32
C GLY H 12 -16.67 -29.30 30.10
N ALA H 13 -17.84 -28.70 29.99
CA ALA H 13 -18.70 -28.96 28.85
C ALA H 13 -18.04 -28.56 27.55
N ALA H 14 -17.28 -27.49 27.60
CA ALA H 14 -16.62 -26.90 26.45
C ALA H 14 -15.35 -27.63 26.11
N SER H 15 -15.00 -28.68 26.85
CA SER H 15 -13.83 -29.45 26.50
C SER H 15 -14.20 -30.28 25.29
N MET H 16 -15.49 -30.39 25.04
CA MET H 16 -16.02 -31.12 23.91
C MET H 16 -16.20 -30.10 22.83
N THR H 17 -16.25 -30.51 21.57
CA THR H 17 -16.49 -29.65 20.38
C THR H 17 -15.26 -28.87 19.97
N LEU H 18 -14.08 -29.15 20.51
CA LEU H 18 -12.86 -28.39 20.21
C LEU H 18 -12.53 -28.41 18.72
N THR H 19 -13.06 -29.41 18.04
CA THR H 19 -12.85 -29.59 16.65
C THR H 19 -13.44 -28.46 15.84
N VAL H 20 -14.55 -27.84 16.28
CA VAL H 20 -15.10 -26.81 15.43
C VAL H 20 -14.28 -25.56 15.52
N GLN H 21 -13.76 -25.23 16.69
CA GLN H 21 -13.02 -24.01 16.74
C GLN H 21 -11.69 -24.18 16.06
N ALA H 22 -11.10 -25.36 16.21
CA ALA H 22 -9.83 -25.60 15.57
C ALA H 22 -9.96 -25.53 14.05
N ARG H 23 -11.07 -26.05 13.52
CA ARG H 23 -11.34 -26.08 12.10
C ARG H 23 -11.70 -24.74 11.48
N ASN H 24 -12.42 -23.92 12.22
CA ASN H 24 -12.91 -22.67 11.69
C ASN H 24 -11.88 -21.71 11.09
N LEU H 25 -10.66 -21.60 11.61
CA LEU H 25 -9.82 -20.56 11.02
C LEU H 25 -9.39 -20.80 9.60
N LEU H 26 -8.87 -21.98 9.32
CA LEU H 26 -8.35 -22.20 7.99
C LEU H 26 -9.50 -22.38 7.05
N SER H 27 -10.64 -22.88 7.55
CA SER H 27 -11.76 -23.02 6.68
C SER H 27 -12.18 -21.64 6.21
N GLY H 28 -12.26 -20.71 7.16
CA GLY H 28 -12.64 -19.35 6.85
C GLY H 28 -11.69 -18.66 5.91
N ILE H 29 -10.40 -18.90 6.06
CA ILE H 29 -9.47 -18.22 5.16
C ILE H 29 -9.65 -18.70 3.76
N VAL H 30 -9.74 -20.02 3.57
CA VAL H 30 -9.86 -20.53 2.24
C VAL H 30 -11.16 -20.11 1.62
N GLN H 31 -12.25 -20.17 2.37
CA GLN H 31 -13.53 -19.82 1.80
C GLN H 31 -13.56 -18.36 1.39
N GLN H 32 -12.98 -17.47 2.20
CA GLN H 32 -13.03 -16.07 1.84
C GLN H 32 -12.23 -15.79 0.58
N GLN H 33 -11.08 -16.43 0.43
CA GLN H 33 -10.30 -16.17 -0.76
C GLN H 33 -10.96 -16.76 -1.97
N SER H 34 -11.61 -17.90 -1.82
CA SER H 34 -12.29 -18.50 -2.93
C SER H 34 -13.45 -17.62 -3.39
N ASN H 35 -14.19 -17.08 -2.42
CA ASN H 35 -15.35 -16.26 -2.74
C ASN H 35 -14.92 -15.03 -3.49
N LEU H 36 -13.77 -14.46 -3.13
CA LEU H 36 -13.27 -13.31 -3.85
C LEU H 36 -12.73 -13.68 -5.21
N LEU H 37 -12.01 -14.77 -5.32
CA LEU H 37 -11.37 -15.14 -6.56
C LEU H 37 -12.35 -15.30 -7.71
N ARG H 38 -13.50 -15.90 -7.44
CA ARG H 38 -14.47 -16.11 -8.50
C ARG H 38 -15.55 -15.03 -8.50
N ALA H 39 -15.36 -14.01 -7.68
CA ALA H 39 -16.30 -12.94 -7.52
C ALA H 39 -16.38 -12.22 -8.82
N PRO H 40 -17.45 -11.48 -9.10
CA PRO H 40 -17.55 -10.67 -10.27
C PRO H 40 -16.26 -9.90 -10.23
N GLU H 41 -15.61 -9.78 -11.38
CA GLU H 41 -14.13 -9.55 -11.38
C GLU H 41 -13.84 -8.14 -10.88
N CYS H 42 -13.44 -8.01 -9.61
CA CYS H 42 -13.05 -6.68 -9.06
C CYS H 42 -11.57 -6.66 -8.70
N GLN H 43 -10.82 -7.73 -9.04
CA GLN H 43 -9.39 -7.82 -8.61
C GLN H 43 -8.55 -6.75 -9.30
N GLN H 44 -9.09 -6.08 -10.31
CA GLN H 44 -8.39 -4.99 -10.91
C GLN H 44 -8.01 -4.00 -9.83
N HIS H 45 -8.77 -3.99 -8.72
CA HIS H 45 -8.52 -3.11 -7.61
C HIS H 45 -7.20 -3.56 -6.98
N LEU H 46 -7.06 -4.87 -6.78
CA LEU H 46 -5.84 -5.44 -6.20
C LEU H 46 -4.67 -5.14 -7.11
N LEU H 47 -4.92 -5.18 -8.40
CA LEU H 47 -3.88 -4.97 -9.38
C LEU H 47 -3.63 -3.52 -9.70
N LYS H 48 -4.23 -2.60 -8.95
CA LYS H 48 -3.91 -1.20 -9.16
C LYS H 48 -2.54 -0.92 -8.58
N LEU H 49 -1.98 -1.90 -7.85
CA LEU H 49 -0.66 -1.75 -7.26
C LEU H 49 -0.66 -0.60 -6.30
N THR H 50 -1.74 -0.51 -5.55
CA THR H 50 -1.97 0.49 -4.55
C THR H 50 -1.85 -0.08 -3.16
N VAL H 51 -1.97 0.80 -2.18
CA VAL H 51 -1.83 0.39 -0.81
C VAL H 51 -2.95 -0.53 -0.39
N TRP H 52 -4.14 -0.35 -0.96
CA TRP H 52 -5.23 -1.23 -0.60
C TRP H 52 -4.88 -2.66 -0.92
N GLY H 53 -4.36 -2.89 -2.11
CA GLY H 53 -4.03 -4.24 -2.53
C GLY H 53 -2.97 -4.84 -1.61
N ILE H 54 -1.99 -4.04 -1.20
CA ILE H 54 -0.98 -4.54 -0.30
C ILE H 54 -1.57 -4.88 1.04
N LYS H 55 -2.43 -4.03 1.59
CA LYS H 55 -3.00 -4.37 2.87
C LYS H 55 -3.79 -5.65 2.81
N GLN H 56 -4.49 -5.92 1.72
CA GLN H 56 -5.25 -7.15 1.65
C GLN H 56 -4.32 -8.36 1.69
N LEU H 57 -3.19 -8.25 1.02
CA LEU H 57 -2.24 -9.35 0.99
C LEU H 57 -1.56 -9.52 2.33
N GLN H 58 -1.25 -8.40 2.99
CA GLN H 58 -0.60 -8.46 4.29
C GLN H 58 -1.50 -9.14 5.28
N ALA H 59 -2.79 -8.88 5.20
CA ALA H 59 -3.71 -9.50 6.12
C ALA H 59 -3.70 -11.00 5.97
N ARG H 60 -3.62 -11.48 4.73
CA ARG H 60 -3.62 -12.91 4.52
C ARG H 60 -2.37 -13.55 5.08
N VAL H 61 -1.24 -12.90 4.89
CA VAL H 61 -0.01 -13.46 5.39
C VAL H 61 0.03 -13.49 6.88
N LEU H 62 -0.40 -12.42 7.52
CA LEU H 62 -0.37 -12.42 8.96
C LEU H 62 -1.31 -13.45 9.52
N ALA H 63 -2.46 -13.68 8.89
CA ALA H 63 -3.34 -14.70 9.42
C ALA H 63 -2.64 -16.06 9.40
N VAL H 64 -1.89 -16.32 8.34
CA VAL H 64 -1.17 -17.57 8.26
C VAL H 64 -0.09 -17.63 9.31
N GLU H 65 0.65 -16.55 9.51
CA GLU H 65 1.68 -16.62 10.52
C GLU H 65 1.11 -16.84 11.89
N ARG H 66 -0.03 -16.25 12.22
CA ARG H 66 -0.56 -16.50 13.54
C ARG H 66 -0.92 -17.96 13.68
N TYR H 67 -1.50 -18.54 12.64
CA TYR H 67 -1.84 -19.95 12.70
C TYR H 67 -0.61 -20.80 12.94
N LEU H 68 0.43 -20.56 12.17
CA LEU H 68 1.60 -21.34 12.31
C LEU H 68 2.26 -21.09 13.62
N ARG H 69 2.18 -19.88 14.15
CA ARG H 69 2.80 -19.64 15.43
C ARG H 69 2.28 -20.63 16.43
N ASP H 70 0.98 -20.86 16.43
CA ASP H 70 0.43 -21.79 17.40
C ASP H 70 0.86 -23.20 17.09
N GLN H 71 0.89 -23.59 15.82
CA GLN H 71 1.29 -24.96 15.56
C GLN H 71 2.74 -25.20 15.88
N GLN H 72 3.57 -24.21 15.64
CA GLN H 72 4.97 -24.31 15.86
C GLN H 72 5.21 -24.45 17.33
N LEU H 73 4.47 -23.70 18.12
CA LEU H 73 4.60 -23.75 19.54
C LEU H 73 4.15 -25.10 20.09
N LEU H 74 3.07 -25.66 19.54
CA LEU H 74 2.66 -26.97 20.00
C LEU H 74 3.74 -27.97 19.66
N GLY H 75 4.39 -27.80 18.53
CA GLY H 75 5.48 -28.71 18.19
C GLY H 75 6.60 -28.58 19.23
N ILE H 76 6.91 -27.36 19.65
CA ILE H 76 7.97 -27.12 20.63
C ILE H 76 7.67 -27.79 21.94
N TRP H 77 6.43 -27.76 22.38
CA TRP H 77 6.02 -28.39 23.61
C TRP H 77 5.82 -29.89 23.51
N GLY H 78 5.95 -30.46 22.31
CA GLY H 78 5.71 -31.88 22.09
C GLY H 78 4.22 -32.31 22.01
N CYS H 79 3.31 -31.39 21.62
CA CYS H 79 1.87 -31.58 21.55
C CYS H 79 1.35 -31.60 20.11
N SER H 80 2.25 -31.67 19.16
CA SER H 80 1.80 -31.64 17.79
C SER H 80 0.91 -32.82 17.48
N GLY H 81 -0.16 -32.55 16.75
CA GLY H 81 -1.09 -33.58 16.33
C GLY H 81 -2.22 -33.85 17.30
N LYS H 82 -2.25 -33.15 18.44
CA LYS H 82 -3.31 -33.40 19.40
C LYS H 82 -4.06 -32.12 19.73
N LEU H 83 -5.35 -32.22 20.03
CA LEU H 83 -6.07 -31.03 20.49
C LEU H 83 -5.91 -30.92 21.99
N ILE H 84 -5.75 -32.06 22.65
CA ILE H 84 -5.58 -32.10 24.10
C ILE H 84 -4.26 -32.83 24.42
N CYS H 85 -3.32 -32.21 25.17
CA CYS H 85 -2.07 -32.88 25.56
C CYS H 85 -1.75 -32.64 27.01
N CYS H 86 -1.23 -33.67 27.63
CA CYS H 86 -0.79 -33.54 29.00
C CYS H 86 0.67 -33.27 28.93
N THR H 87 1.17 -32.58 29.93
CA THR H 87 2.58 -32.25 29.97
C THR H 87 3.13 -32.67 31.31
N ASN H 88 4.44 -32.51 31.48
CA ASN H 88 5.07 -32.85 32.75
C ASN H 88 5.36 -31.64 33.61
N VAL H 89 4.71 -30.52 33.34
CA VAL H 89 4.90 -29.35 34.18
C VAL H 89 3.78 -29.37 35.19
N PRO H 90 4.06 -29.36 36.49
CA PRO H 90 3.09 -29.38 37.55
C PRO H 90 2.40 -28.05 37.61
N TRP H 91 1.19 -28.04 38.11
CA TRP H 91 0.47 -26.80 38.28
C TRP H 91 0.93 -26.11 39.56
N ASN H 92 1.20 -24.78 39.47
CA ASN H 92 1.59 -23.92 40.59
C ASN H 92 0.35 -23.34 41.25
N SER H 93 0.27 -23.45 42.60
CA SER H 93 -0.83 -22.91 43.42
C SER H 93 -0.85 -21.39 43.34
N THR H 94 0.27 -20.83 42.91
CA THR H 94 0.40 -19.41 42.71
C THR H 94 -0.46 -18.96 41.56
N TRP H 95 -0.49 -19.76 40.49
CA TRP H 95 -1.22 -19.36 39.31
C TRP H 95 -2.68 -19.36 39.65
N SER H 96 -3.07 -20.40 40.36
CA SER H 96 -4.41 -20.55 40.87
C SER H 96 -4.48 -21.54 41.98
N ASN H 97 -5.18 -21.19 43.04
CA ASN H 97 -5.38 -22.08 44.17
C ASN H 97 -6.79 -22.61 44.24
N ARG H 98 -7.51 -22.54 43.14
CA ARG H 98 -8.88 -23.04 43.09
C ARG H 98 -8.76 -24.53 42.80
N ASN H 99 -9.73 -25.37 43.23
CA ASN H 99 -9.68 -26.82 42.96
C ASN H 99 -10.33 -27.16 41.62
N LEU H 100 -10.19 -28.44 41.16
CA LEU H 100 -10.70 -28.86 39.86
C LEU H 100 -12.20 -28.82 39.75
N SER H 101 -12.93 -29.20 40.79
CA SER H 101 -14.36 -29.14 40.63
C SER H 101 -14.78 -27.69 40.57
N GLU H 102 -14.11 -26.88 41.37
CA GLU H 102 -14.37 -25.46 41.44
C GLU H 102 -14.21 -24.75 40.12
N ILE H 103 -13.23 -25.14 39.31
CA ILE H 103 -13.03 -24.45 38.05
C ILE H 103 -13.67 -25.13 36.84
N TRP H 104 -13.66 -26.46 36.77
CA TRP H 104 -14.16 -27.11 35.58
C TRP H 104 -15.67 -27.00 35.50
N ASP H 105 -16.33 -26.92 36.65
CA ASP H 105 -17.74 -26.75 36.70
C ASP H 105 -18.01 -25.32 37.12
N ASN H 106 -19.16 -24.79 36.77
CA ASN H 106 -19.58 -23.46 37.19
C ASN H 106 -18.63 -22.31 36.77
N MET H 107 -17.98 -22.44 35.63
CA MET H 107 -17.11 -21.39 35.11
C MET H 107 -16.85 -21.62 33.64
N THR H 108 -16.82 -20.57 32.84
CA THR H 108 -16.54 -20.66 31.41
C THR H 108 -15.07 -20.50 31.12
N TRP H 109 -14.66 -20.82 29.89
CA TRP H 109 -13.27 -20.63 29.51
C TRP H 109 -12.88 -19.18 29.43
N LEU H 110 -13.84 -18.31 29.12
CA LEU H 110 -13.52 -16.89 29.06
C LEU H 110 -13.14 -16.41 30.44
N GLN H 111 -13.88 -16.86 31.45
CA GLN H 111 -13.61 -16.45 32.81
C GLN H 111 -12.28 -16.99 33.28
N TRP H 112 -11.99 -18.23 32.93
CA TRP H 112 -10.75 -18.85 33.30
C TRP H 112 -9.57 -18.11 32.73
N ASP H 113 -9.66 -17.77 31.45
CA ASP H 113 -8.54 -17.11 30.81
C ASP H 113 -8.27 -15.78 31.47
N LYS H 114 -9.31 -15.06 31.88
CA LYS H 114 -9.01 -13.82 32.54
C LYS H 114 -8.31 -14.07 33.87
N GLU H 115 -8.77 -15.06 34.63
CA GLU H 115 -8.18 -15.32 35.94
C GLU H 115 -6.69 -15.61 35.92
N ILE H 116 -6.21 -16.34 34.93
CA ILE H 116 -4.80 -16.67 34.91
C ILE H 116 -4.02 -15.98 33.81
N SER H 117 -4.54 -14.88 33.30
CA SER H 117 -3.89 -14.20 32.19
C SER H 117 -2.40 -13.84 32.41
N ASN H 118 -2.05 -13.39 33.63
CA ASN H 118 -0.72 -12.90 34.00
C ASN H 118 0.36 -14.01 34.07
N TYR H 119 -0.02 -15.31 33.98
CA TYR H 119 0.91 -16.42 34.08
C TYR H 119 1.13 -17.08 32.74
N THR H 120 0.58 -16.51 31.68
CA THR H 120 0.70 -17.16 30.38
C THR H 120 2.12 -17.35 29.92
N GLN H 121 2.94 -16.33 30.05
CA GLN H 121 4.28 -16.46 29.55
C GLN H 121 5.12 -17.37 30.40
N ILE H 122 4.82 -17.41 31.68
CA ILE H 122 5.58 -18.23 32.58
C ILE H 122 5.32 -19.67 32.26
N ILE H 123 4.06 -20.01 32.07
CA ILE H 123 3.72 -21.37 31.80
C ILE H 123 4.31 -21.81 30.50
N TYR H 124 4.23 -20.98 29.48
CA TYR H 124 4.78 -21.41 28.22
C TYR H 124 6.26 -21.65 28.31
N GLY H 125 6.99 -20.81 29.03
CA GLY H 125 8.41 -21.02 29.19
C GLY H 125 8.69 -22.35 29.87
N LEU H 126 7.92 -22.67 30.91
CA LEU H 126 8.12 -23.92 31.62
C LEU H 126 7.86 -25.11 30.75
N LEU H 127 6.85 -25.02 29.89
CA LEU H 127 6.53 -26.14 29.05
C LEU H 127 7.67 -26.43 28.09
N GLU H 128 8.30 -25.38 27.56
CA GLU H 128 9.43 -25.61 26.68
C GLU H 128 10.58 -26.25 27.43
N GLU H 129 10.84 -25.82 28.66
CA GLU H 129 11.94 -26.39 29.40
C GLU H 129 11.72 -27.86 29.67
N SER H 130 10.48 -28.24 29.97
CA SER H 130 10.18 -29.63 30.23
C SER H 130 10.43 -30.48 29.00
N GLN H 131 10.02 -29.98 27.83
CA GLN H 131 10.28 -30.79 26.66
C GLN H 131 11.77 -30.90 26.38
N ASN H 132 12.54 -29.84 26.64
CA ASN H 132 13.97 -29.90 26.38
C ASN H 132 14.61 -30.96 27.24
N GLN H 133 14.14 -31.08 28.48
CA GLN H 133 14.72 -32.08 29.35
C GLN H 133 14.43 -33.46 28.83
N GLN H 134 13.25 -33.68 28.27
CA GLN H 134 12.98 -35.01 27.78
C GLN H 134 13.78 -35.33 26.54
N GLU H 135 14.06 -34.33 25.70
CA GLU H 135 14.86 -34.63 24.54
C GLU H 135 16.24 -35.09 24.98
N LYS H 136 16.78 -34.46 26.03
CA LYS H 136 18.08 -34.83 26.56
C LYS H 136 18.05 -36.22 27.19
N ASN H 137 16.95 -36.54 27.87
CA ASN H 137 16.83 -37.85 28.52
C ASN H 137 16.81 -39.01 27.50
N GLU H 138 16.16 -38.80 26.34
CA GLU H 138 16.01 -39.76 25.23
C GLU H 138 17.00 -39.40 24.13
C1 NAG I . 51.32 22.33 -2.60
C2 NAG I . 50.89 23.68 -1.89
C3 NAG I . 51.70 24.86 -2.53
C4 NAG I . 53.25 24.59 -2.38
C5 NAG I . 53.59 23.21 -3.06
C6 NAG I . 55.06 22.80 -2.91
C7 NAG I . 48.53 23.79 -1.13
C8 NAG I . 47.08 24.02 -1.45
N2 NAG I . 49.44 23.89 -2.10
O3 NAG I . 51.34 26.06 -1.85
O4 NAG I . 54.00 25.63 -3.08
O5 NAG I . 52.77 22.13 -2.44
O6 NAG I . 55.35 21.59 -3.59
O7 NAG I . 48.85 23.51 0.04
C1 NAG I . 54.32 26.91 -2.32
C2 NAG I . 55.79 27.36 -2.69
C3 NAG I . 56.11 28.67 -1.88
C4 NAG I . 55.06 29.78 -2.24
C5 NAG I . 53.62 29.25 -1.89
C6 NAG I . 52.51 30.23 -2.28
C7 NAG I . 57.81 25.92 -3.00
C8 NAG I . 58.70 24.81 -2.53
N2 NAG I . 56.74 26.27 -2.28
O3 NAG I . 57.43 29.15 -2.21
O4 NAG I . 55.33 30.96 -1.47
O5 NAG I . 53.37 27.98 -2.63
O6 NAG I . 52.52 30.58 -3.67
O7 NAG I . 58.09 26.50 -4.07
C1 NAG J . 41.10 24.61 -4.75
C2 NAG J . 40.45 24.79 -6.17
C3 NAG J . 41.61 24.96 -7.21
C4 NAG J . 42.53 26.17 -6.83
C5 NAG J . 43.09 25.92 -5.37
C6 NAG J . 43.94 27.06 -4.82
C7 NAG J . 38.35 23.45 -6.31
C8 NAG J . 37.67 22.15 -6.62
N2 NAG J . 39.68 23.55 -6.47
O3 NAG J . 41.03 25.21 -8.51
O4 NAG J . 43.70 26.19 -7.71
O5 NAG J . 41.96 25.74 -4.42
O6 NAG J . 43.34 28.34 -4.97
O7 NAG J . 37.68 24.41 -5.91
C1 NAG J . 43.66 27.11 -8.92
C2 NAG J . 45.08 27.77 -9.10
C3 NAG J . 45.01 28.74 -10.33
C4 NAG J . 44.59 27.94 -11.62
C5 NAG J . 43.19 27.27 -11.36
C6 NAG J . 42.73 26.38 -12.52
C7 NAG J . 46.53 28.34 -7.14
C8 NAG J . 46.79 29.18 -5.91
N2 NAG J . 45.42 28.55 -7.86
O3 NAG J . 46.31 29.34 -10.54
O4 NAG J . 44.52 28.85 -12.72
O5 NAG J . 43.28 26.38 -10.16
O6 NAG J . 42.37 27.12 -13.68
O7 NAG J . 47.37 27.48 -7.45
C1 NAG K . 39.18 27.25 11.93
C2 NAG K . 38.09 27.95 12.74
C3 NAG K . 38.17 29.46 12.48
C4 NAG K . 39.57 29.96 12.79
C5 NAG K . 40.60 29.18 11.98
C6 NAG K . 42.02 29.55 12.32
C7 NAG K . 36.08 26.61 13.19
C8 NAG K . 34.97 25.87 12.53
N2 NAG K . 36.78 27.44 12.41
O3 NAG K . 37.20 30.12 13.27
O4 NAG K . 39.64 31.33 12.39
O5 NAG K . 40.47 27.77 12.23
O6 NAG K . 42.96 28.69 11.68
O7 NAG K . 36.36 26.46 14.37
C1 NAG K . 39.89 32.16 13.53
C2 NAG K . 40.28 33.54 13.02
C3 NAG K . 40.48 34.47 14.21
C4 NAG K . 39.23 34.50 15.07
C5 NAG K . 38.88 33.08 15.51
C6 NAG K . 37.59 32.99 16.29
C7 NAG K . 41.45 33.60 10.88
C8 NAG K . 41.83 32.38 10.10
N2 NAG K . 41.47 33.48 12.22
O3 NAG K . 40.79 35.78 13.74
O4 NAG K . 39.47 35.29 16.24
O5 NAG K . 38.73 32.23 14.35
O6 NAG K . 37.61 31.92 17.22
O7 NAG K . 41.15 34.65 10.34
C1 NAG L . 29.45 12.56 12.42
C2 NAG L . 28.51 13.31 11.47
C3 NAG L . 28.24 14.71 12.00
C4 NAG L . 27.71 14.65 13.42
C5 NAG L . 28.69 13.86 14.29
C6 NAG L . 28.18 13.63 15.69
C7 NAG L . 28.47 13.90 9.08
C8 NAG L . 28.94 15.25 8.67
N2 NAG L . 29.08 13.36 10.13
O3 NAG L . 27.33 15.37 11.14
O4 NAG L . 27.56 15.97 13.93
O5 NAG L . 28.92 12.56 13.73
O6 NAG L . 29.21 13.83 16.65
O7 NAG L . 27.56 13.33 8.50
C1 NAG L . 26.26 16.05 14.56
C2 NAG L . 26.31 16.95 15.78
C3 NAG L . 24.95 16.94 16.47
C4 NAG L . 23.86 17.34 15.48
C5 NAG L . 23.92 16.41 14.27
C6 NAG L . 22.94 16.81 13.19
C7 NAG L . 28.52 17.22 16.78
C8 NAG L . 29.27 17.09 18.07
N2 NAG L . 27.35 16.59 16.71
O3 NAG L . 24.97 17.82 17.58
O4 NAG L . 22.58 17.22 16.10
O5 NAG L . 25.23 16.44 13.68
O6 NAG L . 22.96 18.22 12.97
O7 NAG L . 28.96 17.88 15.84
C1 BMA L . 22.05 18.54 16.31
C2 BMA L . 20.54 18.55 16.15
C3 BMA L . 20.01 19.96 16.33
C4 BMA L . 20.47 20.52 17.67
C5 BMA L . 21.98 20.44 17.78
C6 BMA L . 22.49 20.88 19.13
O2 BMA L . 19.94 17.66 17.08
O3 BMA L . 18.58 19.95 16.28
O4 BMA L . 20.07 21.88 17.79
O5 BMA L . 22.43 19.09 17.57
O6 BMA L . 22.79 19.80 20.00
C1 MAN L . 18.12 21.04 15.48
C2 MAN L . 17.09 21.80 16.29
C3 MAN L . 15.90 20.92 16.59
C4 MAN L . 15.32 20.41 15.29
C5 MAN L . 16.39 19.67 14.50
C6 MAN L . 15.91 19.20 13.14
O2 MAN L . 16.68 22.97 15.57
O3 MAN L . 14.92 21.65 17.33
O4 MAN L . 14.23 19.52 15.55
O5 MAN L . 17.52 20.56 14.27
O6 MAN L . 14.99 18.12 13.28
C1 MAN L . 16.93 24.14 16.38
C2 MAN L . 15.61 24.58 16.97
C3 MAN L . 14.66 25.03 15.88
C4 MAN L . 15.31 26.12 15.05
C5 MAN L . 16.65 25.62 14.50
C6 MAN L . 17.41 26.71 13.77
O2 MAN L . 15.80 25.63 17.92
O3 MAN L . 13.46 25.53 16.48
O4 MAN L . 14.46 26.47 13.96
O5 MAN L . 17.49 25.19 15.58
O6 MAN L . 18.80 26.39 13.65
C1 MAN L . 17.04 25.49 18.62
C2 MAN L . 16.79 24.86 19.98
C3 MAN L . 15.96 25.79 20.84
C4 MAN L . 16.65 27.13 20.96
C5 MAN L . 16.92 27.70 19.57
C6 MAN L . 17.69 29.00 19.60
O2 MAN L . 18.03 24.56 20.62
O3 MAN L . 15.78 25.20 22.13
O4 MAN L . 15.84 28.03 21.70
O5 MAN L . 17.68 26.76 18.79
O6 MAN L . 18.75 28.96 20.54
C1 MAN L . 22.98 20.46 21.26
C2 MAN L . 24.34 20.88 21.71
C3 MAN L . 24.83 19.97 22.80
C4 MAN L . 23.80 19.90 23.93
C5 MAN L . 22.43 19.48 23.38
C6 MAN L . 21.35 19.49 24.43
O2 MAN L . 24.28 22.24 22.17
O3 MAN L . 26.11 20.42 23.27
O4 MAN L . 24.23 18.95 24.91
O5 MAN L . 22.03 20.37 22.33
O6 MAN L . 20.71 20.76 24.53
C1 BMA L . 27.06 20.15 22.22
C2 BMA L . 27.41 21.41 21.45
C3 BMA L . 28.33 21.07 20.29
C4 BMA L . 29.57 20.37 20.82
C5 BMA L . 29.17 19.14 21.63
C6 BMA L . 30.34 18.46 22.27
O2 BMA L . 27.99 22.37 22.31
O3 BMA L . 28.69 22.27 19.60
O4 BMA L . 30.41 19.98 19.74
O5 BMA L . 28.26 19.52 22.68
O6 BMA L . 31.05 17.66 21.33
C1 MAN L . 19.61 20.63 25.45
C2 MAN L . 18.84 21.93 25.52
C3 MAN L . 19.68 23.00 26.20
C4 MAN L . 20.12 22.52 27.56
C5 MAN L . 20.86 21.19 27.44
C6 MAN L . 21.22 20.59 28.77
O2 MAN L . 17.60 21.74 26.20
O3 MAN L . 18.90 24.20 26.34
O4 MAN L . 21.00 23.47 28.16
O5 MAN L . 20.03 20.23 26.75
O6 MAN L . 22.49 19.95 28.74
C1 NAG M . 17.26 42.43 -2.74
C2 NAG M . 17.89 43.13 -1.48
C3 NAG M . 16.73 43.72 -0.61
C4 NAG M . 15.90 44.76 -1.45
C5 NAG M . 15.37 44.03 -2.75
C6 NAG M . 14.69 44.98 -3.74
C7 NAG M . 19.99 41.97 -0.79
C8 NAG M . 20.71 40.94 0.02
N2 NAG M . 18.65 42.12 -0.69
O3 NAG M . 17.30 44.39 0.52
O4 NAG M . 14.72 45.10 -0.65
O5 NAG M . 16.51 43.43 -3.51
O6 NAG M . 14.08 44.28 -4.82
O7 NAG M . 20.66 42.68 -1.56
C1 NAG M . 14.47 46.55 -0.32
C2 NAG M . 12.91 46.72 -0.11
C3 NAG M . 12.62 48.24 0.20
C4 NAG M . 13.41 48.68 1.47
C5 NAG M . 14.95 48.44 1.22
C6 NAG M . 15.80 48.73 2.46
C7 NAG M . 11.32 45.29 -1.40
C8 NAG M . 10.65 44.94 -2.70
N2 NAG M . 12.19 46.31 -1.35
O3 NAG M . 11.20 48.41 0.44
O4 NAG M . 13.15 50.06 1.73
O5 NAG M . 15.18 47.01 0.87
O6 NAG M . 15.84 50.10 2.81
O7 NAG M . 11.05 44.60 -0.39
C1 NAG N . 23.60 -48.05 -7.15
C2 NAG N . 22.70 -49.36 -7.16
C3 NAG N . 22.85 -50.04 -8.55
C4 NAG N . 22.42 -49.07 -9.70
C5 NAG N . 23.30 -47.76 -9.60
C6 NAG N . 22.92 -46.66 -10.60
C7 NAG N . 22.63 -50.28 -4.85
C8 NAG N . 23.19 -51.19 -3.79
N2 NAG N . 23.18 -50.25 -6.07
O3 NAG N . 22.01 -51.21 -8.57
O4 NAG N . 22.71 -49.72 -10.97
O5 NAG N . 23.17 -47.16 -8.25
O6 NAG N . 23.94 -45.67 -10.71
O7 NAG N . 21.65 -49.57 -4.56
C1 NAG N . 21.61 -49.76 -12.02
C2 NAG N . 22.28 -49.93 -13.44
C3 NAG N . 21.14 -49.94 -14.52
C4 NAG N . 20.13 -51.10 -14.22
C5 NAG N . 19.54 -50.89 -12.78
C6 NAG N . 18.61 -52.03 -12.35
C7 NAG N . 24.53 -48.91 -13.87
C8 NAG N . 25.36 -47.68 -14.12
N2 NAG N . 23.20 -48.78 -13.70
O3 NAG N . 21.71 -50.14 -15.83
O4 NAG N . 19.08 -51.07 -15.18
O5 NAG N . 20.66 -50.83 -11.77
O6 NAG N . 19.27 -53.31 -12.35
O7 NAG N . 25.09 -50.01 -13.82
C1 NAG O . -6.14 -48.12 -19.02
C2 NAG O . -5.09 -48.37 -17.86
C3 NAG O . -4.10 -49.50 -18.34
C4 NAG O . -4.92 -50.82 -18.67
C5 NAG O . -6.01 -50.48 -19.75
C6 NAG O . -6.98 -51.65 -20.02
C7 NAG O . -4.05 -46.68 -16.36
C8 NAG O . -3.41 -45.32 -16.17
N2 NAG O . -4.43 -47.08 -17.58
O3 NAG O . -3.16 -49.77 -17.30
O4 NAG O . -3.99 -51.77 -19.30
O5 NAG O . -6.89 -49.36 -19.29
O6 NAG O . -7.77 -51.42 -21.18
O7 NAG O . -4.20 -47.40 -15.36
C1 NAG O . -3.75 -53.11 -18.63
C2 NAG O . -3.35 -54.16 -19.76
C3 NAG O . -3.05 -55.54 -19.06
C4 NAG O . -1.92 -55.38 -17.99
C5 NAG O . -2.40 -54.33 -16.92
C6 NAG O . -1.34 -54.04 -15.86
C7 NAG O . -4.40 -54.22 -22.02
C8 NAG O . -5.63 -54.42 -22.88
N2 NAG O . -4.49 -54.34 -20.69
O3 NAG O . -2.62 -56.50 -20.06
O4 NAG O . -1.67 -56.65 -17.36
O5 NAG O . -2.69 -53.03 -17.61
O6 NAG O . -1.18 -55.12 -14.94
O7 NAG O . -3.33 -53.95 -22.57
C1 NAG P . -15.98 -7.30 -55.73
C2 NAG P . -15.98 -5.78 -55.92
C3 NAG P . -16.79 -5.44 -57.17
C4 NAG P . -16.24 -6.18 -58.36
C5 NAG P . -16.23 -7.69 -58.07
C6 NAG P . -15.60 -8.50 -59.18
C7 NAG P . -15.81 -4.15 -54.11
C8 NAG P . -16.52 -3.47 -52.99
N2 NAG P . -16.50 -5.07 -54.77
O3 NAG P . -16.77 -4.05 -57.38
O4 NAG P . -17.06 -5.94 -59.50
O5 NAG P . -15.47 -7.95 -56.87
O6 NAG P . -15.63 -9.90 -58.90
O7 NAG P . -14.65 -3.86 -54.42
C1 NAG P . -16.28 -5.24 -60.48
C2 NAG P . -16.84 -5.57 -61.87
C3 NAG P . -16.05 -4.83 -62.92
C4 NAG P . -16.09 -3.33 -62.63
C5 NAG P . -15.56 -3.08 -61.23
C6 NAG P . -15.64 -1.62 -60.82
C7 NAG P . -17.91 -7.74 -62.22
C8 NAG P . -17.71 -9.19 -62.54
N2 NAG P . -16.82 -7.00 -62.12
O3 NAG P . -16.59 -5.11 -64.21
O4 NAG P . -15.26 -2.65 -63.57
O5 NAG P . -16.32 -3.83 -60.26
O6 NAG P . -16.99 -1.16 -60.84
O7 NAG P . -19.04 -7.26 -62.06
C1 NAG Q . -12.60 -0.08 -48.74
C2 NAG Q . -13.47 1.19 -48.33
C3 NAG Q . -14.77 1.18 -49.22
C4 NAG Q . -14.38 1.20 -50.75
C5 NAG Q . -13.51 -0.06 -51.05
C6 NAG Q . -13.02 -0.17 -52.50
C7 NAG Q . -13.16 1.66 -45.89
C8 NAG Q . -13.57 1.44 -44.45
N2 NAG Q . -13.82 1.02 -46.88
O3 NAG Q . -15.60 2.32 -48.90
O4 NAG Q . -15.56 1.08 -51.60
O5 NAG Q . -12.31 -0.04 -50.18
O6 NAG Q . -12.39 1.03 -52.96
O7 NAG Q . -12.23 2.45 -46.13
C1 NAG Q . -16.00 2.31 -52.35
C2 NAG Q . -16.82 1.86 -53.62
C3 NAG Q . -17.29 3.16 -54.39
C4 NAG Q . -18.16 4.05 -53.43
C5 NAG Q . -17.30 4.43 -52.17
C6 NAG Q . -18.10 5.21 -51.11
C7 NAG Q . -16.33 -0.15 -55.03
C8 NAG Q . -15.40 -0.93 -55.91
N2 NAG Q . -15.94 1.04 -54.51
O3 NAG Q . -18.08 2.79 -55.54
O4 NAG Q . -18.56 5.23 -54.11
O5 NAG Q . -16.80 3.20 -51.50
O6 NAG Q . -19.33 4.58 -50.74
O7 NAG Q . -17.46 -0.61 -54.80
C1 NAG R . 3.35 -5.14 -52.56
C2 NAG R . 4.83 -4.84 -52.34
C3 NAG R . 5.23 -3.61 -53.17
C4 NAG R . 4.88 -3.85 -54.63
C5 NAG R . 3.40 -4.19 -54.77
C6 NAG R . 3.00 -4.55 -56.18
C7 NAG R . 5.37 -5.57 -50.06
C8 NAG R . 5.37 -5.16 -48.62
N2 NAG R . 5.10 -4.60 -50.94
O3 NAG R . 6.62 -3.38 -53.00
O4 NAG R . 5.12 -2.63 -55.34
O5 NAG R . 3.07 -5.33 -53.94
O6 NAG R . 1.59 -4.50 -56.35
O7 NAG R . 5.60 -6.72 -50.42
C1 NAG R . 6.17 -2.82 -56.30
C2 NAG R . 5.89 -1.93 -57.50
C3 NAG R . 7.03 -2.04 -58.51
C4 NAG R . 8.35 -1.75 -57.84
C5 NAG R . 8.54 -2.66 -56.63
C6 NAG R . 9.79 -2.35 -55.84
C7 NAG R . 3.52 -1.54 -57.95
C8 NAG R . 2.79 -1.13 -59.20
N2 NAG R . 4.63 -2.25 -58.12
O3 NAG R . 6.79 -1.15 -59.59
O4 NAG R . 9.41 -1.98 -58.77
O5 NAG R . 7.43 -2.52 -55.72
O6 NAG R . 9.99 -0.93 -55.72
O7 NAG R . 3.12 -1.24 -56.83
C1 NAG S . 6.85 -11.18 -48.70
C2 NAG S . 6.24 -11.73 -50.08
C3 NAG S . 7.01 -13.04 -50.46
C4 NAG S . 8.54 -12.76 -50.59
C5 NAG S . 9.06 -12.20 -49.22
C6 NAG S . 10.53 -11.81 -49.21
C7 NAG S . 3.77 -11.40 -50.27
C8 NAG S . 2.37 -11.83 -49.90
N2 NAG S . 4.82 -12.08 -49.81
O3 NAG S . 6.48 -13.50 -51.72
O4 NAG S . 9.19 -14.06 -50.82
O5 NAG S . 8.29 -10.97 -48.87
O6 NAG S . 10.94 -11.36 -47.92
O7 NAG S . 3.91 -10.40 -51.00
C1 NAG S . 10.09 -14.17 -52.04
C2 NAG S . 11.03 -15.43 -51.82
C3 NAG S . 11.98 -15.53 -53.07
C4 NAG S . 11.13 -15.66 -54.38
C5 NAG S . 10.20 -14.40 -54.50
C6 NAG S . 9.26 -14.46 -55.71
C7 NAG S . 11.53 -15.84 -49.42
C8 NAG S . 12.39 -15.60 -48.21
N2 NAG S . 11.83 -15.25 -50.59
O3 NAG S . 12.82 -16.70 -52.93
O4 NAG S . 12.01 -15.71 -55.51
O5 NAG S . 9.34 -14.29 -53.28
O6 NAG S . 8.41 -15.61 -55.70
O7 NAG S . 10.55 -16.60 -49.31
C1 NAG T . 4.55 -11.63 -36.56
C2 NAG T . 4.52 -10.12 -36.07
C3 NAG T . 5.55 -9.30 -36.92
C4 NAG T . 6.97 -9.92 -36.77
C5 NAG T . 6.92 -11.42 -37.24
C6 NAG T . 8.26 -12.16 -37.12
C7 NAG T . 2.42 -9.04 -35.32
C8 NAG T . 1.07 -8.51 -35.63
N2 NAG T . 3.17 -9.57 -36.29
O3 NAG T . 5.55 -7.94 -36.46
O4 NAG T . 7.90 -9.22 -37.64
O5 NAG T . 5.91 -12.15 -36.44
O6 NAG T . 8.87 -12.09 -35.83
O7 NAG T . 2.83 -8.98 -34.15
C1 NAG T . 9.08 -8.62 -36.93
C2 NAG T . 10.24 -8.34 -37.95
C3 NAG T . 11.46 -7.79 -37.14
C4 NAG T . 11.04 -6.48 -36.38
C5 NAG T . 9.82 -6.82 -35.44
C6 NAG T . 9.25 -5.59 -34.74
C7 NAG T . 10.41 -9.77 -39.98
C8 NAG T . 10.79 -11.08 -40.63
N2 NAG T . 10.59 -9.60 -38.65
O3 NAG T . 12.53 -7.53 -38.06
O4 NAG T . 12.09 -6.07 -35.49
O5 NAG T . 8.71 -7.40 -36.23
O6 NAG T . 8.76 -4.61 -35.64
O7 NAG T . 9.96 -8.87 -40.68
C1 BMA T . 12.95 -4.91 -35.92
C2 BMA T . 13.63 -4.30 -34.65
C3 BMA T . 14.52 -3.12 -35.09
C4 BMA T . 15.57 -3.62 -36.13
C5 BMA T . 14.82 -4.24 -37.34
C6 BMA T . 15.75 -4.92 -38.34
O2 BMA T . 14.40 -5.30 -33.98
O3 BMA T . 15.20 -2.58 -33.92
O4 BMA T . 16.36 -2.51 -36.53
O5 BMA T . 13.94 -5.33 -36.89
O6 BMA T . 16.86 -4.12 -38.71
C1 MAN T . 14.59 -1.31 -33.33
C2 MAN T . 15.57 -0.67 -32.32
C3 MAN T . 15.69 -1.59 -31.10
C4 MAN T . 14.30 -1.74 -30.49
C5 MAN T . 13.39 -2.37 -31.54
C6 MAN T . 12.01 -2.57 -30.97
O2 MAN T . 14.99 0.60 -31.96
O3 MAN T . 16.60 -1.05 -30.13
O4 MAN T . 14.38 -2.56 -29.35
O5 MAN T . 13.31 -1.53 -32.73
O6 MAN T . 11.99 -3.63 -30.04
C1 MAN T . 15.97 1.72 -31.67
C2 MAN T . 15.18 3.07 -31.60
C3 MAN T . 14.70 3.44 -33.05
C4 MAN T . 15.94 3.53 -34.02
C5 MAN T . 16.68 2.15 -34.01
C6 MAN T . 17.96 2.14 -34.86
O2 MAN T . 16.01 4.09 -31.03
O3 MAN T . 13.98 4.68 -33.03
O4 MAN T . 15.47 3.85 -35.34
O5 MAN T . 17.09 1.81 -32.61
O6 MAN T . 17.65 1.98 -36.25
C1 MAN T . 17.73 -4.65 -39.82
C2 MAN T . 18.19 -6.16 -39.59
C3 MAN T . 19.12 -6.19 -38.34
C4 MAN T . 20.35 -5.22 -38.56
C5 MAN T . 19.81 -3.77 -38.83
C6 MAN T . 20.91 -2.77 -39.17
O2 MAN T . 18.86 -6.63 -40.76
O3 MAN T . 19.56 -7.54 -38.09
O4 MAN T . 21.17 -5.25 -37.39
O5 MAN T . 18.89 -3.79 -40.00
O6 MAN T . 21.71 -2.44 -38.04
C1 NAG U . 5.81 22.41 -43.26
C2 NAG U . 6.84 21.91 -44.36
C3 NAG U . 8.27 22.41 -43.93
C4 NAG U . 8.27 23.99 -43.84
C5 NAG U . 7.18 24.43 -42.79
C6 NAG U . 6.99 25.94 -42.70
C7 NAG U . 6.03 19.74 -45.30
C8 NAG U . 6.04 18.24 -45.34
N2 NAG U . 6.81 20.42 -44.44
O3 NAG U . 9.24 21.94 -44.87
O4 NAG U . 9.58 24.41 -43.33
O5 NAG U . 5.85 23.87 -43.19
O6 NAG U . 6.03 26.30 -41.73
O7 NAG U . 5.28 20.33 -46.09
C1 NAG U . 10.31 25.47 -44.12
C2 NAG U . 11.33 26.19 -43.13
C3 NAG U . 12.09 27.30 -43.94
C4 NAG U . 12.85 26.64 -45.15
C5 NAG U . 11.78 25.92 -46.06
C6 NAG U . 12.43 25.17 -47.25
C7 NAG U . 10.64 26.44 -40.74
C8 NAG U . 9.79 27.14 -39.71
N2 NAG U . 10.54 26.81 -42.03
O3 NAG U . 13.06 27.93 -43.07
O4 NAG U . 13.52 27.66 -45.89
O5 NAG U . 11.05 24.91 -45.26
O6 NAG U . 11.45 24.66 -48.14
O7 NAG U . 11.43 25.55 -40.38
C1 NAG V . -26.64 -44.17 8.17
C2 NAG V . -26.77 -44.84 9.60
C3 NAG V . -28.17 -44.48 10.24
C4 NAG V . -28.30 -42.90 10.33
C5 NAG V . -28.17 -42.31 8.87
C6 NAG V . -28.15 -40.77 8.84
C7 NAG V . -25.50 -46.99 9.70
C8 NAG V . -25.45 -48.47 9.50
N2 NAG V . -26.64 -46.31 9.45
O3 NAG V . -28.27 -45.07 11.55
O4 NAG V . -29.45 -42.48 11.15
O5 NAG V . -26.87 -42.72 8.29
O6 NAG V . -28.46 -40.26 7.54
O7 NAG V . -24.48 -46.40 10.08
C1 NAG V . -30.83 -42.45 10.54
C2 NAG V . -31.89 -42.36 11.72
C3 NAG V . -33.34 -42.29 11.09
C4 NAG V . -33.44 -41.06 10.11
C5 NAG V . -32.35 -41.23 8.98
C6 NAG V . -32.31 -40.06 8.01
C7 NAG V . -32.04 -43.65 13.87
C8 NAG V . -31.90 -44.94 14.61
N2 NAG V . -31.78 -43.60 12.55
O3 NAG V . -34.33 -42.13 12.13
O4 NAG V . -34.75 -41.03 9.54
O5 NAG V . -31.01 -41.33 9.62
O6 NAG V . -31.51 -40.37 6.86
O7 NAG V . -32.39 -42.63 14.49
C1 NAG W . -27.16 -21.97 30.85
C2 NAG W . -26.60 -23.28 30.17
C3 NAG W . -27.75 -24.33 30.12
C4 NAG W . -28.23 -24.63 31.60
C5 NAG W . -28.70 -23.28 32.27
C6 NAG W . -29.10 -23.46 33.74
C7 NAG W . -24.95 -23.37 28.31
C8 NAG W . -24.51 -22.92 26.96
N2 NAG W . -26.09 -22.91 28.84
O3 NAG W . -27.26 -25.53 29.50
O4 NAG W . -29.38 -25.54 31.55
O5 NAG W . -27.61 -22.28 32.22
O6 NAG W . -29.62 -22.25 34.30
O7 NAG W . -24.24 -24.18 28.93
C1 NAG W . -29.18 -26.90 32.19
C2 NAG W . -30.61 -27.55 32.39
C3 NAG W . -30.41 -28.96 33.07
C4 NAG W . -29.48 -29.84 32.17
C5 NAG W . -28.10 -29.11 32.00
C6 NAG W . -27.13 -29.86 31.07
C7 NAG W . -32.61 -26.18 32.97
C8 NAG W . -33.33 -25.28 33.95
N2 NAG W . -31.40 -26.66 33.29
O3 NAG W . -31.70 -29.59 33.21
O4 NAG W . -29.28 -31.11 32.80
O5 NAG W . -28.32 -27.77 31.40
O6 NAG W . -25.81 -29.34 31.14
O7 NAG W . -33.16 -26.44 31.89
C1 NAG X . -42.28 29.88 18.56
C2 NAG X . -42.65 30.24 17.07
C3 NAG X . -43.36 31.64 17.05
C4 NAG X . -44.64 31.59 17.97
C5 NAG X . -44.20 31.19 19.42
C6 NAG X . -45.37 31.06 20.39
C7 NAG X . -40.95 29.26 15.50
C8 NAG X . -39.65 29.37 14.77
N2 NAG X . -41.38 30.28 16.28
O3 NAG X . -43.75 31.96 15.70
O4 NAG X . -45.24 32.92 18.02
O5 NAG X . -43.50 29.88 19.39
O6 NAG X . -44.94 30.79 21.72
O7 NAG X . -41.62 28.22 15.39
C1 NAG X . -46.61 33.04 17.42
C2 NAG X . -47.22 34.44 17.83
C3 NAG X . -48.66 34.55 17.20
C4 NAG X . -48.57 34.37 15.64
C5 NAG X . -47.94 32.97 15.33
C6 NAG X . -47.74 32.72 13.83
C7 NAG X . -46.75 35.44 20.08
C8 NAG X . -46.90 35.39 21.57
N2 NAG X . -47.33 34.50 19.32
O3 NAG X . -49.22 35.85 17.50
O4 NAG X . -49.89 34.45 15.09
O5 NAG X . -46.59 32.89 15.98
O6 NAG X . -47.47 31.35 13.56
O7 NAG X . -46.08 36.36 19.57
C1 NAG Y . -35.15 30.53 10.90
C2 NAG Y . -34.25 31.82 10.77
C3 NAG Y . -34.69 32.82 11.89
C4 NAG Y . -36.22 33.15 11.79
C5 NAG Y . -37.02 31.80 11.88
C6 NAG Y . -38.54 31.93 11.75
C7 NAG Y . -31.81 31.81 10.36
C8 NAG Y . -30.45 31.23 10.68
N2 NAG Y . -32.87 31.34 11.00
O3 NAG Y . -33.93 34.02 11.76
O4 NAG Y . -36.56 33.96 12.95
O5 NAG Y . -36.57 30.88 10.81
O6 NAG Y . -38.95 32.69 10.60
O7 NAG Y . -31.89 32.70 9.50
C1 NAG Y . -37.43 35.16 12.71
C2 NAG Y . -37.91 35.68 14.11
C3 NAG Y . -38.83 36.93 13.88
C4 NAG Y . -38.04 38.03 13.08
C5 NAG Y . -37.58 37.41 11.71
C6 NAG Y . -36.75 38.37 10.87
C7 NAG Y . -38.53 34.22 16.06
C8 NAG Y . -39.34 33.08 16.61
N2 NAG Y . -38.67 34.57 14.76
O3 NAG Y . -39.24 37.47 15.15
O4 NAG Y . -38.90 39.15 12.85
O5 NAG Y . -36.74 36.21 11.96
O6 NAG Y . -36.60 37.90 9.53
O7 NAG Y . -37.75 34.82 16.80
C1 NAG Z . -44.75 21.44 1.14
C2 NAG Z . -44.83 21.07 -0.34
C3 NAG Z . -45.35 22.27 -1.13
C4 NAG Z . -46.68 22.73 -0.56
C5 NAG Z . -46.52 23.04 0.93
C6 NAG Z . -47.82 23.41 1.60
C7 NAG Z . -43.22 19.37 -1.05
C8 NAG Z . -41.78 19.02 -0.79
N2 NAG Z . -43.55 20.65 -0.87
O3 NAG Z . -45.48 21.92 -2.50
O4 NAG Z . -47.13 23.91 -1.23
O5 NAG Z . -46.01 21.88 1.62
O6 NAG Z . -48.06 24.80 1.50
O7 NAG Z . -44.04 18.52 -1.40
C1 NAG Z . -48.26 23.54 -2.04
C2 NAG Z . -49.21 24.72 -2.16
C3 NAG Z . -50.42 24.33 -3.00
C4 NAG Z . -49.96 23.80 -4.35
C5 NAG Z . -48.99 22.64 -4.15
C6 NAG Z . -48.41 22.13 -5.45
C7 NAG Z . -50.15 26.40 -0.65
C8 NAG Z . -49.16 27.50 -0.35
N2 NAG Z . -49.62 25.19 -0.85
O3 NAG Z . -51.28 25.44 -3.15
O4 NAG Z . -51.10 23.32 -5.07
O5 NAG Z . -47.88 23.06 -3.33
O6 NAG Z . -47.64 20.94 -5.23
O7 NAG Z . -51.35 26.60 -0.72
C1 NAG AA . -44.65 13.23 0.98
C2 NAG AA . -45.89 13.42 1.85
C3 NAG AA . -46.69 12.12 1.89
C4 NAG AA . -47.01 11.67 0.47
C5 NAG AA . -45.73 11.55 -0.34
C6 NAG AA . -45.98 11.21 -1.79
C7 NAG AA . -45.53 15.09 3.60
C8 NAG AA . -45.16 15.32 5.03
N2 NAG AA . -45.55 13.83 3.20
O3 NAG AA . -47.87 12.32 2.65
O4 NAG AA . -47.66 10.40 0.52
O5 NAG AA . -45.00 12.79 -0.31
O6 NAG AA . -44.77 10.81 -2.43
O7 NAG AA . -45.78 16.02 2.83
C1 NAG AA . -49.08 10.62 0.38
C2 NAG AA . -49.67 9.71 -0.70
C3 NAG AA . -51.15 9.99 -0.83
C4 NAG AA . -51.84 9.85 0.52
C5 NAG AA . -51.17 10.76 1.54
C6 NAG AA . -51.72 10.59 2.94
C7 NAG AA . -48.51 8.88 -2.69
C8 NAG AA . -47.59 7.96 -1.96
N2 NAG AA . -49.01 9.89 -1.98
O3 NAG AA . -51.73 9.10 -1.78
O4 NAG AA . -53.21 10.24 0.39
O5 NAG AA . -49.75 10.48 1.62
O6 NAG AA . -51.58 11.79 3.69
O7 NAG AA . -48.79 8.73 -3.87
C1 NAG BA . -33.60 8.04 2.37
C2 NAG BA . -32.65 8.83 1.37
C3 NAG BA . -33.52 9.32 0.15
C4 NAG BA . -34.19 8.09 -0.54
C5 NAG BA . -35.08 7.34 0.50
C6 NAG BA . -35.81 6.11 -0.04
C7 NAG BA . -30.92 10.59 1.81
C8 NAG BA . -30.43 11.76 2.63
N2 NAG BA . -32.08 10.00 2.13
O3 NAG BA . -32.67 9.99 -0.79
O4 NAG BA . -35.07 8.55 -1.61
O5 NAG BA . -34.25 6.93 1.65
O6 NAG BA . -34.95 5.17 -0.67
O7 NAG BA . -30.23 10.20 0.87
C1 NAG BA . -34.71 8.11 -2.99
C2 NAG BA . -35.92 8.35 -3.96
C3 NAG BA . -35.52 7.80 -5.37
C4 NAG BA . -34.23 8.55 -5.86
C5 NAG BA . -33.08 8.33 -4.82
C6 NAG BA . -31.81 9.12 -5.15
C7 NAG BA . -38.23 8.36 -3.00
C8 NAG BA . -39.40 7.63 -2.43
N2 NAG BA . -37.13 7.68 -3.41
O3 NAG BA . -36.61 8.01 -6.29
O4 NAG BA . -33.77 7.96 -7.11
O5 NAG BA . -33.52 8.78 -3.49
O6 NAG BA . -32.00 10.54 -5.10
O7 NAG BA . -38.28 9.60 -3.08
C1 BMA BA . -33.98 8.76 -8.36
C2 BMA BA . -32.91 8.31 -9.42
C3 BMA BA . -33.12 9.16 -10.69
C4 BMA BA . -34.56 8.94 -11.22
C5 BMA BA . -35.57 9.37 -10.11
C6 BMA BA . -37.02 9.10 -10.54
O2 BMA BA . -33.02 6.91 -9.69
O3 BMA BA . -32.17 8.73 -11.71
O4 BMA BA . -34.75 9.74 -12.38
O5 BMA BA . -35.31 8.59 -8.88
O6 BMA BA . -37.33 7.70 -10.55
C1 MAN BA . -31.10 9.74 -12.12
C2 MAN BA . -30.65 9.44 -13.57
C3 MAN BA . -29.91 8.09 -13.60
C4 MAN BA . -28.73 8.20 -12.65
C5 MAN BA . -29.24 8.50 -11.23
C6 MAN BA . -28.07 8.65 -10.28
O2 MAN BA . -29.74 10.49 -13.95
O3 MAN BA . -29.46 7.80 -14.92
O4 MAN BA . -28.02 6.97 -12.66
O5 MAN BA . -29.98 9.77 -11.22
O6 MAN BA . -27.33 7.44 -10.16
C1 MAN BA . -29.90 11.08 -15.35
C2 MAN BA . -28.48 11.19 -16.02
C3 MAN BA . -27.66 12.27 -15.25
C4 MAN BA . -28.42 13.64 -15.28
C5 MAN BA . -29.84 13.45 -14.61
C6 MAN BA . -30.73 14.71 -14.70
O2 MAN BA . -28.61 11.48 -17.41
O3 MAN BA . -26.35 12.39 -15.84
O4 MAN BA . -27.65 14.61 -14.55
O5 MAN BA . -30.59 12.37 -15.34
O6 MAN BA . -30.26 15.80 -13.91
C1 MAN BA . -38.23 7.27 -11.66
C2 MAN BA . -39.21 6.15 -11.12
C3 MAN BA . -38.36 4.88 -10.78
C4 MAN BA . -37.59 4.39 -12.04
C5 MAN BA . -36.64 5.56 -12.53
C6 MAN BA . -35.87 5.24 -13.81
O2 MAN BA . -40.25 5.90 -12.07
O3 MAN BA . -39.24 3.84 -10.30
O4 MAN BA . -36.81 3.23 -11.71
O5 MAN BA . -37.47 6.77 -12.81
O6 MAN BA . -34.80 4.34 -13.58
C1 NAG CA . -8.24 35.63 -0.18
C2 NAG CA . -7.32 36.35 0.90
C3 NAG CA . -8.21 37.39 1.68
C4 NAG CA . -8.86 38.43 0.69
C5 NAG CA . -9.72 37.61 -0.33
C6 NAG CA . -10.36 38.43 -1.45
C7 NAG CA . -5.55 34.89 1.91
C8 NAG CA . -5.13 33.83 2.90
N2 NAG CA . -6.82 35.31 1.84
O3 NAG CA . -7.36 38.09 2.62
O4 NAG CA . -9.72 39.38 1.36
O5 NAG CA . -8.85 36.64 -1.02
O6 NAG CA . -10.71 37.61 -2.58
O7 NAG CA . -4.68 35.37 1.16
C1 NAG CA . -9.13 40.75 1.74
C2 NAG CA . -10.00 41.91 1.07
C3 NAG CA . -9.34 43.28 1.49
C4 NAG CA . -9.29 43.40 3.06
C5 NAG CA . -8.45 42.20 3.63
C6 NAG CA . -8.40 42.19 5.16
C7 NAG CA . -10.95 42.18 -1.24
C8 NAG CA . -10.83 42.03 -2.72
N2 NAG CA . -9.96 41.78 -0.42
O3 NAG CA . -10.13 44.38 0.98
O4 NAG CA . -8.68 44.64 3.42
O5 NAG CA . -9.07 40.91 3.18
O6 NAG CA . -7.39 41.30 5.65
O7 NAG CA . -11.99 42.69 -0.77
C1 NAG DA . -33.08 30.92 16.03
C2 NAG DA . -32.22 31.11 14.78
C3 NAG DA . -31.62 32.51 14.79
C4 NAG DA . -32.71 33.56 14.92
C5 NAG DA . -33.54 33.28 16.16
C6 NAG DA . -34.74 34.19 16.29
C7 NAG DA . -31.04 29.28 13.67
C8 NAG DA . -32.31 28.66 13.17
N2 NAG DA . -31.17 30.11 14.71
O3 NAG DA . -30.86 32.70 13.60
O4 NAG DA . -32.10 34.84 15.06
O5 NAG DA . -34.06 31.93 16.12
O6 NAG DA . -34.90 34.65 17.63
O7 NAG DA . -29.94 29.02 13.19
C1 NAG DA . -32.78 35.81 14.24
C2 NAG DA . -32.74 37.16 14.94
C3 NAG DA . -33.45 38.20 14.09
C4 NAG DA . -32.83 38.24 12.70
C5 NAG DA . -32.87 36.85 12.08
C6 NAG DA . -32.18 36.76 10.74
C7 NAG DA . -32.62 37.15 17.38
C8 NAG DA . -32.01 38.48 17.72
N2 NAG DA . -33.33 37.11 16.26
O3 NAG DA . -33.37 39.47 14.72
O4 NAG DA . -33.57 39.14 11.87
O5 NAG DA . -32.22 35.90 12.94
O6 NAG DA . -32.36 35.48 10.14
O7 NAG DA . -32.46 36.17 18.09
C1 NAG EA . 6.03 -21.73 41.60
C2 NAG EA . 5.74 -20.33 42.32
C3 NAG EA . 7.06 -19.85 43.03
C4 NAG EA . 7.51 -20.94 44.06
C5 NAG EA . 7.75 -22.30 43.30
C6 NAG EA . 8.11 -23.47 44.22
C7 NAG EA . 5.75 -18.84 40.29
C8 NAG EA . 5.03 -17.82 39.43
N2 NAG EA . 5.15 -19.32 41.39
O3 NAG EA . 6.80 -18.59 43.70
O4 NAG EA . 8.60 -20.48 44.93
O5 NAG EA . 6.49 -22.71 42.60
O6 NAG EA . 8.57 -24.60 43.48
O7 NAG EA . 6.89 -19.19 39.94
C1 NAG EA . 10.02 -20.33 44.38
C2 NAG EA . 10.65 -19.02 45.01
C3 NAG EA . 12.13 -18.89 44.47
C4 NAG EA . 12.95 -20.17 44.84
C5 NAG EA . 12.24 -21.43 44.22
C6 NAG EA . 12.91 -22.75 44.62
C7 NAG EA . 9.49 -16.87 45.45
C8 NAG EA . 8.70 -15.69 44.94
N2 NAG EA . 9.87 -17.83 44.59
O3 NAG EA . 12.76 -17.73 45.06
O4 NAG EA . 14.28 -20.05 44.32
O5 NAG EA . 10.84 -21.50 44.71
O6 NAG EA . 12.83 -23.00 46.03
O7 NAG EA . 9.76 -16.92 46.65
C1 NAG FA . 40.09 -27.80 16.61
C2 NAG FA . 38.95 -28.70 17.26
C3 NAG FA . 39.34 -28.99 18.75
C4 NAG FA . 40.72 -29.73 18.78
C5 NAG FA . 41.81 -28.84 18.07
C6 NAG FA . 43.17 -29.53 17.99
C7 NAG FA . 36.56 -28.47 16.61
C8 NAG FA . 35.30 -27.64 16.51
N2 NAG FA . 37.67 -27.94 17.15
O3 NAG FA . 38.33 -29.81 19.36
O4 NAG FA . 41.10 -29.96 20.14
O5 NAG FA . 41.37 -28.54 16.67
O6 NAG FA . 44.20 -28.64 17.59
O7 NAG FA . 36.55 -29.64 16.19
C1 NAG GA . 44.94 -9.37 -1.36
C2 NAG GA . 45.16 -10.81 -2.02
C3 NAG GA . 45.88 -10.61 -3.41
C4 NAG GA . 45.02 -9.67 -4.33
C5 NAG GA . 44.81 -8.29 -3.60
C6 NAG GA . 43.86 -7.31 -4.32
C7 NAG GA . 45.57 -12.60 -0.34
C8 NAG GA . 46.51 -13.34 0.55
N2 NAG GA . 46.02 -11.61 -1.12
O3 NAG GA . 46.03 -11.90 -4.03
O4 NAG GA . 45.72 -9.49 -5.55
O5 NAG GA . 44.17 -8.52 -2.28
O6 NAG GA . 44.17 -7.08 -5.70
O7 NAG GA . 44.37 -12.91 -0.31
C1 NAG HA . 42.60 -15.51 15.26
C2 NAG HA . 43.71 -14.37 15.21
C3 NAG HA . 44.94 -14.84 16.07
C4 NAG HA . 44.47 -15.12 17.54
C5 NAG HA . 43.34 -16.22 17.52
C6 NAG HA . 42.74 -16.51 18.91
C7 NAG HA . 43.93 -13.01 13.12
C8 NAG HA . 44.38 -12.88 11.69
N2 NAG HA . 44.13 -14.17 13.79
O3 NAG HA . 45.94 -13.81 16.07
O4 NAG HA . 45.59 -15.59 18.30
O5 NAG HA . 42.23 -15.76 16.66
O6 NAG HA . 42.09 -15.38 19.47
O7 NAG HA . 43.39 -12.04 13.66
C1 NAG IA . 43.72 -6.85 -12.80
C2 NAG IA . 44.53 -8.16 -12.34
C3 NAG IA . 45.53 -8.53 -13.47
C4 NAG IA . 44.78 -8.77 -14.82
C5 NAG IA . 43.98 -7.48 -15.20
C6 NAG IA . 43.13 -7.64 -16.46
C7 NAG IA . 44.88 -8.14 -9.87
C8 NAG IA . 45.71 -7.70 -8.70
N2 NAG IA . 45.27 -7.82 -11.11
O3 NAG IA . 46.24 -9.73 -13.09
O4 NAG IA . 45.73 -9.07 -15.84
O5 NAG IA . 43.05 -7.12 -14.09
O6 NAG IA . 42.16 -8.68 -16.35
O7 NAG IA . 43.84 -8.77 -9.67
C1 NAG JA . 55.36 14.57 7.63
C2 NAG JA . 56.31 15.78 7.58
C3 NAG JA . 57.52 15.42 6.74
C4 NAG JA . 58.20 14.18 7.32
C5 NAG JA . 57.18 13.04 7.39
C6 NAG JA . 57.74 11.80 8.02
C7 NAG JA . 56.19 18.15 6.98
C8 NAG JA . 55.35 19.23 6.36
N2 NAG JA . 55.63 16.95 7.03
O3 NAG JA . 58.43 16.52 6.71
O4 NAG JA . 59.29 13.79 6.49
O5 NAG JA . 56.03 13.44 8.16
O6 NAG JA . 58.86 11.31 7.31
O7 NAG JA . 57.31 18.37 7.42
C1 NAG KA . 37.12 21.26 17.17
C2 NAG KA . 38.71 21.25 17.27
C3 NAG KA . 39.12 20.67 18.67
C4 NAG KA . 38.49 21.53 19.82
C5 NAG KA . 36.93 21.52 19.64
C6 NAG KA . 36.20 22.40 20.66
C7 NAG KA . 39.82 20.76 15.09
C8 NAG KA . 40.26 19.76 14.06
N2 NAG KA . 39.20 20.34 16.21
O3 NAG KA . 40.55 20.70 18.78
O4 NAG KA . 38.85 20.97 21.08
O5 NAG KA . 36.57 22.05 18.29
O6 NAG KA . 36.20 21.83 21.97
O7 NAG KA . 40.04 21.96 14.89
C1 NAG LA . 35.79 10.55 17.32
C2 NAG LA . 34.51 9.73 17.82
C3 NAG LA . 34.35 9.93 19.36
C4 NAG LA . 35.63 9.42 20.08
C5 NAG LA . 36.88 10.23 19.55
C6 NAG LA . 38.21 9.73 20.12
C7 NAG LA . 32.74 9.53 16.09
C8 NAG LA . 31.53 10.08 15.37
N2 NAG LA . 33.31 10.22 17.08
O3 NAG LA . 33.20 9.17 19.81
O4 NAG LA . 35.49 9.62 21.50
O5 NAG LA . 36.97 10.06 18.07
O6 NAG LA . 38.38 10.09 21.49
O7 NAG LA . 33.18 8.43 15.72
C1 NAG MA . 21.08 35.72 14.27
C2 NAG MA . 21.55 35.46 15.71
C3 NAG MA . 20.33 35.40 16.62
C4 NAG MA . 19.53 36.69 16.50
C5 NAG MA . 19.14 36.90 15.04
C6 NAG MA . 18.41 38.20 14.80
C7 NAG MA . 23.66 34.26 15.86
C8 NAG MA . 24.31 33.19 16.68
N2 NAG MA . 22.32 34.25 15.82
O3 NAG MA . 20.76 35.19 17.96
O4 NAG MA . 18.34 36.58 17.28
O5 NAG MA . 20.32 36.92 14.21
O6 NAG MA . 17.24 38.29 15.60
O7 NAG MA . 24.32 35.10 15.25
C1 NAG NA . 6.93 41.34 -14.42
C2 NAG NA . 8.46 41.42 -14.87
C3 NAG NA . 8.74 42.84 -15.48
C4 NAG NA . 7.78 43.10 -16.70
C5 NAG NA . 6.30 43.00 -16.20
C6 NAG NA . 5.27 43.16 -17.32
C7 NAG NA . 9.87 40.10 -13.30
C8 NAG NA . 10.75 40.06 -12.09
N2 NAG NA . 9.33 41.26 -13.69
O3 NAG NA . 10.10 42.94 -15.92
O4 NAG NA . 8.06 44.40 -17.23
O5 NAG NA . 6.07 41.66 -15.59
O6 NAG NA . 5.22 44.49 -17.82
O7 NAG NA . 9.65 39.06 -13.94
C1 NAG OA . 21.07 22.70 -19.74
C2 NAG OA . 21.70 21.42 -20.44
C3 NAG OA . 23.23 21.38 -20.13
C4 NAG OA . 23.92 22.69 -20.64
C5 NAG OA . 23.24 23.92 -19.94
C6 NAG OA . 23.77 25.28 -20.42
C7 NAG OA . 20.04 19.56 -20.48
C8 NAG OA . 19.44 18.37 -19.83
N2 NAG OA . 21.04 20.22 -19.87
O3 NAG OA . 23.82 20.25 -20.81
O4 NAG OA . 25.31 22.65 -20.33
O5 NAG OA . 21.77 23.90 -20.24
O6 NAG OA . 25.08 25.55 -19.91
O7 NAG OA . 19.61 19.93 -21.59
C1 NAG PA . 28.26 40.83 -10.38
C2 NAG PA . 29.66 41.32 -9.79
C3 NAG PA . 30.79 40.94 -10.79
C4 NAG PA . 30.80 39.38 -10.97
C5 NAG PA . 29.39 38.91 -11.49
C6 NAG PA . 29.29 37.38 -11.55
C7 NAG PA . 29.79 43.35 -8.34
C8 NAG PA . 29.67 44.84 -8.17
N2 NAG PA . 29.57 42.80 -9.55
O3 NAG PA . 32.07 41.39 -10.29
O4 NAG PA . 31.81 39.03 -11.92
O5 NAG PA . 28.32 39.36 -10.56
O6 NAG PA . 28.11 36.91 -12.21
O7 NAG PA . 30.09 42.67 -7.35
C1 NAG QA . 61.34 -2.43 2.62
C2 NAG QA . 61.76 -3.79 1.88
C3 NAG QA . 61.39 -4.99 2.81
C4 NAG QA . 62.12 -4.84 4.18
C5 NAG QA . 61.68 -3.48 4.85
C6 NAG QA . 62.39 -3.21 6.18
C7 NAG QA . 61.53 -3.70 -0.61
C8 NAG QA . 60.68 -3.80 -1.83
N2 NAG QA . 60.99 -3.88 0.61
O3 NAG QA . 61.80 -6.22 2.19
O4 NAG QA . 61.74 -5.93 5.03
O5 NAG QA . 62.02 -2.35 3.92
O6 NAG QA . 61.84 -2.09 6.85
O7 NAG QA . 62.74 -3.43 -0.75
C1 NAG RA . 48.21 3.06 14.20
C2 NAG RA . 48.32 2.79 15.76
C3 NAG RA . 49.67 3.40 16.29
C4 NAG RA . 50.88 2.74 15.53
C5 NAG RA . 50.70 3.00 13.98
C6 NAG RA . 51.75 2.30 13.11
C7 NAG RA . 46.07 2.77 16.86
C8 NAG RA . 44.94 3.48 17.52
N2 NAG RA . 47.16 3.44 16.43
O3 NAG RA . 49.79 3.13 17.70
O4 NAG RA . 52.09 3.31 16.00
O5 NAG RA . 49.38 2.46 13.53
O6 NAG RA . 53.06 2.85 13.25
O7 NAG RA . 45.98 1.53 16.73
C1 NAG SA . 44.38 20.98 -8.89
C2 NAG SA . 43.28 22.01 -9.09
C3 NAG SA . 43.63 22.90 -10.28
C4 NAG SA . 44.98 23.55 -10.04
C5 NAG SA . 46.02 22.46 -9.81
C6 NAG SA . 47.39 23.02 -9.47
C7 NAG SA . 41.20 20.90 -8.34
C8 NAG SA . 39.91 20.29 -8.80
N2 NAG SA . 41.97 21.42 -9.32
O3 NAG SA . 42.61 23.88 -10.44
O4 NAG SA . 45.35 24.32 -11.19
O5 NAG SA . 45.63 21.63 -8.70
O6 NAG SA . 48.34 21.98 -9.29
O7 NAG SA . 41.52 20.94 -7.17
C1 NAG TA . 37.54 -50.03 4.19
C2 NAG TA . 38.10 -50.91 5.41
C3 NAG TA . 38.86 -52.14 4.82
C4 NAG TA . 37.88 -52.98 3.91
C5 NAG TA . 37.33 -52.06 2.76
C6 NAG TA . 36.29 -52.77 1.89
C7 NAG TA . 38.76 -49.69 7.50
C8 NAG TA . 39.70 -48.77 8.21
N2 NAG TA . 38.99 -50.02 6.21
O3 NAG TA . 39.32 -52.98 5.91
O4 NAG TA . 38.58 -54.09 3.36
O5 NAG TA . 36.65 -50.86 3.35
O6 NAG TA . 35.89 -51.96 0.78
O7 NAG TA . 37.78 -50.14 8.12
C1 NAG UA . 28.22 -33.42 -9.63
C2 NAG UA . 29.65 -33.66 -9.16
C3 NAG UA . 30.53 -32.52 -9.66
C4 NAG UA . 30.43 -32.38 -11.16
C5 NAG UA . 28.96 -32.19 -11.55
C6 NAG UA . 28.74 -32.15 -13.05
C7 NAG UA . 29.97 -34.90 -7.08
C8 NAG UA . 30.09 -34.79 -5.59
N2 NAG UA . 29.73 -33.76 -7.73
O3 NAG UA . 31.87 -32.76 -9.25
O4 NAG UA . 31.17 -31.26 -11.61
O5 NAG UA . 28.17 -33.28 -11.04
O6 NAG UA . 27.37 -31.96 -13.37
O7 NAG UA . 30.08 -35.96 -7.67
C1 NAG VA . -19.11 -28.43 -31.93
C2 NAG VA . -19.17 -29.62 -30.86
C3 NAG VA . -20.68 -29.98 -30.61
C4 NAG VA . -21.44 -28.70 -30.09
C5 NAG VA . -21.30 -27.53 -31.13
C6 NAG VA . -21.90 -26.20 -30.67
C7 NAG VA . -17.66 -31.57 -30.66
C8 NAG VA . -16.87 -32.67 -31.31
N2 NAG VA . -18.38 -30.74 -31.42
O3 NAG VA . -20.78 -31.01 -29.63
O4 NAG VA . -22.82 -29.01 -29.90
O5 NAG VA . -19.85 -27.27 -31.40
O6 NAG VA . -21.18 -25.60 -29.57
O7 NAG VA . -17.60 -31.46 -29.42
C1 NAG WA . -5.44 -39.22 -29.90
C2 NAG WA . -4.20 -40.06 -29.57
C3 NAG WA . -4.04 -41.15 -30.64
C4 NAG WA . -5.32 -41.98 -30.72
C5 NAG WA . -6.50 -41.06 -31.00
C6 NAG WA . -7.83 -41.78 -31.02
C7 NAG WA . -1.83 -39.62 -29.12
C8 NAG WA . -0.76 -38.58 -29.10
N2 NAG WA . -3.04 -39.21 -29.51
O3 NAG WA . -2.93 -41.97 -30.32
O4 NAG WA . -5.20 -42.94 -31.77
O5 NAG WA . -6.59 -40.04 -29.99
O6 NAG WA . -8.89 -40.89 -31.31
O7 NAG WA . -1.61 -40.78 -28.80
C1 NAG XA . -28.99 -20.87 -30.38
C2 NAG XA . -29.69 -22.16 -29.73
C3 NAG XA . -31.11 -22.31 -30.36
C4 NAG XA . -31.95 -21.01 -30.09
C5 NAG XA . -31.20 -19.77 -30.69
C6 NAG XA . -31.88 -18.44 -30.39
C7 NAG XA . -28.00 -23.89 -29.14
C8 NAG XA . -27.20 -25.10 -29.53
N2 NAG XA . -28.88 -23.37 -30.02
O3 NAG XA . -31.79 -23.44 -29.78
O4 NAG XA . -33.23 -21.13 -30.73
O5 NAG XA . -29.83 -19.70 -30.09
O6 NAG XA . -31.90 -18.14 -29.00
O7 NAG XA . -27.84 -23.39 -28.02
C1 NAG YA . -11.08 -18.47 -57.03
C2 NAG YA . -11.74 -19.79 -56.68
C3 NAG YA . -12.98 -19.99 -57.56
C4 NAG YA . -13.92 -18.80 -57.43
C5 NAG YA . -13.16 -17.51 -57.75
C6 NAG YA . -13.99 -16.27 -57.53
C7 NAG YA . -10.66 -21.80 -55.82
C8 NAG YA . -9.44 -21.60 -54.98
N2 NAG YA . -10.85 -20.92 -56.80
O3 NAG YA . -13.63 -21.19 -57.18
O4 NAG YA . -15.00 -18.95 -58.34
O5 NAG YA . -11.99 -17.39 -56.92
O6 NAG YA . -13.23 -15.09 -57.76
O7 NAG YA . -11.46 -22.71 -55.60
C1 NAG ZA . 4.79 -18.95 -40.37
C2 NAG ZA . 5.73 -18.61 -39.13
C3 NAG ZA . 7.14 -19.27 -39.34
C4 NAG ZA . 6.97 -20.83 -39.49
C5 NAG ZA . 6.01 -21.11 -40.70
C6 NAG ZA . 5.70 -22.61 -40.87
C7 NAG ZA . 5.41 -16.43 -38.00
C8 NAG ZA . 5.55 -14.93 -38.01
N2 NAG ZA . 5.85 -17.13 -39.04
O3 NAG ZA . 7.97 -18.99 -38.21
O4 NAG ZA . 8.24 -21.42 -39.70
O5 NAG ZA . 4.69 -20.42 -40.48
O6 NAG ZA . 6.83 -23.33 -41.35
O7 NAG ZA . 4.88 -16.98 -37.02
C1 NAG AB . 16.26 7.93 -45.16
C2 NAG AB . 17.03 6.57 -45.53
C3 NAG AB . 18.47 6.62 -44.92
C4 NAG AB . 19.24 7.86 -45.47
C5 NAG AB . 18.43 9.16 -45.12
C6 NAG AB . 19.05 10.44 -45.70
C7 NAG AB . 15.50 4.62 -45.65
C8 NAG AB . 14.83 3.47 -44.94
N2 NAG AB . 16.31 5.42 -44.94
O3 NAG AB . 19.18 5.43 -45.28
O4 NAG AB . 20.54 7.90 -44.87
O5 NAG AB . 17.06 9.05 -45.68
O6 NAG AB . 20.26 10.80 -45.04
O7 NAG AB . 15.29 4.80 -46.85
C1 NAG BB . 0.67 32.64 -31.58
C2 NAG BB . -0.14 32.24 -32.90
C3 NAG BB . -0.30 33.51 -33.80
C4 NAG BB . -1.01 34.65 -33.03
C5 NAG BB . -0.16 34.99 -31.74
C6 NAG BB . -0.80 36.06 -30.85
C7 NAG BB . 0.30 29.94 -33.78
C8 NAG BB . 1.15 29.03 -34.61
N2 NAG BB . 0.63 31.23 -33.67
O3 NAG BB . -1.06 33.16 -34.97
O4 NAG BB . -1.13 35.80 -33.88
O5 NAG BB . -0.01 33.76 -30.92
O6 NAG BB . -0.72 37.36 -31.43
O7 NAG BB . -0.71 29.49 -33.22
C1 NAG CB . -16.30 17.26 -28.99
C2 NAG CB . -17.82 17.40 -28.57
C3 NAG CB . -18.70 16.65 -29.62
C4 NAG CB . -18.46 17.27 -31.04
C5 NAG CB . -16.93 17.15 -31.39
C6 NAG CB . -16.56 17.79 -32.74
C7 NAG CB . -18.07 17.46 -26.08
C8 NAG CB . -18.18 16.74 -24.76
N2 NAG CB . -17.96 16.76 -27.22
O3 NAG CB . -20.09 16.81 -29.27
O4 NAG CB . -19.25 16.58 -32.01
O5 NAG CB . -16.12 17.83 -30.35
O6 NAG CB . -16.96 16.98 -33.85
O7 NAG CB . -18.07 18.70 -26.08
C1 NAG DB . -6.80 20.06 -48.69
C2 NAG DB . -7.29 21.44 -49.12
C3 NAG DB . -8.81 21.51 -49.00
C4 NAG DB . -9.43 20.39 -49.81
C5 NAG DB . -8.87 19.04 -49.34
C6 NAG DB . -9.37 17.88 -50.15
C7 NAG DB . -5.84 23.39 -48.81
C8 NAG DB . -5.28 24.38 -47.83
N2 NAG DB . -6.68 22.48 -48.32
O3 NAG DB . -9.26 22.77 -49.44
O4 NAG DB . -10.85 20.39 -49.63
O5 NAG DB . -7.43 19.05 -49.45
O6 NAG DB . -10.78 17.73 -50.02
O7 NAG DB . -5.55 23.44 -50.00
C1 NAG EB . -22.36 -33.14 -48.90
C2 NAG EB . -23.16 -33.53 -47.57
C3 NAG EB . -22.32 -34.60 -46.79
C4 NAG EB . -22.07 -35.85 -47.70
C5 NAG EB . -21.31 -35.39 -49.00
C6 NAG EB . -21.09 -36.53 -50.00
C7 NAG EB . -24.42 -31.54 -46.72
C8 NAG EB . -24.45 -30.31 -45.86
N2 NAG EB . -23.31 -32.31 -46.74
O3 NAG EB . -23.06 -35.01 -45.62
O4 NAG EB . -21.27 -36.80 -46.98
O5 NAG EB . -22.11 -34.35 -49.70
O6 NAG EB . -20.27 -36.11 -51.10
O7 NAG EB . -25.41 -31.81 -47.40
C1 NAG FB . -5.53 -28.31 -44.65
C2 NAG FB . -4.51 -29.46 -45.07
C3 NAG FB . -4.69 -29.75 -46.60
C4 NAG FB . -6.17 -30.19 -46.89
C5 NAG FB . -7.13 -29.02 -46.43
C6 NAG FB . -8.62 -29.36 -46.59
C7 NAG FB . -2.36 -29.40 -43.79
C8 NAG FB . -1.01 -28.81 -43.56
N2 NAG FB . -3.14 -28.94 -44.78
O3 NAG FB . -3.78 -30.80 -46.97
O4 NAG FB . -6.32 -30.43 -48.28
O5 NAG FB . -6.91 -28.73 -44.98
O6 NAG FB . -9.43 -28.19 -46.56
O7 NAG FB . -2.74 -30.33 -43.04
C1 NAG GB . -18.65 -1.98 -48.02
C2 NAG GB . -18.17 -0.54 -47.51
C3 NAG GB . -19.17 0.55 -48.02
C4 NAG GB . -19.22 0.51 -49.59
C5 NAG GB . -19.66 -0.93 -50.06
C6 NAG GB . -19.61 -1.08 -51.58
C7 NAG GB . -16.99 -0.82 -45.34
C8 NAG GB . -16.99 -0.83 -43.82
N2 NAG GB . -18.12 -0.55 -46.02
O3 NAG GB . -18.71 1.84 -47.58
O4 NAG GB . -20.15 1.49 -50.07
O5 NAG GB . -18.72 -1.94 -49.50
O6 NAG GB . -20.18 -2.31 -52.02
O7 NAG GB . -15.92 -1.09 -45.94
C1 NAG HB . -26.52 -37.29 -3.92
C2 NAG HB . -27.34 -36.78 -5.09
C3 NAG HB . -28.21 -37.92 -5.63
C4 NAG HB . -27.32 -39.10 -6.01
C5 NAG HB . -26.50 -39.53 -4.80
C6 NAG HB . -25.53 -40.63 -5.10
C7 NAG HB . -28.00 -34.43 -5.26
C8 NAG HB . -28.94 -33.37 -4.76
N2 NAG HB . -28.16 -35.64 -4.73
O3 NAG HB . -28.96 -37.46 -6.75
O4 NAG HB . -28.14 -40.19 -6.42
O5 NAG HB . -25.73 -38.41 -4.31
O6 NAG HB . -26.19 -41.80 -5.56
O7 NAG HB . -27.13 -34.20 -6.10
C1 NAG IB . -26.14 4.47 30.69
C2 NAG IB . -25.61 3.70 31.98
C3 NAG IB . -25.47 4.72 33.16
C4 NAG IB . -24.47 5.86 32.74
C5 NAG IB . -25.04 6.57 31.44
C6 NAG IB . -24.10 7.65 30.87
C7 NAG IB . -26.36 1.34 32.29
C8 NAG IB . -27.47 0.38 32.64
N2 NAG IB . -26.61 2.65 32.32
O3 NAG IB . -24.94 4.03 34.31
O4 NAG IB . -24.38 6.80 33.81
O5 NAG IB . -25.19 5.55 30.35
O6 NAG IB . -23.94 8.77 31.75
O7 NAG IB . -25.26 0.88 31.98
C1 NAG JB . -33.33 -12.22 23.83
C2 NAG JB . -33.95 -12.28 25.29
C3 NAG JB . -35.12 -13.31 25.29
C4 NAG JB . -36.20 -12.88 24.25
C5 NAG JB . -35.54 -12.78 22.82
C6 NAG JB . -36.50 -12.27 21.74
C7 NAG JB . -32.23 -11.83 27.06
C8 NAG JB . -31.13 -12.31 27.96
N2 NAG JB . -32.87 -12.70 26.25
O3 NAG JB . -35.72 -13.36 26.61
O4 NAG JB . -37.26 -13.85 24.22
O5 NAG JB . -34.38 -11.84 22.87
O6 NAG JB . -35.91 -12.30 20.44
O7 NAG JB . -32.52 -10.62 27.06
C1 NAG KB . -19.75 13.36 33.65
C2 NAG KB . -18.49 13.10 34.45
C3 NAG KB . -18.58 13.81 35.80
C4 NAG KB . -18.86 15.29 35.60
C5 NAG KB . -20.11 15.47 34.76
C6 NAG KB . -20.38 16.92 34.41
C7 NAG KB . -17.02 11.16 34.63
C8 NAG KB . -16.79 10.03 33.68
N2 NAG KB . -18.25 11.69 34.63
O3 NAG KB . -17.37 13.60 36.52
O4 NAG KB . -19.07 15.90 36.87
O5 NAG KB . -19.99 14.76 33.50
O6 NAG KB . -21.78 17.21 34.47
O7 NAG KB . -16.14 11.58 35.36
C1 NAG LB . -47.99 20.20 21.29
C2 NAG LB . -49.34 19.86 22.05
C3 NAG LB . -49.68 21.05 23.02
C4 NAG LB . -48.50 21.26 24.03
C5 NAG LB . -47.18 21.53 23.23
C6 NAG LB . -45.94 21.66 24.12
C7 NAG LB . -50.95 18.47 20.74
C8 NAG LB . -52.04 18.38 19.71
N2 NAG LB . -50.43 19.68 21.05
O3 NAG LB . -50.90 20.75 23.73
O4 NAG LB . -48.81 22.37 24.88
O5 NAG LB . -46.92 20.40 22.28
O6 NAG LB . -45.91 22.92 24.79
O7 NAG LB . -50.54 17.44 21.27
C1 NAG MB . -39.89 4.99 6.34
C2 NAG MB . -39.11 3.80 5.63
C3 NAG MB . -40.15 2.86 4.93
C4 NAG MB . -41.15 2.31 6.00
C5 NAG MB . -41.86 3.51 6.72
C6 NAG MB . -42.77 3.06 7.87
C7 NAG MB . -36.83 4.33 4.78
C8 NAG MB . -35.94 4.94 3.74
N2 NAG MB . -38.16 4.36 4.63
O3 NAG MB . -39.46 1.76 4.30
O4 NAG MB . -42.12 1.47 5.37
O5 NAG MB . -40.84 4.42 7.31
O6 NAG MB . -43.48 4.14 8.46
O7 NAG MB . -36.31 3.79 5.78
C1 NAG NB . -37.95 21.80 -17.68
C2 NAG NB . -38.94 20.55 -17.54
C3 NAG NB . -38.84 19.67 -18.83
C4 NAG NB . -39.19 20.53 -20.09
C5 NAG NB . -38.22 21.76 -20.15
C6 NAG NB . -38.56 22.74 -21.28
C7 NAG NB . -39.27 19.68 -15.24
C8 NAG NB . -38.79 18.81 -14.11
N2 NAG NB . -38.55 19.74 -16.36
O3 NAG NB . -39.74 18.56 -18.73
O4 NAG NB . -39.06 19.72 -21.26
O5 NAG NB . -38.31 22.55 -18.90
O6 NAG NB . -38.25 22.22 -22.57
O7 NAG NB . -40.32 20.31 -15.09
C1 NAG OB . -27.66 36.51 -17.67
C2 NAG OB . -29.21 36.29 -17.96
C3 NAG OB . -29.35 35.78 -19.44
C4 NAG OB . -28.75 36.83 -20.43
C5 NAG OB . -27.24 37.05 -20.07
C6 NAG OB . -26.57 38.12 -20.92
C7 NAG OB . -30.35 35.61 -15.86
C8 NAG OB . -30.90 34.53 -14.97
N2 NAG OB . -29.78 35.29 -17.03
O3 NAG OB . -30.73 35.54 -19.74
O4 NAG OB . -28.91 36.35 -21.76
O5 NAG OB . -27.12 37.49 -18.65
O6 NAG OB . -26.39 37.71 -22.28
O7 NAG OB . -30.46 36.79 -15.48
C1 NAG PB . -12.76 41.55 -19.85
C2 NAG PB . -13.73 42.24 -18.78
C3 NAG PB . -14.00 43.73 -19.22
C4 NAG PB . -12.65 44.50 -19.37
C5 NAG PB . -11.75 43.77 -20.43
C6 NAG PB . -10.35 44.38 -20.58
C7 NAG PB . -15.49 40.75 -17.80
C8 NAG PB . -16.83 40.07 -17.94
N2 NAG PB . -15.03 41.51 -18.80
O3 NAG PB . -14.82 44.39 -18.23
O4 NAG PB . -12.92 45.85 -19.77
O5 NAG PB . -11.54 42.36 -19.99
O6 NAG PB . -10.39 45.64 -21.23
O7 NAG PB . -14.84 40.59 -16.76
C1 NAG QB . -28.65 43.91 -5.52
C2 NAG QB . -29.61 43.74 -4.36
C3 NAG QB . -29.07 44.46 -3.14
C4 NAG QB . -27.67 43.96 -2.82
C5 NAG QB . -26.78 44.13 -4.03
C6 NAG QB . -25.39 43.58 -3.83
C7 NAG QB . -31.97 43.45 -4.97
C8 NAG QB . -33.24 44.15 -5.36
N2 NAG QB . -30.93 44.24 -4.71
O3 NAG QB . -29.96 44.27 -2.04
O4 NAG QB . -27.14 44.71 -1.73
O5 NAG QB . -27.35 43.45 -5.17
O6 NAG QB . -24.70 44.26 -2.79
O7 NAG QB . -31.90 42.23 -4.89
C1 NAG RB . -41.35 9.17 38.00
C2 NAG RB . -41.89 8.72 39.43
C3 NAG RB . -41.77 7.17 39.55
C4 NAG RB . -42.59 6.49 38.39
C5 NAG RB . -42.05 7.00 37.01
C6 NAG RB . -42.84 6.45 35.82
C7 NAG RB . -41.56 10.08 41.50
C8 NAG RB . -40.62 10.72 42.50
N2 NAG RB . -41.05 9.38 40.48
O3 NAG RB . -42.31 6.75 40.83
O4 NAG RB . -42.43 5.07 38.49
O5 NAG RB . -42.13 8.49 36.96
O6 NAG RB . -44.22 6.81 35.85
O7 NAG RB . -42.78 10.23 41.66
C1 NAG SB . -43.00 3.98 20.58
C2 NAG SB . -44.18 2.97 20.23
C3 NAG SB . -45.53 3.60 20.72
C4 NAG SB . -45.46 3.86 22.27
C5 NAG SB . -44.24 4.81 22.57
C6 NAG SB . -44.00 5.05 24.06
C7 NAG SB . -43.74 1.69 18.14
C8 NAG SB . -43.77 1.58 16.64
N2 NAG SB . -44.21 2.79 18.74
O3 NAG SB . -46.61 2.69 20.43
O4 NAG SB . -46.67 4.45 22.70
O5 NAG SB . -42.99 4.21 22.03
O6 NAG SB . -45.01 5.85 24.67
O7 NAG SB . -43.27 0.73 18.78
C1 NAG TB . -13.20 -26.51 46.43
C2 NAG TB . -13.81 -27.80 47.14
C3 NAG TB . -15.18 -27.41 47.79
C4 NAG TB . -14.97 -26.26 48.83
C5 NAG TB . -14.32 -25.02 48.10
C6 NAG TB . -13.98 -23.88 49.07
C7 NAG TB . -13.16 -29.88 45.93
C8 NAG TB . -13.43 -30.94 44.90
N2 NAG TB . -14.03 -28.88 46.14
O3 NAG TB . -15.74 -28.56 48.47
O4 NAG TB . -16.23 -25.89 49.38
O5 NAG TB . -13.04 -25.45 47.45
O6 NAG TB . -13.49 -22.73 48.39
O7 NAG TB . -12.11 -29.96 46.58
C1 NAG UB . -2.68 -8.81 35.92
C2 NAG UB . -2.95 -8.75 37.50
C3 NAG UB . -4.05 -7.68 37.79
C4 NAG UB . -3.58 -6.28 37.25
C5 NAG UB . -3.29 -6.39 35.70
C6 NAG UB . -2.74 -5.10 35.11
C7 NAG UB . -2.65 -10.94 38.67
C8 NAG UB . -3.19 -12.28 39.06
N2 NAG UB . -3.43 -10.10 37.95
O3 NAG UB . -4.28 -7.59 39.21
O4 NAG UB . -4.60 -5.32 37.48
O5 NAG UB . -2.27 -7.47 35.46
O6 NAG UB . -2.66 -5.16 33.69
O7 NAG UB . -1.50 -10.64 39.01
#